data_2I3Z
#
_entry.id   2I3Z
#
_cell.length_a   207.293
_cell.length_b   207.293
_cell.length_c   207.293
_cell.angle_alpha   90.00
_cell.angle_beta   90.00
_cell.angle_gamma   90.00
#
_symmetry.space_group_name_H-M   'P 21 3'
#
loop_
_entity.id
_entity.type
_entity.pdbx_description
1 polymer 'Dipeptidyl peptidase 4 (Dipeptidyl peptidase IV) (DPP IV)'
2 non-polymer 2-[(3S)-3-AMINOPIPERIDIN-1-YL]-1-(2-CYANOBENZYL)-5-METHYL-4,6-DIOXO-3,4,5,6-TETRAHYDROPYRROLO[3,4-D]IMIDAZOL-1-IUM
#
_entity_poly.entity_id   1
_entity_poly.type   'polypeptide(L)'
_entity_poly.pdbx_seq_one_letter_code
;RRTYTLADYLKNTFRVKSYSLRWVSDSEYLYKQENNILLFNAEHGNSSIFLENSTFEIFGDSISDYSVSPDRLFVLLEYN
YVKQWRHSYTASYSIYDLNKRQLITEEKIPNNTQWITWSQEGHKLAYVWKNDIYVKIEPHLPSHRITSTGKENVIFNGIN
DWVYEEEIFGAYSALWWSPNGTFLAYAQFNDTGVPLIEYSFYSDESLQYPKTVWIPYPKAGAVNPTVKFFIVNTDSLSST
TTTIPMQITAPASVTTGDHYLCDVAWVSEDRISLQWLRRIQNYSVMAICDYDKTTLVWNCPTTQEHIETSATGWCGRFRP
AEPHFTSDGSSFYKIVSDKDGYKHICQFQKDRKPEQVCTFITKGAWEVISIEALTSDYLYYISNEYKEMPGGRNLYKIQL
TDHTNKKCLSCDLNPERCQYYSVSLSKEAKYYQLGCRGPGLPLYTLHRSTDQKELRVLEDNSALDKMLQDVQMPSKKLDF
IVLNETRFWYQMILPPHFDKSKKYPLLIDVYAGPCSQKADAAFRLNWATYLASTENIIVASFDGRGSGYQGDKIMHAINK
RLGTLEVEDQIEAARQFLKMGFVDSKRVAIWGWSYGGYVTSMVLGSGSGVFKCGIAVAPVSRWEYYDSVYTERYMGLPTP
EDNLDHYRNSTVMSRAENFKQVEYLLIHGTADDNVHFQQSAQISKALVDAGVDFQAMWYTDEDHGIASSTAHQHIYSHMS
HFLQQCFSLR
;
_entity_poly.pdbx_strand_id   A,B
#
loop_
_chem_comp.id
_chem_comp.type
_chem_comp.name
_chem_comp.formula
LIR non-polymer 2-[(3S)-3-AMINOPIPERIDIN-1-YL]-1-(2-CYANOBENZYL)-5-METHYL-4,6-DIOXO-3,4,5,6-TETRAHYDROPYRROLO[3,4-D]IMIDAZOL-1-IUM 'C19 H21 N6 O2 1'
#
# COMPACT_ATOMS: atom_id res chain seq x y z
N ARG A 1 -17.28 27.16 -31.49
CA ARG A 1 -17.20 28.00 -30.26
C ARG A 1 -17.08 27.09 -29.01
N ARG A 2 -16.87 25.79 -29.25
CA ARG A 2 -16.70 24.79 -28.18
C ARG A 2 -15.20 24.65 -27.90
N THR A 3 -14.85 24.31 -26.66
CA THR A 3 -13.44 24.12 -26.29
C THR A 3 -13.17 22.61 -26.27
N TYR A 4 -11.93 22.21 -26.01
CA TYR A 4 -11.56 20.79 -25.94
C TYR A 4 -11.67 20.36 -24.48
N THR A 5 -12.78 19.69 -24.17
CA THR A 5 -13.14 19.21 -22.83
C THR A 5 -12.23 18.09 -22.26
N LEU A 6 -12.13 17.99 -20.93
CA LEU A 6 -11.33 16.91 -20.33
C LEU A 6 -11.99 15.62 -20.80
N ALA A 7 -13.31 15.69 -20.96
CA ALA A 7 -14.12 14.57 -21.43
C ALA A 7 -13.77 14.16 -22.86
N ASP A 8 -13.45 15.14 -23.70
CA ASP A 8 -13.05 14.85 -25.07
C ASP A 8 -11.85 13.93 -25.00
N TYR A 9 -10.91 14.35 -24.16
CA TYR A 9 -9.68 13.63 -23.93
C TYR A 9 -9.98 12.23 -23.39
N LEU A 10 -10.49 12.18 -22.18
CA LEU A 10 -10.81 10.91 -21.54
C LEU A 10 -11.68 9.95 -22.37
N LYS A 11 -12.65 10.46 -23.12
CA LYS A 11 -13.51 9.59 -23.93
C LYS A 11 -13.00 9.40 -25.37
N ASN A 12 -11.83 9.96 -25.68
CA ASN A 12 -11.25 9.86 -27.02
C ASN A 12 -12.31 10.22 -28.07
N THR A 13 -12.84 11.43 -27.95
CA THR A 13 -13.89 11.94 -28.85
C THR A 13 -13.36 12.20 -30.25
N PHE A 14 -12.20 12.83 -30.31
CA PHE A 14 -11.56 13.14 -31.57
C PHE A 14 -10.41 12.18 -31.80
N ARG A 15 -10.73 11.11 -32.53
CA ARG A 15 -9.80 10.03 -32.87
C ARG A 15 -8.82 10.42 -34.01
N VAL A 16 -7.53 10.16 -33.79
CA VAL A 16 -6.48 10.46 -34.78
C VAL A 16 -6.07 9.20 -35.54
N LYS A 17 -6.29 9.18 -36.85
CA LYS A 17 -5.96 8.00 -37.63
C LYS A 17 -4.51 7.88 -38.07
N SER A 18 -4.18 6.69 -38.55
CA SER A 18 -2.84 6.39 -39.04
C SER A 18 -2.94 5.32 -40.10
N TYR A 19 -1.80 4.83 -40.55
CA TYR A 19 -1.81 3.80 -41.57
C TYR A 19 -0.69 2.84 -41.25
N SER A 20 -0.98 1.90 -40.36
CA SER A 20 0.00 0.92 -39.98
C SER A 20 -0.11 -0.28 -40.90
N LEU A 21 0.84 -0.35 -41.83
CA LEU A 21 0.87 -1.42 -42.80
C LEU A 21 1.95 -2.43 -42.43
N ARG A 22 1.99 -3.52 -43.18
CA ARG A 22 2.97 -4.55 -42.92
C ARG A 22 3.53 -5.03 -44.26
N TRP A 23 4.75 -4.64 -44.57
CA TRP A 23 5.35 -5.05 -45.83
C TRP A 23 5.55 -6.55 -45.91
N VAL A 24 4.88 -7.19 -46.85
CA VAL A 24 4.98 -8.62 -46.99
C VAL A 24 6.04 -8.95 -48.03
N SER A 25 6.41 -7.96 -48.82
CA SER A 25 7.44 -8.14 -49.85
C SER A 25 8.04 -6.80 -50.24
N ASP A 26 8.71 -6.75 -51.37
CA ASP A 26 9.30 -5.51 -51.79
C ASP A 26 8.29 -4.69 -52.57
N SER A 27 7.05 -5.18 -52.65
CA SER A 27 6.04 -4.47 -53.42
C SER A 27 4.58 -4.62 -52.96
N GLU A 28 4.33 -5.47 -51.98
CA GLU A 28 2.98 -5.63 -51.48
C GLU A 28 2.99 -5.48 -49.97
N TYR A 29 1.88 -5.03 -49.42
CA TYR A 29 1.80 -4.88 -47.99
C TYR A 29 0.42 -5.26 -47.49
N LEU A 30 0.34 -5.60 -46.21
CA LEU A 30 -0.92 -5.96 -45.61
C LEU A 30 -1.46 -4.78 -44.84
N TYR A 31 -2.77 -4.68 -44.75
CA TYR A 31 -3.41 -3.60 -44.03
C TYR A 31 -4.76 -4.08 -43.52
N LYS A 32 -5.04 -3.76 -42.25
CA LYS A 32 -6.28 -4.15 -41.59
C LYS A 32 -7.35 -3.10 -41.89
N GLN A 33 -8.44 -3.52 -42.53
CA GLN A 33 -9.53 -2.62 -42.85
C GLN A 33 -10.87 -3.21 -42.43
N GLU A 34 -11.53 -2.55 -41.48
CA GLU A 34 -12.81 -3.02 -40.96
C GLU A 34 -12.64 -4.52 -40.64
N ASN A 35 -11.61 -4.82 -39.86
CA ASN A 35 -11.32 -6.19 -39.45
C ASN A 35 -11.16 -7.19 -40.58
N ASN A 36 -10.51 -6.73 -41.65
CA ASN A 36 -10.24 -7.54 -42.81
C ASN A 36 -8.79 -7.28 -43.19
N ILE A 37 -8.02 -8.34 -43.32
CA ILE A 37 -6.64 -8.16 -43.68
C ILE A 37 -6.59 -8.08 -45.21
N LEU A 38 -6.22 -6.90 -45.71
CA LEU A 38 -6.15 -6.66 -47.14
C LEU A 38 -4.72 -6.56 -47.62
N LEU A 39 -4.47 -7.17 -48.77
CA LEU A 39 -3.16 -7.14 -49.40
C LEU A 39 -3.23 -6.03 -50.46
N PHE A 40 -2.32 -5.07 -50.35
CA PHE A 40 -2.25 -3.97 -51.30
C PHE A 40 -0.99 -4.03 -52.14
N ASN A 41 -1.10 -3.54 -53.38
CA ASN A 41 0.02 -3.48 -54.29
C ASN A 41 0.51 -2.05 -54.19
N ALA A 42 1.74 -1.86 -53.71
CA ALA A 42 2.29 -0.51 -53.66
C ALA A 42 2.58 -0.28 -55.14
N GLU A 43 2.12 0.86 -55.66
CA GLU A 43 2.29 1.22 -57.07
C GLU A 43 0.90 1.59 -57.50
N HIS A 44 0.07 0.59 -57.75
CA HIS A 44 -1.33 0.85 -58.14
C HIS A 44 -2.16 0.46 -56.92
N GLY A 45 -3.11 1.31 -56.52
CA GLY A 45 -3.94 0.96 -55.37
C GLY A 45 -4.45 -0.48 -55.31
N ASN A 46 -4.26 -1.24 -56.39
CA ASN A 46 -4.62 -2.67 -56.56
C ASN A 46 -4.70 -3.32 -55.16
N SER A 47 -5.92 -3.60 -54.67
CA SER A 47 -6.06 -4.22 -53.35
C SER A 47 -6.62 -5.64 -53.44
N SER A 48 -6.71 -6.34 -52.32
CA SER A 48 -7.23 -7.71 -52.33
C SER A 48 -7.38 -8.33 -50.93
N ILE A 49 -8.49 -9.03 -50.69
CA ILE A 49 -8.72 -9.64 -49.39
C ILE A 49 -7.74 -10.76 -49.05
N PHE A 50 -7.06 -10.64 -47.90
CA PHE A 50 -6.12 -11.67 -47.47
C PHE A 50 -6.78 -12.57 -46.43
N LEU A 51 -7.33 -11.95 -45.39
CA LEU A 51 -8.06 -12.66 -44.33
C LEU A 51 -9.36 -11.93 -44.12
N GLU A 52 -10.45 -12.69 -43.92
CA GLU A 52 -11.75 -12.07 -43.78
C GLU A 52 -12.25 -11.53 -42.46
N ASN A 53 -13.24 -10.63 -42.57
CA ASN A 53 -13.93 -10.01 -41.43
C ASN A 53 -14.14 -11.27 -40.57
N SER A 54 -14.39 -12.35 -41.31
CA SER A 54 -14.61 -13.71 -40.80
C SER A 54 -13.33 -14.19 -40.08
N THR A 55 -13.12 -15.51 -40.02
CA THR A 55 -11.92 -16.07 -39.37
C THR A 55 -11.78 -15.56 -37.92
N PHE A 56 -11.40 -14.29 -37.78
CA PHE A 56 -11.25 -13.68 -36.46
C PHE A 56 -12.45 -13.93 -35.51
N GLU A 57 -13.69 -13.96 -36.02
CA GLU A 57 -14.81 -14.18 -35.10
C GLU A 57 -14.92 -15.62 -34.55
N ILE A 58 -14.21 -16.56 -35.17
CA ILE A 58 -14.22 -17.96 -34.70
C ILE A 58 -13.76 -17.97 -33.24
N PHE A 59 -12.66 -17.24 -32.98
CA PHE A 59 -12.11 -17.10 -31.64
C PHE A 59 -12.84 -15.87 -31.02
N GLY A 60 -14.09 -15.74 -31.43
CA GLY A 60 -14.96 -14.67 -30.97
C GLY A 60 -14.45 -13.25 -31.15
N ASP A 61 -14.34 -12.58 -30.00
CA ASP A 61 -13.92 -11.18 -29.91
C ASP A 61 -12.62 -11.06 -29.10
N SER A 62 -12.04 -12.21 -28.75
CA SER A 62 -10.82 -12.18 -27.96
C SER A 62 -9.57 -12.26 -28.83
N ILE A 63 -9.75 -12.14 -30.16
CA ILE A 63 -8.62 -12.19 -31.08
C ILE A 63 -7.75 -10.95 -30.89
N SER A 64 -6.78 -11.07 -30.01
CA SER A 64 -5.87 -10.01 -29.68
C SER A 64 -5.01 -9.50 -30.85
N ASP A 65 -4.49 -10.39 -31.68
CA ASP A 65 -3.60 -9.97 -32.76
C ASP A 65 -3.40 -11.08 -33.80
N TYR A 66 -2.61 -10.82 -34.83
CA TYR A 66 -2.38 -11.82 -35.86
C TYR A 66 -0.98 -11.68 -36.45
N SER A 67 -0.39 -12.79 -36.87
CA SER A 67 0.94 -12.77 -37.45
C SER A 67 0.96 -13.67 -38.67
N VAL A 68 1.23 -13.09 -39.83
CA VAL A 68 1.28 -13.86 -41.06
C VAL A 68 2.70 -14.38 -41.24
N SER A 69 2.82 -15.65 -41.60
CA SER A 69 4.12 -16.24 -41.82
C SER A 69 4.78 -15.55 -43.00
N PRO A 70 6.11 -15.45 -42.97
CA PRO A 70 6.74 -14.78 -44.11
C PRO A 70 6.38 -15.34 -45.48
N ASP A 71 6.25 -16.66 -45.62
CA ASP A 71 5.90 -17.25 -46.91
C ASP A 71 4.40 -17.12 -47.20
N ARG A 72 3.72 -16.33 -46.37
CA ARG A 72 2.28 -16.06 -46.48
C ARG A 72 1.41 -17.30 -46.59
N LEU A 73 1.85 -18.40 -46.01
CA LEU A 73 1.06 -19.60 -46.09
C LEU A 73 0.18 -19.82 -44.86
N PHE A 74 0.60 -19.29 -43.72
CA PHE A 74 -0.16 -19.44 -42.48
C PHE A 74 -0.36 -18.15 -41.71
N VAL A 75 -1.28 -18.18 -40.77
CA VAL A 75 -1.55 -17.01 -39.96
C VAL A 75 -1.69 -17.38 -38.50
N LEU A 76 -0.89 -16.72 -37.67
CA LEU A 76 -0.95 -16.93 -36.24
C LEU A 76 -2.09 -16.08 -35.72
N LEU A 77 -2.98 -16.68 -34.95
CA LEU A 77 -4.09 -15.94 -34.41
C LEU A 77 -3.94 -15.92 -32.90
N GLU A 78 -3.72 -14.73 -32.39
CA GLU A 78 -3.51 -14.50 -30.97
C GLU A 78 -4.81 -14.16 -30.25
N TYR A 79 -5.00 -14.76 -29.08
CA TYR A 79 -6.21 -14.52 -28.27
C TYR A 79 -5.94 -14.91 -26.82
N ASN A 80 -6.76 -14.41 -25.91
CA ASN A 80 -6.60 -14.67 -24.48
C ASN A 80 -5.36 -13.96 -23.97
N TYR A 81 -5.14 -12.76 -24.50
CA TYR A 81 -4.00 -11.95 -24.12
C TYR A 81 -4.09 -11.53 -22.66
N VAL A 82 -3.05 -11.86 -21.89
CA VAL A 82 -2.98 -11.47 -20.49
C VAL A 82 -1.65 -10.74 -20.31
N LYS A 83 -1.72 -9.43 -20.06
CA LYS A 83 -0.53 -8.61 -19.87
C LYS A 83 0.26 -9.03 -18.61
N GLN A 84 1.50 -8.54 -18.53
CA GLN A 84 2.43 -8.80 -17.45
C GLN A 84 3.68 -7.96 -17.77
N TRP A 85 3.89 -6.84 -17.08
CA TRP A 85 5.04 -5.95 -17.34
C TRP A 85 4.83 -5.21 -18.68
N ARG A 86 5.77 -4.33 -19.02
CA ARG A 86 5.67 -3.51 -20.23
C ARG A 86 5.41 -4.24 -21.55
N HIS A 87 6.12 -5.32 -21.80
CA HIS A 87 5.96 -6.03 -23.07
C HIS A 87 5.53 -7.48 -22.94
N SER A 88 5.84 -8.08 -21.79
CA SER A 88 5.49 -9.47 -21.53
C SER A 88 3.99 -9.66 -21.46
N TYR A 89 3.57 -10.87 -21.76
CA TYR A 89 2.16 -11.25 -21.72
C TYR A 89 2.10 -12.69 -22.20
N THR A 90 1.02 -13.40 -21.87
CA THR A 90 0.84 -14.77 -22.31
C THR A 90 -0.44 -14.78 -23.11
N ALA A 91 -0.52 -15.64 -24.12
CA ALA A 91 -1.72 -15.72 -24.94
C ALA A 91 -1.93 -17.14 -25.42
N SER A 92 -3.04 -17.36 -26.11
CA SER A 92 -3.34 -18.65 -26.68
C SER A 92 -3.20 -18.45 -28.17
N TYR A 93 -2.87 -19.51 -28.91
CA TYR A 93 -2.67 -19.34 -30.33
C TYR A 93 -3.33 -20.42 -31.17
N SER A 94 -3.59 -20.06 -32.43
CA SER A 94 -4.19 -20.96 -33.42
C SER A 94 -3.48 -20.69 -34.72
N ILE A 95 -3.24 -21.74 -35.50
CA ILE A 95 -2.60 -21.56 -36.78
C ILE A 95 -3.63 -21.81 -37.87
N TYR A 96 -3.94 -20.76 -38.64
CA TYR A 96 -4.89 -20.90 -39.73
C TYR A 96 -4.12 -21.14 -41.01
N ASP A 97 -4.46 -22.25 -41.68
CA ASP A 97 -3.82 -22.62 -42.93
C ASP A 97 -4.57 -21.89 -44.04
N LEU A 98 -3.92 -20.91 -44.65
CA LEU A 98 -4.59 -20.13 -45.69
C LEU A 98 -4.99 -21.01 -46.85
N ASN A 99 -4.04 -21.79 -47.31
CA ASN A 99 -4.23 -22.68 -48.45
C ASN A 99 -5.35 -23.72 -48.27
N LYS A 100 -5.25 -24.53 -47.22
CA LYS A 100 -6.25 -25.56 -46.91
C LYS A 100 -7.53 -24.87 -46.38
N ARG A 101 -7.44 -23.56 -46.18
CA ARG A 101 -8.54 -22.74 -45.70
C ARG A 101 -9.17 -23.17 -44.38
N GLN A 102 -8.37 -23.42 -43.36
CA GLN A 102 -8.93 -23.80 -42.07
C GLN A 102 -7.89 -23.88 -40.95
N LEU A 103 -8.36 -23.79 -39.71
CA LEU A 103 -7.49 -23.82 -38.56
C LEU A 103 -6.84 -25.16 -38.35
N ILE A 104 -5.51 -25.18 -38.29
CA ILE A 104 -4.79 -26.42 -38.05
C ILE A 104 -5.19 -26.81 -36.64
N THR A 105 -5.48 -28.08 -36.45
CA THR A 105 -5.95 -28.54 -35.17
C THR A 105 -5.11 -29.63 -34.50
N GLU A 106 -4.17 -30.20 -35.27
CA GLU A 106 -3.30 -31.27 -34.78
C GLU A 106 -2.37 -30.87 -33.61
N GLU A 107 -1.10 -30.75 -33.90
CA GLU A 107 -0.12 -30.40 -32.89
C GLU A 107 -0.33 -28.94 -32.50
N LYS A 108 -1.36 -28.65 -31.71
CA LYS A 108 -1.64 -27.26 -31.32
C LYS A 108 -0.53 -26.66 -30.48
N ILE A 109 -0.58 -25.35 -30.30
CA ILE A 109 0.44 -24.68 -29.50
C ILE A 109 -0.13 -24.35 -28.11
N PRO A 110 0.58 -24.77 -27.04
CA PRO A 110 0.23 -24.58 -25.64
C PRO A 110 -0.62 -23.36 -25.34
N ASN A 111 -1.61 -23.55 -24.46
CA ASN A 111 -2.52 -22.48 -24.12
C ASN A 111 -2.02 -21.39 -23.20
N ASN A 112 -0.73 -21.38 -22.90
CA ASN A 112 -0.24 -20.30 -22.07
C ASN A 112 1.11 -19.78 -22.51
N THR A 113 1.27 -19.76 -23.83
CA THR A 113 2.51 -19.34 -24.44
C THR A 113 2.98 -17.94 -24.06
N GLN A 114 4.28 -17.86 -23.72
CA GLN A 114 4.93 -16.63 -23.31
C GLN A 114 5.47 -15.83 -24.46
N TRP A 115 5.70 -16.50 -25.58
CA TRP A 115 6.21 -15.82 -26.75
C TRP A 115 6.29 -16.77 -27.92
N ILE A 116 5.95 -16.27 -29.12
CA ILE A 116 6.01 -17.09 -30.31
C ILE A 116 6.52 -16.25 -31.48
N THR A 117 7.00 -16.89 -32.54
CA THR A 117 7.48 -16.17 -33.69
C THR A 117 7.85 -17.04 -34.87
N TRP A 118 7.53 -16.56 -36.07
CA TRP A 118 7.87 -17.29 -37.29
C TRP A 118 9.36 -17.14 -37.52
N SER A 119 9.87 -17.93 -38.45
CA SER A 119 11.27 -17.84 -38.82
C SER A 119 11.31 -16.57 -39.65
N GLN A 120 12.38 -16.33 -40.38
CA GLN A 120 12.42 -15.16 -41.26
C GLN A 120 12.06 -15.65 -42.67
N GLU A 121 12.05 -16.98 -42.84
CA GLU A 121 11.81 -17.63 -44.13
C GLU A 121 10.44 -18.24 -44.36
N GLY A 122 10.36 -19.54 -44.14
CA GLY A 122 9.12 -20.24 -44.40
C GLY A 122 8.07 -20.13 -43.35
N HIS A 123 7.79 -21.25 -42.70
CA HIS A 123 6.77 -21.34 -41.68
C HIS A 123 7.29 -22.06 -40.44
N LYS A 124 8.52 -21.74 -40.05
CA LYS A 124 9.07 -22.34 -38.86
C LYS A 124 8.60 -21.51 -37.69
N LEU A 125 8.40 -22.15 -36.56
CA LEU A 125 7.94 -21.47 -35.36
C LEU A 125 8.85 -21.75 -34.15
N ALA A 126 8.98 -20.77 -33.28
CA ALA A 126 9.76 -20.95 -32.08
C ALA A 126 8.92 -20.27 -31.03
N TYR A 127 8.69 -20.92 -29.91
CA TYR A 127 7.88 -20.32 -28.88
C TYR A 127 8.38 -20.69 -27.50
N VAL A 128 8.07 -19.86 -26.50
CA VAL A 128 8.49 -20.13 -25.14
C VAL A 128 7.24 -20.41 -24.35
N TRP A 129 7.30 -21.43 -23.51
CA TRP A 129 6.17 -21.85 -22.69
C TRP A 129 6.77 -22.42 -21.44
N LYS A 130 6.33 -21.96 -20.28
CA LYS A 130 6.89 -22.43 -19.02
C LYS A 130 8.40 -22.17 -19.01
N ASN A 131 8.81 -21.04 -19.58
CA ASN A 131 10.21 -20.66 -19.61
C ASN A 131 11.13 -21.54 -20.44
N ASP A 132 10.55 -22.43 -21.25
CA ASP A 132 11.34 -23.29 -22.11
C ASP A 132 11.05 -23.07 -23.61
N ILE A 133 12.06 -23.23 -24.45
CA ILE A 133 11.91 -23.00 -25.88
C ILE A 133 11.52 -24.27 -26.64
N TYR A 134 10.60 -24.10 -27.57
CA TYR A 134 10.11 -25.21 -28.39
C TYR A 134 10.13 -24.80 -29.85
N VAL A 135 10.23 -25.77 -30.74
CA VAL A 135 10.24 -25.53 -32.16
C VAL A 135 9.35 -26.47 -32.95
N LYS A 136 8.67 -25.91 -33.95
CA LYS A 136 7.81 -26.64 -34.85
C LYS A 136 8.32 -26.32 -36.25
N ILE A 137 8.88 -27.31 -36.94
CA ILE A 137 9.43 -27.08 -38.27
C ILE A 137 8.36 -26.63 -39.28
N GLU A 138 7.12 -26.99 -38.99
CA GLU A 138 5.98 -26.65 -39.83
C GLU A 138 4.76 -26.73 -38.90
N PRO A 139 3.72 -25.89 -39.13
CA PRO A 139 2.50 -25.84 -38.32
C PRO A 139 1.76 -27.15 -38.00
N HIS A 140 1.79 -28.11 -38.91
CA HIS A 140 1.09 -29.37 -38.67
C HIS A 140 1.92 -30.33 -37.82
N LEU A 141 3.24 -30.21 -37.95
CA LEU A 141 4.19 -31.07 -37.23
C LEU A 141 4.28 -30.78 -35.74
N PRO A 142 4.71 -31.75 -34.95
CA PRO A 142 4.84 -31.60 -33.50
C PRO A 142 6.02 -30.75 -33.03
N SER A 143 5.92 -30.35 -31.77
CA SER A 143 6.93 -29.54 -31.11
C SER A 143 8.17 -30.33 -30.73
N HIS A 144 9.31 -29.66 -30.82
CA HIS A 144 10.57 -30.25 -30.43
C HIS A 144 11.06 -29.36 -29.30
N ARG A 145 11.11 -29.89 -28.09
CA ARG A 145 11.56 -29.10 -26.94
C ARG A 145 13.07 -28.85 -27.03
N ILE A 146 13.47 -27.58 -26.97
CA ILE A 146 14.87 -27.18 -27.08
C ILE A 146 15.62 -27.03 -25.76
N THR A 147 14.90 -26.65 -24.71
CA THR A 147 15.50 -26.46 -23.40
C THR A 147 14.61 -27.07 -22.34
N SER A 148 15.17 -27.43 -21.20
CA SER A 148 14.35 -27.98 -20.14
C SER A 148 14.74 -27.47 -18.76
N THR A 149 15.63 -26.49 -18.71
CA THR A 149 16.08 -25.90 -17.47
C THR A 149 15.11 -24.82 -16.97
N GLY A 150 14.16 -24.48 -17.83
CA GLY A 150 13.16 -23.47 -17.54
C GLY A 150 12.49 -23.58 -16.20
N LYS A 151 12.38 -22.45 -15.50
CA LYS A 151 11.76 -22.40 -14.19
C LYS A 151 11.37 -20.99 -13.82
N GLU A 152 10.13 -20.83 -13.39
CA GLU A 152 9.62 -19.51 -13.02
C GLU A 152 10.44 -18.70 -12.02
N ASN A 153 10.72 -17.45 -12.42
CA ASN A 153 11.49 -16.48 -11.64
C ASN A 153 12.91 -16.92 -11.37
N VAL A 154 13.37 -17.95 -12.05
CA VAL A 154 14.71 -18.43 -11.84
C VAL A 154 15.47 -18.56 -13.12
N ILE A 155 15.01 -19.44 -14.00
CA ILE A 155 15.69 -19.63 -15.27
C ILE A 155 14.84 -19.24 -16.45
N PHE A 156 15.32 -18.25 -17.22
CA PHE A 156 14.57 -17.81 -18.38
C PHE A 156 15.25 -18.25 -19.67
N ASN A 157 14.51 -18.97 -20.50
CA ASN A 157 15.04 -19.46 -21.76
C ASN A 157 14.34 -18.84 -22.93
N GLY A 158 15.04 -17.97 -23.65
CA GLY A 158 14.43 -17.36 -24.81
C GLY A 158 13.49 -16.21 -24.56
N ILE A 159 13.41 -15.79 -23.30
CA ILE A 159 12.59 -14.66 -22.90
C ILE A 159 13.41 -13.92 -21.88
N ASN A 160 13.14 -12.64 -21.69
CA ASN A 160 13.90 -11.84 -20.74
C ASN A 160 13.34 -11.83 -19.33
N ASP A 161 14.21 -11.65 -18.34
CA ASP A 161 13.74 -11.55 -16.96
C ASP A 161 13.24 -10.11 -16.86
N TRP A 162 12.83 -9.66 -15.68
CA TRP A 162 12.28 -8.30 -15.57
C TRP A 162 13.15 -7.14 -16.04
N VAL A 163 14.33 -7.00 -15.43
CA VAL A 163 15.24 -5.90 -15.76
C VAL A 163 15.70 -5.91 -17.21
N TYR A 164 15.85 -7.10 -17.79
CA TYR A 164 16.27 -7.22 -19.17
C TYR A 164 15.16 -6.82 -20.15
N GLU A 165 13.93 -7.13 -19.78
CA GLU A 165 12.80 -6.79 -20.61
C GLU A 165 12.54 -5.29 -20.62
N GLU A 166 12.76 -4.67 -19.47
CA GLU A 166 12.52 -3.25 -19.30
C GLU A 166 13.65 -2.33 -19.72
N GLU A 167 14.89 -2.70 -19.38
CA GLU A 167 16.05 -1.85 -19.64
C GLU A 167 17.08 -2.19 -20.72
N ILE A 168 17.15 -3.45 -21.14
CA ILE A 168 18.12 -3.85 -22.16
C ILE A 168 17.46 -4.01 -23.53
N PHE A 169 16.53 -4.95 -23.63
CA PHE A 169 15.80 -5.16 -24.86
C PHE A 169 14.45 -4.46 -24.67
N GLY A 170 13.80 -4.07 -25.74
CA GLY A 170 12.54 -3.40 -25.51
C GLY A 170 11.42 -4.39 -25.41
N ALA A 171 11.72 -5.68 -25.46
CA ALA A 171 10.67 -6.69 -25.39
C ALA A 171 10.92 -7.85 -24.46
N TYR A 172 10.00 -8.80 -24.52
CA TYR A 172 10.03 -10.01 -23.72
C TYR A 172 10.89 -11.03 -24.42
N SER A 173 10.95 -10.88 -25.74
CA SER A 173 11.69 -11.81 -26.57
C SER A 173 13.21 -11.83 -26.47
N ALA A 174 13.75 -13.05 -26.43
CA ALA A 174 15.17 -13.32 -26.36
C ALA A 174 15.48 -14.49 -27.32
N LEU A 175 14.81 -14.51 -28.46
CA LEU A 175 15.00 -15.52 -29.51
C LEU A 175 15.39 -14.79 -30.80
N TRP A 176 16.25 -15.40 -31.61
CA TRP A 176 16.67 -14.80 -32.89
C TRP A 176 16.90 -15.85 -33.97
N TRP A 177 15.97 -15.98 -34.90
CA TRP A 177 16.09 -16.94 -35.98
C TRP A 177 17.14 -16.42 -36.95
N SER A 178 17.92 -17.31 -37.55
CA SER A 178 18.93 -16.90 -38.51
C SER A 178 18.28 -16.78 -39.88
N PRO A 179 18.95 -16.13 -40.84
CA PRO A 179 18.36 -16.00 -42.17
C PRO A 179 18.41 -17.43 -42.73
N ASN A 180 17.37 -17.85 -43.45
CA ASN A 180 17.31 -19.23 -43.98
C ASN A 180 16.91 -20.19 -42.85
N GLY A 181 16.81 -19.65 -41.63
CA GLY A 181 16.38 -20.42 -40.48
C GLY A 181 17.03 -21.74 -40.13
N THR A 182 18.34 -21.85 -40.28
CA THR A 182 19.01 -23.07 -39.92
C THR A 182 19.17 -23.08 -38.41
N PHE A 183 19.72 -22.00 -37.87
CA PHE A 183 19.92 -21.89 -36.45
C PHE A 183 18.86 -21.05 -35.76
N LEU A 184 18.82 -21.17 -34.43
CA LEU A 184 17.92 -20.39 -33.60
C LEU A 184 18.79 -20.02 -32.41
N ALA A 185 19.09 -18.73 -32.27
CA ALA A 185 19.91 -18.27 -31.18
C ALA A 185 18.98 -17.86 -30.06
N TYR A 186 19.45 -17.92 -28.82
CA TYR A 186 18.64 -17.53 -27.69
C TYR A 186 19.48 -17.24 -26.45
N ALA A 187 18.95 -16.39 -25.58
CA ALA A 187 19.65 -16.05 -24.36
C ALA A 187 19.01 -16.76 -23.20
N GLN A 188 19.81 -17.04 -22.19
CA GLN A 188 19.33 -17.69 -20.99
C GLN A 188 19.73 -16.82 -19.82
N PHE A 189 18.78 -16.56 -18.92
CA PHE A 189 19.08 -15.74 -17.76
C PHE A 189 18.81 -16.53 -16.48
N ASN A 190 19.69 -16.33 -15.50
CA ASN A 190 19.60 -16.98 -14.18
C ASN A 190 19.33 -15.83 -13.21
N ASP A 191 18.15 -15.81 -12.62
CA ASP A 191 17.76 -14.76 -11.68
C ASP A 191 18.07 -15.21 -10.25
N THR A 192 18.95 -16.19 -10.11
CA THR A 192 19.22 -16.75 -8.79
C THR A 192 19.60 -15.81 -7.65
N GLY A 193 20.74 -15.16 -7.76
CA GLY A 193 21.10 -14.27 -6.66
C GLY A 193 20.31 -12.97 -6.58
N VAL A 194 19.49 -12.69 -7.60
CA VAL A 194 18.70 -11.47 -7.65
C VAL A 194 17.68 -11.38 -6.54
N PRO A 195 17.68 -10.27 -5.79
CA PRO A 195 16.73 -10.06 -4.70
C PRO A 195 15.28 -9.97 -5.15
N LEU A 196 14.35 -10.10 -4.22
CA LEU A 196 12.93 -10.03 -4.56
C LEU A 196 12.19 -8.82 -3.98
N ILE A 197 11.24 -8.28 -4.74
CA ILE A 197 10.40 -7.19 -4.27
C ILE A 197 9.02 -7.86 -4.24
N GLU A 198 8.21 -7.56 -3.23
CA GLU A 198 6.92 -8.23 -3.13
C GLU A 198 5.70 -7.39 -2.76
N TYR A 199 5.06 -6.80 -3.77
CA TYR A 199 3.87 -6.00 -3.56
C TYR A 199 2.57 -6.82 -3.42
N SER A 200 1.53 -6.21 -2.85
CA SER A 200 0.23 -6.87 -2.66
C SER A 200 -0.73 -6.61 -3.82
N PHE A 201 -1.60 -7.59 -4.05
CA PHE A 201 -2.61 -7.48 -5.09
C PHE A 201 -3.97 -7.84 -4.51
N TYR A 202 -4.90 -6.90 -4.51
CA TYR A 202 -6.20 -7.14 -3.91
C TYR A 202 -7.27 -7.81 -4.77
N SER A 203 -7.18 -7.65 -6.08
CA SER A 203 -8.14 -8.28 -6.99
C SER A 203 -9.57 -7.92 -6.62
N ASP A 204 -10.54 -8.66 -7.15
CA ASP A 204 -11.95 -8.37 -6.87
C ASP A 204 -12.25 -8.34 -5.40
N GLU A 205 -13.28 -7.58 -5.04
CA GLU A 205 -13.60 -7.45 -3.65
C GLU A 205 -14.02 -8.77 -3.06
N SER A 206 -14.18 -9.78 -3.91
CA SER A 206 -14.58 -11.11 -3.46
C SER A 206 -13.42 -11.94 -2.89
N LEU A 207 -12.19 -11.61 -3.28
CA LEU A 207 -11.03 -12.32 -2.76
C LEU A 207 -10.91 -11.92 -1.31
N GLN A 208 -10.91 -12.89 -0.41
CA GLN A 208 -10.84 -12.60 1.01
C GLN A 208 -9.44 -12.26 1.51
N TYR A 209 -8.44 -12.98 1.02
CA TYR A 209 -7.06 -12.71 1.42
C TYR A 209 -6.26 -12.25 0.22
N PRO A 210 -5.79 -10.99 0.23
CA PRO A 210 -5.01 -10.45 -0.88
C PRO A 210 -3.81 -11.32 -1.26
N LYS A 211 -3.41 -11.23 -2.53
CA LYS A 211 -2.27 -12.00 -3.04
C LYS A 211 -0.96 -11.26 -2.86
N THR A 212 0.14 -11.97 -3.04
CA THR A 212 1.45 -11.35 -2.96
C THR A 212 2.17 -11.74 -4.25
N VAL A 213 2.65 -10.74 -4.97
CA VAL A 213 3.36 -10.95 -6.22
C VAL A 213 4.82 -10.71 -5.92
N TRP A 214 5.69 -11.67 -6.21
CA TRP A 214 7.12 -11.44 -5.99
C TRP A 214 7.83 -11.44 -7.33
N ILE A 215 8.80 -10.55 -7.45
CA ILE A 215 9.55 -10.43 -8.69
C ILE A 215 11.01 -10.27 -8.42
N PRO A 216 11.85 -11.09 -9.07
CA PRO A 216 13.29 -10.89 -8.83
C PRO A 216 13.66 -9.57 -9.53
N TYR A 217 13.95 -8.56 -8.71
CA TYR A 217 14.25 -7.20 -9.16
C TYR A 217 15.57 -6.67 -8.60
N PRO A 218 16.53 -6.36 -9.47
CA PRO A 218 17.78 -5.83 -8.94
C PRO A 218 17.78 -4.32 -8.81
N LYS A 219 17.82 -3.83 -7.57
CA LYS A 219 17.87 -2.40 -7.31
C LYS A 219 19.32 -1.98 -7.41
N ALA A 220 19.58 -0.70 -7.60
CA ALA A 220 20.95 -0.21 -7.74
C ALA A 220 21.95 -0.87 -6.78
N GLY A 221 22.98 -1.47 -7.36
CA GLY A 221 24.04 -2.11 -6.59
C GLY A 221 23.82 -3.57 -6.22
N ALA A 222 22.60 -4.06 -6.39
CA ALA A 222 22.30 -5.44 -6.04
C ALA A 222 22.83 -6.43 -7.06
N VAL A 223 22.79 -7.70 -6.70
CA VAL A 223 23.26 -8.76 -7.58
C VAL A 223 22.33 -8.82 -8.77
N ASN A 224 22.90 -8.85 -9.98
CA ASN A 224 22.10 -8.88 -11.20
C ASN A 224 21.93 -10.26 -11.76
N PRO A 225 21.03 -10.42 -12.74
CA PRO A 225 20.86 -11.76 -13.30
C PRO A 225 22.07 -12.03 -14.18
N THR A 226 22.31 -13.29 -14.48
CA THR A 226 23.44 -13.66 -15.32
C THR A 226 22.93 -14.11 -16.67
N VAL A 227 23.80 -14.06 -17.69
CA VAL A 227 23.43 -14.45 -19.05
C VAL A 227 24.29 -15.55 -19.64
N LYS A 228 23.78 -16.13 -20.71
CA LYS A 228 24.46 -17.15 -21.48
C LYS A 228 23.83 -17.11 -22.84
N PHE A 229 24.61 -17.31 -23.89
CA PHE A 229 24.06 -17.27 -25.23
C PHE A 229 24.21 -18.63 -25.88
N PHE A 230 23.19 -19.03 -26.63
CA PHE A 230 23.19 -20.31 -27.31
C PHE A 230 22.65 -20.22 -28.73
N ILE A 231 23.12 -21.12 -29.58
CA ILE A 231 22.65 -21.21 -30.95
C ILE A 231 22.42 -22.71 -31.11
N VAL A 232 21.22 -23.10 -31.50
CA VAL A 232 20.94 -24.50 -31.69
C VAL A 232 20.64 -24.78 -33.15
N ASN A 233 21.12 -25.90 -33.67
CA ASN A 233 20.89 -26.26 -35.06
C ASN A 233 19.49 -26.83 -35.22
N THR A 234 18.67 -26.07 -35.94
CA THR A 234 17.28 -26.40 -36.16
C THR A 234 17.01 -27.53 -37.16
N ASP A 235 17.92 -27.74 -38.10
CA ASP A 235 17.71 -28.77 -39.11
C ASP A 235 17.71 -30.20 -38.53
N SER A 236 18.65 -30.47 -37.62
CA SER A 236 18.79 -31.79 -37.01
C SER A 236 17.60 -32.34 -36.19
N LEU A 237 16.78 -31.47 -35.61
CA LEU A 237 15.64 -31.89 -34.78
C LEU A 237 14.94 -33.23 -35.09
N SER A 238 14.68 -33.49 -36.37
CA SER A 238 13.97 -34.71 -36.78
C SER A 238 14.74 -36.02 -36.63
N SER A 239 16.05 -35.91 -36.42
CA SER A 239 16.89 -37.09 -36.28
C SER A 239 17.44 -37.29 -34.87
N THR A 240 16.85 -36.62 -33.88
CA THR A 240 17.30 -36.78 -32.50
C THR A 240 16.12 -36.67 -31.56
N THR A 241 16.34 -37.09 -30.33
CA THR A 241 15.30 -36.94 -29.34
C THR A 241 15.65 -35.56 -28.79
N THR A 242 16.94 -35.28 -28.70
CA THR A 242 17.43 -34.01 -28.17
C THR A 242 18.57 -33.43 -29.00
N THR A 243 18.63 -32.12 -29.10
CA THR A 243 19.73 -31.52 -29.83
C THR A 243 20.58 -30.78 -28.80
N ILE A 244 21.87 -30.67 -29.08
CA ILE A 244 22.73 -29.96 -28.14
C ILE A 244 23.11 -28.61 -28.69
N PRO A 245 22.61 -27.55 -28.06
CA PRO A 245 22.86 -26.16 -28.45
C PRO A 245 24.30 -25.81 -28.17
N MET A 246 24.92 -25.08 -29.09
CA MET A 246 26.30 -24.67 -28.90
C MET A 246 26.26 -23.30 -28.22
N GLN A 247 27.12 -23.11 -27.24
CA GLN A 247 27.16 -21.86 -26.50
C GLN A 247 28.26 -20.89 -26.88
N ILE A 248 27.92 -19.61 -26.97
CA ILE A 248 28.90 -18.60 -27.26
C ILE A 248 29.19 -17.92 -25.95
N THR A 249 30.46 -17.76 -25.62
CA THR A 249 30.79 -17.12 -24.37
C THR A 249 31.23 -15.70 -24.64
N ALA A 250 30.80 -14.79 -23.76
CA ALA A 250 31.11 -13.38 -23.90
C ALA A 250 32.60 -13.09 -24.01
N PRO A 251 32.96 -11.99 -24.68
CA PRO A 251 34.37 -11.61 -24.83
C PRO A 251 35.11 -11.50 -23.50
N ALA A 252 36.40 -11.84 -23.53
CA ALA A 252 37.23 -11.81 -22.33
C ALA A 252 37.16 -10.50 -21.57
N SER A 253 37.28 -9.40 -22.29
CA SER A 253 37.28 -8.08 -21.69
C SER A 253 35.98 -7.71 -20.97
N VAL A 254 35.04 -8.64 -20.88
CA VAL A 254 33.74 -8.38 -20.26
C VAL A 254 33.37 -9.33 -19.12
N THR A 255 33.98 -10.50 -19.12
CA THR A 255 33.73 -11.57 -18.16
C THR A 255 34.34 -11.45 -16.75
N THR A 256 35.31 -10.55 -16.56
CA THR A 256 35.92 -10.42 -15.25
C THR A 256 34.92 -10.12 -14.14
N GLY A 257 33.83 -9.44 -14.48
CA GLY A 257 32.82 -9.11 -13.48
C GLY A 257 31.44 -9.02 -14.08
N ASP A 258 30.50 -8.41 -13.36
CA ASP A 258 29.13 -8.27 -13.85
C ASP A 258 29.04 -7.65 -15.24
N HIS A 259 28.15 -8.19 -16.08
CA HIS A 259 27.98 -7.65 -17.43
C HIS A 259 26.58 -7.93 -18.01
N TYR A 260 26.30 -7.37 -19.18
CA TYR A 260 25.01 -7.58 -19.83
C TYR A 260 25.14 -7.92 -21.30
N LEU A 261 24.10 -8.55 -21.84
CA LEU A 261 24.04 -8.87 -23.25
C LEU A 261 23.26 -7.67 -23.81
N CYS A 262 23.88 -6.93 -24.72
CA CYS A 262 23.33 -5.72 -25.34
C CYS A 262 22.41 -5.84 -26.53
N ASP A 263 22.86 -6.59 -27.51
CA ASP A 263 22.14 -6.71 -28.76
C ASP A 263 22.57 -7.94 -29.54
N VAL A 264 21.64 -8.51 -30.28
CA VAL A 264 21.89 -9.69 -31.10
C VAL A 264 21.50 -9.31 -32.52
N ALA A 265 22.30 -9.72 -33.49
CA ALA A 265 21.99 -9.38 -34.86
C ALA A 265 22.64 -10.35 -35.82
N TRP A 266 21.83 -11.13 -36.53
CA TRP A 266 22.36 -12.08 -37.49
C TRP A 266 22.90 -11.34 -38.71
N VAL A 267 24.14 -11.65 -39.12
CA VAL A 267 24.70 -11.00 -40.28
C VAL A 267 24.29 -11.81 -41.49
N SER A 268 24.79 -13.02 -41.57
CA SER A 268 24.44 -13.91 -42.66
C SER A 268 24.04 -15.16 -41.92
N GLU A 269 24.03 -16.32 -42.57
CA GLU A 269 23.64 -17.51 -41.83
C GLU A 269 24.76 -18.29 -41.18
N ASP A 270 25.98 -17.77 -41.25
CA ASP A 270 27.12 -18.41 -40.63
C ASP A 270 27.81 -17.34 -39.83
N ARG A 271 27.13 -16.21 -39.66
CA ARG A 271 27.69 -15.09 -38.94
C ARG A 271 26.64 -14.37 -38.14
N ILE A 272 26.96 -14.14 -36.87
CA ILE A 272 26.05 -13.47 -35.96
C ILE A 272 26.83 -12.36 -35.25
N SER A 273 26.14 -11.27 -34.91
CA SER A 273 26.76 -10.15 -34.22
C SER A 273 26.19 -9.97 -32.82
N LEU A 274 27.07 -9.99 -31.82
CA LEU A 274 26.64 -9.83 -30.44
C LEU A 274 27.34 -8.66 -29.76
N GLN A 275 26.56 -7.88 -29.01
CA GLN A 275 27.11 -6.75 -28.28
C GLN A 275 27.01 -6.97 -26.77
N TRP A 276 28.12 -6.77 -26.07
CA TRP A 276 28.13 -6.96 -24.62
C TRP A 276 28.51 -5.67 -23.93
N LEU A 277 28.02 -5.52 -22.71
CA LEU A 277 28.24 -4.30 -21.95
C LEU A 277 28.64 -4.63 -20.51
N ARG A 278 29.63 -3.92 -19.97
CA ARG A 278 30.06 -4.14 -18.59
C ARG A 278 28.99 -3.51 -17.72
N ARG A 279 28.91 -3.90 -16.45
CA ARG A 279 27.89 -3.35 -15.57
C ARG A 279 28.03 -1.84 -15.48
N ILE A 280 29.26 -1.36 -15.61
CA ILE A 280 29.51 0.06 -15.61
C ILE A 280 29.62 0.31 -17.11
N GLN A 281 28.51 0.76 -17.69
CA GLN A 281 28.38 0.99 -19.14
C GLN A 281 29.33 1.98 -19.82
N ASN A 282 30.52 2.05 -19.22
CA ASN A 282 31.70 2.83 -19.59
C ASN A 282 32.24 2.15 -20.88
N TYR A 283 32.26 0.83 -20.83
CA TYR A 283 32.80 -0.05 -21.87
C TYR A 283 31.78 -0.97 -22.55
N SER A 284 32.02 -1.25 -23.83
CA SER A 284 31.14 -2.12 -24.61
C SER A 284 31.91 -2.81 -25.75
N VAL A 285 31.57 -4.06 -26.03
CA VAL A 285 32.24 -4.80 -27.09
C VAL A 285 31.22 -5.45 -27.98
N MET A 286 31.47 -5.39 -29.28
CA MET A 286 30.59 -6.00 -30.27
C MET A 286 31.36 -7.12 -30.97
N ALA A 287 31.11 -8.37 -30.61
CA ALA A 287 31.82 -9.45 -31.24
C ALA A 287 31.07 -10.00 -32.45
N ILE A 288 31.82 -10.31 -33.49
CA ILE A 288 31.25 -10.87 -34.70
C ILE A 288 31.68 -12.33 -34.66
N CYS A 289 30.73 -13.25 -34.72
CA CYS A 289 31.08 -14.66 -34.67
C CYS A 289 30.78 -15.44 -35.94
N ASP A 290 31.69 -16.35 -36.25
CA ASP A 290 31.57 -17.19 -37.43
C ASP A 290 31.32 -18.66 -37.09
N TYR A 291 30.52 -19.31 -37.90
CA TYR A 291 30.23 -20.72 -37.70
C TYR A 291 31.30 -21.58 -38.35
N ASP A 292 31.86 -22.52 -37.59
CA ASP A 292 32.88 -23.43 -38.11
C ASP A 292 32.19 -24.72 -38.54
N LYS A 293 32.18 -25.00 -39.84
CA LYS A 293 31.52 -26.21 -40.34
C LYS A 293 32.20 -27.47 -39.85
N THR A 294 33.53 -27.46 -39.86
CA THR A 294 34.31 -28.61 -39.41
C THR A 294 34.05 -29.00 -37.95
N THR A 295 34.46 -28.14 -37.03
CA THR A 295 34.29 -28.44 -35.61
C THR A 295 32.87 -28.14 -35.05
N LEU A 296 31.95 -27.74 -35.93
CA LEU A 296 30.55 -27.41 -35.55
C LEU A 296 30.54 -26.56 -34.29
N VAL A 297 31.16 -25.40 -34.40
CA VAL A 297 31.30 -24.47 -33.30
C VAL A 297 31.29 -23.04 -33.80
N TRP A 298 30.90 -22.09 -32.94
CA TRP A 298 30.93 -20.70 -33.34
C TRP A 298 32.18 -20.06 -32.78
N ASN A 299 32.92 -19.33 -33.61
CA ASN A 299 34.12 -18.66 -33.14
C ASN A 299 33.95 -17.16 -33.14
N CYS A 300 34.41 -16.52 -32.07
CA CYS A 300 34.35 -15.09 -32.00
C CYS A 300 35.78 -14.58 -31.75
N PRO A 301 36.62 -14.61 -32.79
CA PRO A 301 38.00 -14.17 -32.70
C PRO A 301 38.12 -12.71 -32.26
N THR A 302 39.04 -12.42 -31.34
CA THR A 302 39.23 -11.05 -30.87
C THR A 302 39.55 -10.07 -32.00
N THR A 303 39.95 -10.61 -33.15
CA THR A 303 40.28 -9.80 -34.32
C THR A 303 39.03 -9.09 -34.85
N GLN A 304 37.87 -9.64 -34.53
CA GLN A 304 36.59 -9.09 -34.97
C GLN A 304 35.86 -8.55 -33.75
N GLU A 305 36.64 -8.09 -32.77
CA GLU A 305 36.10 -7.59 -31.51
C GLU A 305 35.37 -6.24 -31.57
N HIS A 306 36.04 -5.15 -31.94
CA HIS A 306 35.35 -3.85 -31.97
C HIS A 306 34.91 -3.31 -30.58
N ILE A 307 35.64 -2.33 -30.06
CA ILE A 307 35.34 -1.76 -28.76
C ILE A 307 34.70 -0.37 -28.81
N GLU A 308 33.71 -0.12 -27.96
CA GLU A 308 33.06 1.18 -27.91
C GLU A 308 33.24 1.72 -26.51
N THR A 309 33.64 2.99 -26.42
CA THR A 309 33.91 3.61 -25.14
C THR A 309 33.38 5.03 -24.95
N SER A 310 33.37 5.49 -23.70
CA SER A 310 32.92 6.84 -23.37
C SER A 310 33.62 7.35 -22.13
N ALA A 311 34.38 8.44 -22.26
CA ALA A 311 35.06 9.00 -21.10
C ALA A 311 34.23 10.10 -20.48
N THR A 312 33.07 10.34 -21.05
CA THR A 312 32.16 11.39 -20.60
C THR A 312 31.01 10.80 -19.81
N GLY A 313 30.53 9.65 -20.26
CA GLY A 313 29.42 9.01 -19.58
C GLY A 313 29.23 7.57 -19.96
N TRP A 314 28.06 7.26 -20.50
CA TRP A 314 27.76 5.89 -20.87
C TRP A 314 27.75 5.72 -22.36
N CYS A 315 27.60 4.47 -22.81
CA CYS A 315 27.54 4.15 -24.23
C CYS A 315 26.18 4.17 -24.85
N GLY A 316 26.08 4.82 -26.00
CA GLY A 316 24.82 4.93 -26.70
C GLY A 316 23.85 5.83 -25.98
N ARG A 317 22.64 5.94 -26.52
CA ARG A 317 21.62 6.76 -25.91
C ARG A 317 21.08 6.03 -24.67
N PHE A 318 20.71 4.76 -24.84
CA PHE A 318 20.25 3.93 -23.73
C PHE A 318 21.01 2.61 -23.81
N ARG A 319 21.94 2.54 -24.76
CA ARG A 319 22.79 1.37 -24.99
C ARG A 319 23.39 1.43 -26.40
N PRO A 320 24.46 0.69 -26.64
CA PRO A 320 25.06 0.70 -27.97
C PRO A 320 24.00 0.62 -29.06
N ALA A 321 24.18 1.40 -30.12
CA ALA A 321 23.23 1.39 -31.23
C ALA A 321 23.37 0.05 -31.95
N GLU A 322 22.46 -0.27 -32.85
CA GLU A 322 22.52 -1.54 -33.54
C GLU A 322 23.29 -1.56 -34.88
N PRO A 323 24.08 -2.62 -35.13
CA PRO A 323 24.82 -2.68 -36.39
C PRO A 323 23.96 -3.04 -37.60
N HIS A 324 24.39 -2.56 -38.76
CA HIS A 324 23.70 -2.84 -40.03
C HIS A 324 24.77 -3.27 -41.01
N PHE A 325 24.80 -4.57 -41.28
CA PHE A 325 25.80 -5.18 -42.16
C PHE A 325 25.42 -5.15 -43.62
N THR A 326 26.44 -5.19 -44.47
CA THR A 326 26.21 -5.21 -45.89
C THR A 326 25.73 -6.61 -46.28
N SER A 327 25.38 -6.82 -47.53
CA SER A 327 24.91 -8.10 -48.00
C SER A 327 25.89 -9.22 -47.67
N ASP A 328 27.16 -9.00 -48.03
CA ASP A 328 28.23 -9.95 -47.80
C ASP A 328 28.82 -9.83 -46.41
N GLY A 329 28.15 -9.08 -45.53
CA GLY A 329 28.62 -8.91 -44.18
C GLY A 329 30.09 -8.61 -44.01
N SER A 330 30.69 -7.93 -44.98
CA SER A 330 32.10 -7.61 -44.89
C SER A 330 32.27 -6.31 -44.11
N SER A 331 31.23 -5.47 -44.14
CA SER A 331 31.25 -4.19 -43.44
C SER A 331 29.91 -3.94 -42.79
N PHE A 332 29.86 -2.96 -41.91
CA PHE A 332 28.62 -2.61 -41.25
C PHE A 332 28.60 -1.15 -40.83
N TYR A 333 27.42 -0.55 -40.88
CA TYR A 333 27.29 0.84 -40.49
C TYR A 333 26.64 0.88 -39.11
N LYS A 334 27.13 1.76 -38.25
CA LYS A 334 26.58 1.85 -36.91
C LYS A 334 26.65 3.29 -36.42
N ILE A 335 25.67 3.69 -35.63
CA ILE A 335 25.61 5.04 -35.07
C ILE A 335 26.48 5.12 -33.82
N VAL A 336 27.45 6.03 -33.82
CA VAL A 336 28.35 6.21 -32.66
C VAL A 336 28.77 7.67 -32.53
N SER A 337 29.02 8.13 -31.31
CA SER A 337 29.45 9.51 -31.11
C SER A 337 30.73 9.80 -31.86
N ASP A 338 30.78 10.93 -32.55
CA ASP A 338 32.02 11.30 -33.26
C ASP A 338 32.93 12.08 -32.32
N LYS A 339 34.09 12.48 -32.83
CA LYS A 339 35.04 13.21 -32.01
C LYS A 339 34.41 14.39 -31.25
N ASP A 340 33.36 15.00 -31.81
CA ASP A 340 32.68 16.14 -31.15
C ASP A 340 31.52 15.77 -30.24
N GLY A 341 31.26 14.48 -30.10
CA GLY A 341 30.17 14.05 -29.23
C GLY A 341 28.82 13.96 -29.90
N TYR A 342 28.80 13.96 -31.22
CA TYR A 342 27.55 13.85 -31.95
C TYR A 342 27.32 12.45 -32.49
N LYS A 343 26.15 11.91 -32.17
CA LYS A 343 25.77 10.59 -32.63
C LYS A 343 25.62 10.59 -34.17
N HIS A 344 26.55 9.93 -34.85
CA HIS A 344 26.58 9.83 -36.31
C HIS A 344 26.83 8.44 -36.85
N ILE A 345 26.72 8.30 -38.16
CA ILE A 345 26.92 7.01 -38.82
C ILE A 345 28.34 6.81 -39.34
N CYS A 346 28.99 5.72 -38.96
CA CYS A 346 30.29 5.43 -39.57
C CYS A 346 30.48 3.95 -39.91
N GLN A 347 31.23 3.74 -40.98
CA GLN A 347 31.54 2.42 -41.49
C GLN A 347 32.52 1.69 -40.62
N PHE A 348 32.40 0.36 -40.69
CA PHE A 348 33.23 -0.54 -39.94
C PHE A 348 33.59 -1.67 -40.87
N GLN A 349 34.65 -2.38 -40.52
CA GLN A 349 35.13 -3.53 -41.25
C GLN A 349 34.93 -4.71 -40.32
N LYS A 350 34.63 -5.88 -40.86
CA LYS A 350 34.47 -7.07 -40.01
C LYS A 350 35.61 -7.06 -39.00
N ASP A 351 36.84 -6.93 -39.48
CA ASP A 351 37.99 -6.90 -38.59
C ASP A 351 38.18 -5.52 -38.01
N ARG A 352 38.56 -5.46 -36.74
CA ARG A 352 38.83 -4.18 -36.09
C ARG A 352 40.10 -3.60 -36.71
N LYS A 353 40.27 -2.30 -36.52
CA LYS A 353 41.45 -1.62 -37.02
C LYS A 353 41.99 -0.69 -35.95
N PRO A 354 43.27 -0.87 -35.60
CA PRO A 354 43.94 -0.07 -34.57
C PRO A 354 43.59 1.44 -34.58
N GLU A 355 42.71 1.83 -33.65
CA GLU A 355 42.25 3.23 -33.49
C GLU A 355 41.90 3.97 -34.79
N GLN A 356 41.04 3.36 -35.61
CA GLN A 356 40.59 3.88 -36.89
C GLN A 356 39.48 2.92 -37.30
N VAL A 357 38.89 2.21 -36.34
CA VAL A 357 37.86 1.21 -36.65
C VAL A 357 36.71 1.84 -37.44
N CYS A 358 36.60 3.16 -37.34
CA CYS A 358 35.50 3.86 -37.98
C CYS A 358 35.81 4.89 -39.04
N THR A 359 34.81 5.14 -39.87
CA THR A 359 34.91 6.15 -40.91
C THR A 359 33.55 6.82 -40.90
N PHE A 360 33.47 8.00 -40.30
CA PHE A 360 32.18 8.67 -40.25
C PHE A 360 31.66 9.08 -41.62
N ILE A 361 30.39 8.79 -41.84
CA ILE A 361 29.72 9.08 -43.10
C ILE A 361 28.75 10.25 -42.89
N THR A 362 28.81 10.82 -41.70
CA THR A 362 27.96 11.93 -41.29
C THR A 362 28.68 12.85 -40.30
N LYS A 363 28.58 14.16 -40.51
CA LYS A 363 29.21 15.16 -39.64
C LYS A 363 28.18 16.24 -39.39
N GLY A 364 28.40 17.00 -38.33
CA GLY A 364 27.49 18.09 -38.02
C GLY A 364 27.01 18.19 -36.60
N ALA A 365 26.53 19.38 -36.24
CA ALA A 365 26.00 19.63 -34.92
C ALA A 365 24.54 19.22 -34.95
N TRP A 366 24.32 17.93 -35.13
CA TRP A 366 23.00 17.34 -35.17
C TRP A 366 23.29 15.84 -35.08
N GLU A 367 22.25 15.04 -34.86
CA GLU A 367 22.43 13.61 -34.72
C GLU A 367 21.55 12.74 -35.60
N VAL A 368 22.06 11.56 -35.94
CA VAL A 368 21.31 10.61 -36.75
C VAL A 368 20.50 9.86 -35.72
N ILE A 369 19.18 9.89 -35.87
CA ILE A 369 18.31 9.21 -34.93
C ILE A 369 18.40 7.71 -35.11
N SER A 370 18.18 7.22 -36.33
CA SER A 370 18.21 5.80 -36.58
C SER A 370 18.51 5.42 -38.02
N ILE A 371 19.10 4.24 -38.21
CA ILE A 371 19.39 3.76 -39.56
C ILE A 371 18.17 2.94 -39.99
N GLU A 372 17.45 3.41 -41.00
CA GLU A 372 16.24 2.74 -41.44
C GLU A 372 16.35 1.61 -42.44
N ALA A 373 17.37 1.63 -43.29
CA ALA A 373 17.52 0.56 -44.27
C ALA A 373 18.84 0.68 -44.98
N LEU A 374 19.39 -0.48 -45.37
CA LEU A 374 20.64 -0.52 -46.06
C LEU A 374 20.51 -1.33 -47.32
N THR A 375 20.61 -0.66 -48.46
CA THR A 375 20.52 -1.27 -49.77
C THR A 375 21.94 -1.54 -50.22
N SER A 376 22.08 -2.15 -51.39
CA SER A 376 23.39 -2.40 -51.96
C SER A 376 24.04 -1.08 -52.41
N ASP A 377 23.25 -0.01 -52.47
CA ASP A 377 23.79 1.29 -52.90
C ASP A 377 23.36 2.44 -52.01
N TYR A 378 22.30 2.23 -51.24
CA TYR A 378 21.79 3.28 -50.37
C TYR A 378 21.67 2.93 -48.89
N LEU A 379 21.77 3.98 -48.07
CA LEU A 379 21.64 3.87 -46.63
C LEU A 379 20.58 4.89 -46.28
N TYR A 380 19.39 4.43 -45.88
CA TYR A 380 18.30 5.34 -45.50
C TYR A 380 18.32 5.52 -43.99
N TYR A 381 18.29 6.77 -43.55
CA TYR A 381 18.31 7.05 -42.12
C TYR A 381 17.33 8.18 -41.75
N ILE A 382 17.25 8.50 -40.47
CA ILE A 382 16.38 9.59 -40.02
C ILE A 382 17.20 10.47 -39.09
N SER A 383 17.11 11.79 -39.27
CA SER A 383 17.87 12.69 -38.44
C SER A 383 17.09 13.96 -38.14
N ASN A 384 17.63 14.76 -37.24
CA ASN A 384 17.02 16.01 -36.83
C ASN A 384 17.94 17.10 -37.34
N GLU A 385 18.52 16.87 -38.51
CA GLU A 385 19.45 17.81 -39.12
C GLU A 385 18.80 19.05 -39.69
N TYR A 386 17.70 18.85 -40.41
CA TYR A 386 16.99 19.94 -41.05
C TYR A 386 16.65 21.11 -40.14
N LYS A 387 16.70 22.32 -40.71
CA LYS A 387 16.42 23.57 -40.02
C LYS A 387 17.00 23.65 -38.60
N GLU A 388 18.01 22.84 -38.34
CA GLU A 388 18.66 22.84 -37.03
C GLU A 388 17.70 22.56 -35.86
N MET A 389 16.64 21.82 -36.11
CA MET A 389 15.66 21.50 -35.08
C MET A 389 15.88 20.10 -34.51
N PRO A 390 16.50 20.00 -33.31
CA PRO A 390 16.77 18.70 -32.69
C PRO A 390 15.48 17.93 -32.38
N GLY A 391 14.37 18.67 -32.31
CA GLY A 391 13.07 18.07 -32.04
C GLY A 391 12.27 17.78 -33.29
N GLY A 392 12.92 17.81 -34.44
CA GLY A 392 12.26 17.53 -35.71
C GLY A 392 12.80 16.21 -36.27
N ARG A 393 12.03 15.52 -37.10
CA ARG A 393 12.49 14.26 -37.66
C ARG A 393 12.28 14.20 -39.16
N ASN A 394 13.33 13.86 -39.91
CA ASN A 394 13.25 13.74 -41.37
C ASN A 394 14.03 12.55 -41.91
N LEU A 395 13.54 12.01 -43.02
CA LEU A 395 14.15 10.85 -43.68
C LEU A 395 15.19 11.24 -44.71
N TYR A 396 16.40 10.74 -44.55
CA TYR A 396 17.47 11.04 -45.50
C TYR A 396 17.90 9.77 -46.22
N LYS A 397 18.87 9.92 -47.12
CA LYS A 397 19.42 8.79 -47.85
C LYS A 397 20.76 9.17 -48.45
N ILE A 398 21.74 8.29 -48.29
CA ILE A 398 23.08 8.51 -48.82
C ILE A 398 23.43 7.37 -49.75
N GLN A 399 24.12 7.70 -50.84
CA GLN A 399 24.55 6.70 -51.82
C GLN A 399 25.90 6.20 -51.32
N LEU A 400 26.02 4.89 -51.15
CA LEU A 400 27.23 4.28 -50.60
C LEU A 400 28.47 4.63 -51.39
N THR A 401 28.36 4.46 -52.69
CA THR A 401 29.45 4.71 -53.64
C THR A 401 29.89 6.19 -53.75
N ASP A 402 29.04 7.10 -53.24
CA ASP A 402 29.29 8.53 -53.28
C ASP A 402 28.63 9.20 -52.06
N HIS A 403 29.38 9.40 -50.97
CA HIS A 403 28.79 10.01 -49.78
C HIS A 403 28.32 11.46 -49.98
N THR A 404 28.71 12.06 -51.09
CA THR A 404 28.30 13.43 -51.40
C THR A 404 26.85 13.41 -51.82
N ASN A 405 26.46 12.32 -52.46
CA ASN A 405 25.10 12.16 -52.91
C ASN A 405 24.14 11.84 -51.74
N LYS A 406 23.92 12.83 -50.88
CA LYS A 406 23.04 12.75 -49.69
C LYS A 406 21.81 13.63 -49.95
N LYS A 407 20.62 13.09 -49.76
CA LYS A 407 19.41 13.88 -50.03
C LYS A 407 18.26 13.69 -49.04
N CYS A 408 17.63 14.79 -48.64
CA CYS A 408 16.50 14.69 -47.72
C CYS A 408 15.30 14.36 -48.58
N LEU A 409 14.44 13.44 -48.11
CA LEU A 409 13.28 13.03 -48.88
C LEU A 409 11.95 13.51 -48.30
N SER A 410 11.98 14.10 -47.11
CA SER A 410 10.74 14.55 -46.49
C SER A 410 10.70 16.05 -46.23
N CYS A 411 11.87 16.69 -46.29
CA CYS A 411 11.99 18.13 -46.07
C CYS A 411 11.09 19.03 -46.92
N ASP A 412 10.95 18.73 -48.21
CA ASP A 412 10.11 19.56 -49.10
C ASP A 412 8.66 19.32 -48.79
N LEU A 413 8.24 18.07 -49.03
CA LEU A 413 6.86 17.61 -48.84
C LEU A 413 5.80 18.56 -48.27
N ASN A 414 5.80 18.78 -46.95
CA ASN A 414 4.82 19.66 -46.32
C ASN A 414 5.46 20.40 -45.16
N PRO A 415 6.50 21.18 -45.45
CA PRO A 415 7.25 21.97 -44.45
C PRO A 415 6.38 22.59 -43.36
N GLU A 416 5.15 22.93 -43.71
CA GLU A 416 4.21 23.55 -42.77
C GLU A 416 3.63 22.53 -41.79
N ARG A 417 3.02 21.48 -42.35
CA ARG A 417 2.36 20.44 -41.58
C ARG A 417 3.27 19.38 -41.02
N CYS A 418 4.26 18.99 -41.81
CA CYS A 418 5.17 17.92 -41.44
C CYS A 418 6.62 18.23 -41.17
N GLN A 419 7.03 18.06 -39.91
CA GLN A 419 8.40 18.31 -39.48
C GLN A 419 8.89 17.14 -38.62
N TYR A 420 8.02 16.14 -38.47
CA TYR A 420 8.33 14.96 -37.68
C TYR A 420 7.87 13.74 -38.47
N TYR A 421 8.82 13.04 -39.08
CA TYR A 421 8.45 11.88 -39.87
C TYR A 421 8.86 10.57 -39.26
N SER A 422 8.13 9.53 -39.66
CA SER A 422 8.40 8.16 -39.26
C SER A 422 8.44 7.52 -40.65
N VAL A 423 9.27 6.50 -40.85
CA VAL A 423 9.32 5.87 -42.16
C VAL A 423 9.03 4.38 -42.08
N SER A 424 8.94 3.74 -43.24
CA SER A 424 8.67 2.31 -43.32
C SER A 424 8.89 1.87 -44.74
N LEU A 425 10.09 1.38 -45.04
CA LEU A 425 10.42 0.93 -46.38
C LEU A 425 10.06 -0.54 -46.62
N SER A 426 9.77 -0.87 -47.87
CA SER A 426 9.42 -2.23 -48.23
C SER A 426 10.65 -3.13 -48.07
N LYS A 427 10.44 -4.43 -48.21
CA LYS A 427 11.50 -5.41 -48.04
C LYS A 427 12.83 -5.09 -48.71
N GLU A 428 12.82 -4.24 -49.72
CA GLU A 428 14.07 -3.89 -50.36
C GLU A 428 14.15 -2.44 -50.78
N ALA A 429 13.41 -1.62 -50.04
CA ALA A 429 13.39 -0.20 -50.25
C ALA A 429 12.91 0.22 -51.64
N LYS A 430 12.02 -0.56 -52.23
CA LYS A 430 11.52 -0.19 -53.55
C LYS A 430 10.47 0.90 -53.36
N TYR A 431 9.73 0.82 -52.27
CA TYR A 431 8.73 1.81 -51.92
C TYR A 431 9.01 2.16 -50.49
N TYR A 432 8.33 3.17 -49.98
CA TYR A 432 8.49 3.57 -48.60
C TYR A 432 7.33 4.43 -48.21
N GLN A 433 6.71 4.12 -47.08
CA GLN A 433 5.60 4.91 -46.60
C GLN A 433 6.14 5.91 -45.60
N LEU A 434 5.57 7.11 -45.61
CA LEU A 434 5.97 8.16 -44.67
C LEU A 434 4.86 8.46 -43.68
N GLY A 435 5.25 8.60 -42.42
CA GLY A 435 4.30 8.91 -41.38
C GLY A 435 4.58 10.32 -40.88
N CYS A 436 3.76 11.26 -41.32
CA CYS A 436 3.90 12.63 -40.89
C CYS A 436 3.22 12.69 -39.53
N ARG A 437 4.03 12.90 -38.50
CA ARG A 437 3.52 13.04 -37.12
C ARG A 437 3.63 14.53 -36.86
N GLY A 438 4.27 15.19 -37.84
CA GLY A 438 4.58 16.63 -37.89
C GLY A 438 3.60 17.55 -37.22
N PRO A 439 3.99 18.81 -37.01
CA PRO A 439 3.15 19.81 -36.35
C PRO A 439 1.64 19.64 -36.60
N GLY A 440 1.26 19.61 -37.88
CA GLY A 440 -0.15 19.48 -38.25
C GLY A 440 -0.76 18.13 -37.99
N LEU A 441 -2.00 17.91 -38.40
CA LEU A 441 -2.62 16.62 -38.19
C LEU A 441 -1.79 15.59 -38.96
N PRO A 442 -1.49 14.42 -38.34
CA PRO A 442 -0.71 13.37 -38.98
C PRO A 442 -1.17 13.01 -40.39
N LEU A 443 -0.20 12.79 -41.27
CA LEU A 443 -0.43 12.50 -42.68
C LEU A 443 0.37 11.31 -43.18
N TYR A 444 -0.30 10.31 -43.74
CA TYR A 444 0.42 9.15 -44.23
C TYR A 444 0.37 9.04 -45.75
N THR A 445 1.55 8.96 -46.35
CA THR A 445 1.68 8.86 -47.80
C THR A 445 2.74 7.84 -48.18
N LEU A 446 2.52 7.06 -49.24
CA LEU A 446 3.57 6.11 -49.64
C LEU A 446 4.17 6.56 -50.97
N HIS A 447 5.48 6.37 -51.13
CA HIS A 447 6.18 6.82 -52.33
C HIS A 447 6.96 5.71 -53.03
N ARG A 448 7.31 5.96 -54.29
CA ARG A 448 8.12 4.99 -55.03
C ARG A 448 9.55 5.49 -54.80
N SER A 449 10.31 4.63 -54.13
CA SER A 449 11.68 4.89 -53.74
C SER A 449 12.60 5.48 -54.82
N THR A 450 12.45 5.01 -56.06
CA THR A 450 13.28 5.48 -57.18
C THR A 450 13.47 6.97 -57.32
N ASP A 451 12.33 7.65 -57.53
CA ASP A 451 12.27 9.08 -57.76
C ASP A 451 11.48 9.86 -56.70
N GLN A 452 10.97 9.15 -55.70
CA GLN A 452 10.17 9.75 -54.62
C GLN A 452 8.74 10.13 -54.99
N LYS A 453 8.31 9.77 -56.20
CA LYS A 453 6.95 10.09 -56.64
C LYS A 453 5.95 9.65 -55.60
N GLU A 454 5.14 10.58 -55.11
CA GLU A 454 4.13 10.23 -54.13
C GLU A 454 3.00 9.48 -54.82
N LEU A 455 3.05 8.15 -54.78
CA LEU A 455 2.05 7.33 -55.43
C LEU A 455 0.65 7.71 -55.00
N ARG A 456 0.45 7.94 -53.71
CA ARG A 456 -0.86 8.33 -53.21
C ARG A 456 -0.85 8.66 -51.74
N VAL A 457 -1.96 9.19 -51.27
CA VAL A 457 -2.09 9.55 -49.88
C VAL A 457 -2.86 8.41 -49.22
N LEU A 458 -2.23 7.78 -48.22
CA LEU A 458 -2.84 6.66 -47.52
C LEU A 458 -3.82 7.13 -46.45
N GLU A 459 -3.49 8.23 -45.79
CA GLU A 459 -4.33 8.78 -44.74
C GLU A 459 -3.95 10.22 -44.38
N ASP A 460 -4.92 11.12 -44.50
CA ASP A 460 -4.79 12.55 -44.18
C ASP A 460 -5.96 12.77 -43.24
N ASN A 461 -5.73 13.11 -41.98
CA ASN A 461 -6.89 13.23 -41.10
C ASN A 461 -7.96 14.28 -41.41
N SER A 462 -8.58 14.12 -42.57
CA SER A 462 -9.63 15.02 -43.01
C SER A 462 -10.82 14.86 -42.06
N ALA A 463 -11.16 13.61 -41.77
CA ALA A 463 -12.26 13.28 -40.86
C ALA A 463 -12.06 14.06 -39.57
N LEU A 464 -10.89 13.90 -38.96
CA LEU A 464 -10.57 14.58 -37.73
C LEU A 464 -10.61 16.08 -37.97
N ASP A 465 -10.00 16.50 -39.08
CA ASP A 465 -9.94 17.92 -39.43
C ASP A 465 -11.30 18.61 -39.48
N LYS A 466 -12.28 17.94 -40.08
CA LYS A 466 -13.63 18.48 -40.20
C LYS A 466 -14.25 18.65 -38.82
N MET A 467 -13.91 17.76 -37.90
CA MET A 467 -14.43 17.83 -36.54
C MET A 467 -13.77 18.94 -35.72
N LEU A 468 -12.44 19.01 -35.77
CA LEU A 468 -11.71 20.02 -35.01
C LEU A 468 -12.06 21.43 -35.47
N GLN A 469 -12.83 21.50 -36.56
CA GLN A 469 -13.28 22.77 -37.13
C GLN A 469 -14.18 23.53 -36.15
N ASP A 470 -15.13 22.80 -35.57
CA ASP A 470 -16.08 23.37 -34.61
C ASP A 470 -15.47 23.52 -33.21
N VAL A 471 -14.17 23.32 -33.10
CA VAL A 471 -13.52 23.39 -31.80
C VAL A 471 -12.35 24.35 -31.75
N GLN A 472 -12.21 25.03 -30.61
CA GLN A 472 -11.14 26.01 -30.40
C GLN A 472 -9.88 25.33 -29.87
N MET A 473 -9.06 24.79 -30.76
CA MET A 473 -7.83 24.10 -30.38
C MET A 473 -6.69 25.03 -29.99
N PRO A 474 -5.83 24.58 -29.08
CA PRO A 474 -4.70 25.42 -28.67
C PRO A 474 -3.67 25.32 -29.77
N SER A 475 -2.59 26.08 -29.66
CA SER A 475 -1.51 26.04 -30.64
C SER A 475 -0.26 25.46 -29.98
N LYS A 476 0.88 25.50 -30.66
CA LYS A 476 2.09 24.96 -30.07
C LYS A 476 3.35 25.61 -30.56
N LYS A 477 3.97 26.43 -29.72
CA LYS A 477 5.21 27.06 -30.13
C LYS A 477 6.35 26.14 -29.74
N LEU A 478 7.23 25.91 -30.69
CA LEU A 478 8.41 25.07 -30.49
C LEU A 478 9.59 25.93 -30.84
N ASP A 479 10.16 26.59 -29.85
CA ASP A 479 11.31 27.44 -30.11
C ASP A 479 12.38 27.09 -29.09
N PHE A 480 13.41 27.92 -29.01
CA PHE A 480 14.50 27.67 -28.10
C PHE A 480 14.93 28.95 -27.41
N ILE A 481 15.26 28.83 -26.12
CA ILE A 481 15.73 29.94 -25.32
C ILE A 481 17.25 29.66 -25.31
N VAL A 482 18.08 30.60 -24.91
CA VAL A 482 19.53 30.35 -24.88
C VAL A 482 20.16 30.68 -23.54
N LEU A 483 20.86 29.70 -22.97
CA LEU A 483 21.52 29.82 -21.66
C LEU A 483 23.02 29.53 -21.78
N ASN A 484 23.82 30.17 -20.93
CA ASN A 484 25.28 30.00 -20.95
C ASN A 484 25.79 29.82 -22.39
N GLU A 485 25.18 30.51 -23.35
CA GLU A 485 25.58 30.45 -24.77
C GLU A 485 25.26 29.18 -25.54
N THR A 486 24.18 28.50 -25.15
CA THR A 486 23.77 27.27 -25.82
C THR A 486 22.27 27.25 -26.11
N ARG A 487 21.86 26.59 -27.17
CA ARG A 487 20.44 26.53 -27.47
C ARG A 487 19.83 25.43 -26.61
N PHE A 488 18.70 25.74 -25.98
CA PHE A 488 17.97 24.78 -25.18
C PHE A 488 16.53 24.89 -25.61
N TRP A 489 16.04 23.94 -26.38
CA TRP A 489 14.67 24.01 -26.86
C TRP A 489 13.55 23.77 -25.85
N TYR A 490 12.39 24.31 -26.18
CA TYR A 490 11.21 24.17 -25.33
C TYR A 490 10.00 24.24 -26.24
N GLN A 491 8.85 23.93 -25.69
CA GLN A 491 7.62 24.00 -26.46
C GLN A 491 6.51 24.47 -25.53
N MET A 492 5.48 25.08 -26.10
CA MET A 492 4.34 25.55 -25.32
C MET A 492 3.03 25.22 -26.02
N ILE A 493 2.05 24.78 -25.24
CA ILE A 493 0.72 24.47 -25.77
C ILE A 493 -0.09 25.69 -25.33
N LEU A 494 -0.16 26.69 -26.21
CA LEU A 494 -0.87 27.93 -25.93
C LEU A 494 -2.37 27.79 -26.13
N PRO A 495 -3.16 28.21 -25.13
CA PRO A 495 -4.63 28.12 -25.21
C PRO A 495 -5.07 28.89 -26.46
N PRO A 496 -6.27 28.58 -26.98
CA PRO A 496 -6.81 29.23 -28.18
C PRO A 496 -6.35 30.66 -28.47
N HIS A 497 -7.29 31.58 -28.65
CA HIS A 497 -6.99 32.99 -28.97
C HIS A 497 -5.92 33.62 -28.08
N PHE A 498 -4.83 32.89 -27.89
CA PHE A 498 -3.73 33.32 -27.02
C PHE A 498 -3.26 34.74 -27.25
N ASP A 499 -3.55 35.60 -26.26
CA ASP A 499 -3.14 36.98 -26.33
C ASP A 499 -1.86 37.26 -25.51
N LYS A 500 -0.76 37.43 -26.24
CA LYS A 500 0.58 37.68 -25.72
C LYS A 500 0.67 38.82 -24.68
N SER A 501 -0.41 39.60 -24.58
CA SER A 501 -0.43 40.71 -23.64
C SER A 501 -0.96 40.30 -22.27
N LYS A 502 -2.01 39.47 -22.28
CA LYS A 502 -2.60 38.99 -21.03
C LYS A 502 -1.63 38.08 -20.26
N LYS A 503 -2.01 37.65 -19.05
CA LYS A 503 -1.16 36.77 -18.25
C LYS A 503 -1.83 35.46 -17.85
N TYR A 504 -1.31 34.35 -18.40
CA TYR A 504 -1.86 33.02 -18.14
C TYR A 504 -1.08 32.20 -17.12
N PRO A 505 -1.74 31.23 -16.47
CA PRO A 505 -1.06 30.38 -15.48
C PRO A 505 -0.22 29.36 -16.28
N LEU A 506 0.94 29.02 -15.73
CA LEU A 506 1.86 28.09 -16.40
C LEU A 506 1.97 26.72 -15.72
N LEU A 507 1.95 25.67 -16.52
CA LEU A 507 2.10 24.30 -16.00
C LEU A 507 3.27 23.64 -16.69
N ILE A 508 4.37 23.43 -15.96
CA ILE A 508 5.53 22.77 -16.55
C ILE A 508 5.27 21.27 -16.65
N ASP A 509 5.58 20.69 -17.82
CA ASP A 509 5.41 19.27 -18.06
C ASP A 509 6.82 18.67 -18.04
N VAL A 510 7.06 17.67 -17.18
CA VAL A 510 8.40 17.11 -17.10
C VAL A 510 8.64 15.62 -17.26
N TYR A 511 9.85 15.34 -17.72
CA TYR A 511 10.40 14.01 -17.88
C TYR A 511 11.81 14.41 -17.45
N ALA A 512 12.58 14.95 -18.40
CA ALA A 512 13.92 15.43 -18.12
C ALA A 512 14.95 14.40 -17.64
N GLY A 513 14.70 13.13 -17.98
CA GLY A 513 15.62 12.07 -17.62
C GLY A 513 16.73 12.03 -18.65
N PRO A 514 17.76 11.21 -18.48
CA PRO A 514 18.80 11.22 -19.52
C PRO A 514 18.29 10.86 -20.92
N CYS A 515 18.75 11.64 -21.89
CA CYS A 515 18.39 11.46 -23.28
C CYS A 515 16.89 11.54 -23.57
N SER A 516 16.21 12.45 -22.88
CA SER A 516 14.77 12.64 -23.08
C SER A 516 14.51 13.86 -23.96
N GLN A 517 13.32 13.92 -24.53
CA GLN A 517 12.98 15.05 -25.37
C GLN A 517 11.49 15.36 -25.28
N LYS A 518 11.16 16.39 -24.50
CA LYS A 518 9.77 16.78 -24.34
C LYS A 518 9.39 17.88 -25.31
N ALA A 519 10.40 18.52 -25.92
CA ALA A 519 10.14 19.58 -26.88
C ALA A 519 10.35 19.10 -28.33
N ASP A 520 9.26 18.73 -28.99
CA ASP A 520 9.37 18.26 -30.37
C ASP A 520 8.24 18.76 -31.26
N ALA A 521 8.36 18.43 -32.55
CA ALA A 521 7.42 18.83 -33.59
C ALA A 521 6.29 17.87 -33.89
N ALA A 522 5.91 17.06 -32.91
CA ALA A 522 4.85 16.09 -33.16
C ALA A 522 3.48 16.52 -32.66
N PHE A 523 2.46 16.13 -33.42
CA PHE A 523 1.10 16.48 -33.09
C PHE A 523 0.55 15.54 -32.01
N ARG A 524 -0.23 16.09 -31.09
CA ARG A 524 -0.81 15.31 -30.02
C ARG A 524 -2.12 15.89 -29.50
N LEU A 525 -2.92 15.02 -28.89
CA LEU A 525 -4.21 15.40 -28.30
C LEU A 525 -4.19 14.70 -26.95
N ASN A 526 -3.74 15.42 -25.92
CA ASN A 526 -3.65 14.85 -24.59
C ASN A 526 -4.29 15.76 -23.57
N TRP A 527 -3.95 15.55 -22.31
CA TRP A 527 -4.48 16.35 -21.21
C TRP A 527 -3.94 17.77 -21.34
N ALA A 528 -2.77 17.94 -21.95
CA ALA A 528 -2.21 19.29 -22.12
C ALA A 528 -3.10 20.07 -23.05
N THR A 529 -3.73 19.36 -24.00
CA THR A 529 -4.64 19.97 -24.96
C THR A 529 -5.84 20.55 -24.21
N TYR A 530 -6.46 19.73 -23.37
CA TYR A 530 -7.60 20.16 -22.58
C TYR A 530 -7.19 21.34 -21.71
N LEU A 531 -6.11 21.18 -20.96
CA LEU A 531 -5.66 22.24 -20.06
C LEU A 531 -5.55 23.59 -20.75
N ALA A 532 -5.15 23.60 -22.02
CA ALA A 532 -5.00 24.85 -22.74
C ALA A 532 -6.32 25.32 -23.39
N SER A 533 -6.98 24.41 -24.09
CA SER A 533 -8.22 24.75 -24.76
C SER A 533 -9.41 25.09 -23.86
N THR A 534 -9.41 24.58 -22.64
CA THR A 534 -10.52 24.84 -21.74
C THR A 534 -10.16 25.54 -20.45
N GLU A 535 -8.99 25.25 -19.90
CA GLU A 535 -8.59 25.87 -18.65
C GLU A 535 -7.71 27.08 -18.88
N ASN A 536 -7.45 27.38 -20.15
CA ASN A 536 -6.59 28.52 -20.55
C ASN A 536 -5.24 28.51 -19.88
N ILE A 537 -4.76 27.30 -19.57
CA ILE A 537 -3.46 27.16 -18.94
C ILE A 537 -2.42 26.88 -20.00
N ILE A 538 -1.24 27.47 -19.84
CA ILE A 538 -0.15 27.25 -20.79
C ILE A 538 0.61 26.08 -20.21
N VAL A 539 0.77 25.03 -21.03
CA VAL A 539 1.51 23.84 -20.63
C VAL A 539 2.79 23.87 -21.45
N ALA A 540 3.93 23.97 -20.78
CA ALA A 540 5.20 24.03 -21.50
C ALA A 540 6.19 22.96 -21.01
N SER A 541 7.06 22.51 -21.90
CA SER A 541 8.08 21.49 -21.59
C SER A 541 9.42 22.08 -21.97
N PHE A 542 10.46 21.74 -21.22
CA PHE A 542 11.78 22.28 -21.50
C PHE A 542 12.90 21.25 -21.46
N ASP A 543 13.54 21.00 -22.60
CA ASP A 543 14.64 20.03 -22.67
C ASP A 543 15.93 20.71 -22.25
N GLY A 544 16.34 20.51 -21.00
CA GLY A 544 17.56 21.13 -20.52
C GLY A 544 18.76 20.22 -20.63
N ARG A 545 19.68 20.34 -19.69
CA ARG A 545 20.87 19.51 -19.71
C ARG A 545 20.58 18.05 -19.38
N GLY A 546 21.40 17.18 -19.98
CA GLY A 546 21.25 15.75 -19.81
C GLY A 546 20.16 15.25 -20.74
N SER A 547 19.67 16.13 -21.58
CA SER A 547 18.58 15.78 -22.47
C SER A 547 18.91 15.31 -23.86
N GLY A 548 17.81 15.19 -24.59
CA GLY A 548 17.72 14.80 -25.99
C GLY A 548 18.88 14.49 -26.87
N TYR A 549 18.66 14.68 -28.16
CA TYR A 549 19.62 14.37 -29.21
C TYR A 549 20.35 15.61 -29.71
N GLN A 550 21.22 16.16 -28.88
CA GLN A 550 21.95 17.38 -29.21
C GLN A 550 23.42 17.23 -28.88
N GLY A 551 23.93 16.01 -28.92
CA GLY A 551 25.33 15.81 -28.60
C GLY A 551 25.55 15.34 -27.18
N ASP A 552 26.65 14.64 -26.97
CA ASP A 552 26.97 14.12 -25.65
C ASP A 552 27.33 15.20 -24.63
N LYS A 553 27.76 16.37 -25.10
CA LYS A 553 28.09 17.43 -24.17
C LYS A 553 26.84 17.77 -23.37
N ILE A 554 25.71 17.84 -24.06
CA ILE A 554 24.45 18.15 -23.42
C ILE A 554 23.86 16.96 -22.68
N MET A 555 23.89 15.78 -23.28
CA MET A 555 23.34 14.58 -22.67
C MET A 555 24.14 14.07 -21.47
N HIS A 556 25.46 13.99 -21.61
CA HIS A 556 26.32 13.50 -20.52
C HIS A 556 26.48 14.48 -19.36
N ALA A 557 26.11 15.75 -19.57
CA ALA A 557 26.25 16.77 -18.54
C ALA A 557 25.76 16.33 -17.16
N ILE A 558 24.83 15.40 -17.15
CA ILE A 558 24.22 14.90 -15.93
C ILE A 558 24.93 13.71 -15.30
N ASN A 559 25.83 13.10 -16.06
CA ASN A 559 26.55 11.92 -15.61
C ASN A 559 26.98 11.91 -14.15
N LYS A 560 26.75 10.77 -13.49
CA LYS A 560 27.11 10.56 -12.10
C LYS A 560 26.42 11.47 -11.09
N ARG A 561 25.49 12.30 -11.55
CA ARG A 561 24.81 13.18 -10.64
C ARG A 561 23.44 13.64 -11.08
N LEU A 562 22.49 12.71 -11.03
CA LEU A 562 21.11 12.99 -11.40
C LEU A 562 20.59 13.88 -10.29
N GLY A 563 19.42 14.49 -10.50
CA GLY A 563 18.84 15.36 -9.49
C GLY A 563 19.61 16.65 -9.31
N THR A 564 20.36 17.03 -10.34
CA THR A 564 21.20 18.23 -10.31
C THR A 564 20.82 19.21 -11.41
N LEU A 565 21.68 19.30 -12.41
CA LEU A 565 21.51 20.22 -13.53
C LEU A 565 20.14 20.15 -14.21
N GLU A 566 19.63 18.93 -14.46
CA GLU A 566 18.35 18.80 -15.14
C GLU A 566 17.20 19.39 -14.32
N VAL A 567 17.37 19.46 -13.00
CA VAL A 567 16.34 20.02 -12.14
C VAL A 567 16.47 21.54 -12.22
N GLU A 568 17.68 22.04 -11.96
CA GLU A 568 17.92 23.47 -12.03
C GLU A 568 17.40 24.07 -13.32
N ASP A 569 17.96 23.61 -14.44
CA ASP A 569 17.57 24.08 -15.77
C ASP A 569 16.07 24.12 -15.92
N GLN A 570 15.38 23.19 -15.27
CA GLN A 570 13.93 23.16 -15.37
C GLN A 570 13.40 24.43 -14.67
N ILE A 571 13.99 24.80 -13.54
CA ILE A 571 13.56 25.99 -12.83
C ILE A 571 13.95 27.22 -13.66
N GLU A 572 15.19 27.26 -14.14
CA GLU A 572 15.68 28.36 -14.96
C GLU A 572 14.74 28.67 -16.11
N ALA A 573 14.27 27.61 -16.76
CA ALA A 573 13.35 27.73 -17.89
C ALA A 573 12.04 28.38 -17.48
N ALA A 574 11.55 28.04 -16.29
CA ALA A 574 10.30 28.64 -15.85
C ALA A 574 10.54 30.16 -15.68
N ARG A 575 11.71 30.54 -15.16
CA ARG A 575 12.02 31.95 -14.97
C ARG A 575 12.00 32.65 -16.33
N GLN A 576 12.71 32.05 -17.28
CA GLN A 576 12.83 32.56 -18.65
C GLN A 576 11.44 32.76 -19.29
N PHE A 577 10.54 31.82 -19.00
CA PHE A 577 9.19 31.90 -19.50
C PHE A 577 8.52 33.13 -18.89
N LEU A 578 8.72 33.34 -17.59
CA LEU A 578 8.12 34.46 -16.87
C LEU A 578 8.61 35.78 -17.49
N LYS A 579 9.89 35.81 -17.84
CA LYS A 579 10.46 37.00 -18.46
C LYS A 579 9.82 37.22 -19.83
N MET A 580 9.20 36.18 -20.37
CA MET A 580 8.55 36.32 -21.66
C MET A 580 7.25 37.11 -21.55
N GLY A 581 6.97 37.62 -20.35
CA GLY A 581 5.78 38.44 -20.14
C GLY A 581 4.42 37.83 -19.85
N PHE A 582 3.86 37.07 -20.78
CA PHE A 582 2.51 36.47 -20.64
C PHE A 582 2.29 35.36 -19.60
N VAL A 583 3.10 35.33 -18.55
CA VAL A 583 2.94 34.33 -17.52
C VAL A 583 2.68 34.99 -16.17
N ASP A 584 1.55 34.61 -15.55
CA ASP A 584 1.13 35.10 -14.24
C ASP A 584 2.01 34.45 -13.16
N SER A 585 3.12 35.09 -12.80
CA SER A 585 4.03 34.51 -11.82
C SER A 585 3.38 33.88 -10.57
N LYS A 586 2.19 34.34 -10.23
CA LYS A 586 1.48 33.84 -9.05
C LYS A 586 0.71 32.56 -9.30
N ARG A 587 0.89 32.01 -10.49
CA ARG A 587 0.21 30.78 -10.82
C ARG A 587 0.97 29.90 -11.81
N VAL A 588 2.06 29.34 -11.29
CA VAL A 588 2.96 28.44 -12.00
C VAL A 588 3.03 27.08 -11.28
N ALA A 589 2.75 26.00 -12.01
CA ALA A 589 2.78 24.64 -11.46
C ALA A 589 3.75 23.75 -12.26
N ILE A 590 4.02 22.54 -11.76
CA ILE A 590 4.89 21.61 -12.44
C ILE A 590 4.52 20.19 -12.06
N TRP A 591 4.37 19.33 -13.07
CA TRP A 591 4.02 17.93 -12.85
C TRP A 591 4.84 16.99 -13.71
N GLY A 592 4.88 15.73 -13.26
CA GLY A 592 5.63 14.73 -13.98
C GLY A 592 5.40 13.31 -13.52
N TRP A 593 5.59 12.39 -14.46
CA TRP A 593 5.43 10.96 -14.23
C TRP A 593 6.83 10.35 -14.18
N SER A 594 6.97 9.25 -13.44
CA SER A 594 8.24 8.53 -13.33
C SER A 594 9.43 9.45 -13.00
N TYR A 595 10.33 9.66 -13.96
CA TYR A 595 11.49 10.53 -13.75
C TYR A 595 10.95 11.94 -13.60
N GLY A 596 9.92 12.25 -14.40
CA GLY A 596 9.31 13.56 -14.34
C GLY A 596 8.76 13.83 -12.96
N GLY A 597 8.26 12.78 -12.32
CA GLY A 597 7.72 12.90 -10.97
C GLY A 597 8.86 13.19 -10.01
N TYR A 598 10.02 12.59 -10.27
CA TYR A 598 11.20 12.82 -9.44
C TYR A 598 11.57 14.30 -9.52
N VAL A 599 11.79 14.81 -10.72
CA VAL A 599 12.15 16.21 -10.91
C VAL A 599 11.08 17.12 -10.33
N THR A 600 9.81 16.83 -10.60
CA THR A 600 8.75 17.66 -10.05
C THR A 600 8.97 17.78 -8.55
N SER A 601 9.18 16.65 -7.89
CA SER A 601 9.41 16.63 -6.44
C SER A 601 10.69 17.35 -6.02
N MET A 602 11.78 17.16 -6.77
CA MET A 602 13.03 17.84 -6.48
C MET A 602 12.89 19.34 -6.68
N VAL A 603 12.07 19.74 -7.66
CA VAL A 603 11.87 21.16 -7.91
C VAL A 603 11.02 21.76 -6.81
N LEU A 604 9.83 21.19 -6.58
CA LEU A 604 8.95 21.70 -5.52
C LEU A 604 9.69 21.76 -4.18
N GLY A 605 10.61 20.84 -3.98
CA GLY A 605 11.34 20.78 -2.73
C GLY A 605 12.66 21.55 -2.72
N SER A 606 12.87 22.39 -3.71
CA SER A 606 14.08 23.19 -3.82
C SER A 606 13.96 24.51 -3.08
N GLY A 607 12.73 24.88 -2.72
CA GLY A 607 12.47 26.14 -2.05
C GLY A 607 12.95 27.29 -2.91
N SER A 608 12.74 27.19 -4.22
CA SER A 608 13.16 28.23 -5.15
C SER A 608 12.12 29.34 -5.20
N GLY A 609 10.96 29.04 -4.64
CA GLY A 609 9.89 30.02 -4.64
C GLY A 609 9.12 30.11 -5.94
N VAL A 610 9.76 29.77 -7.04
CA VAL A 610 9.15 29.84 -8.36
C VAL A 610 7.85 29.07 -8.59
N PHE A 611 7.62 27.98 -7.85
CA PHE A 611 6.40 27.18 -8.06
C PHE A 611 5.41 27.14 -6.91
N LYS A 612 4.13 27.13 -7.26
CA LYS A 612 3.07 27.14 -6.28
C LYS A 612 2.65 25.73 -5.90
N CYS A 613 2.46 24.90 -6.92
CA CYS A 613 2.04 23.54 -6.69
C CYS A 613 2.69 22.60 -7.68
N GLY A 614 2.42 21.32 -7.51
CA GLY A 614 3.00 20.34 -8.40
C GLY A 614 2.41 18.98 -8.14
N ILE A 615 2.52 18.11 -9.13
CA ILE A 615 2.00 16.76 -9.03
C ILE A 615 3.06 15.81 -9.52
N ALA A 616 3.37 14.82 -8.71
CA ALA A 616 4.36 13.80 -9.05
C ALA A 616 3.62 12.47 -9.07
N VAL A 617 3.63 11.80 -10.21
CA VAL A 617 2.98 10.51 -10.30
C VAL A 617 4.04 9.42 -10.35
N ALA A 618 3.95 8.47 -9.43
CA ALA A 618 4.88 7.34 -9.33
C ALA A 618 6.30 7.82 -9.50
N PRO A 619 6.69 8.80 -8.69
CA PRO A 619 8.03 9.35 -8.77
C PRO A 619 9.08 8.43 -8.17
N VAL A 620 10.33 8.73 -8.47
CA VAL A 620 11.44 7.98 -7.91
C VAL A 620 11.86 8.93 -6.78
N SER A 621 12.15 8.41 -5.58
CA SER A 621 12.55 9.29 -4.48
C SER A 621 14.03 9.27 -4.11
N ARG A 622 14.74 8.20 -4.42
CA ARG A 622 16.19 8.12 -4.20
C ARG A 622 16.61 6.97 -5.08
N TRP A 623 17.75 7.11 -5.76
CA TRP A 623 18.17 6.09 -6.70
C TRP A 623 18.51 4.67 -6.26
N GLU A 624 18.61 4.41 -4.97
CA GLU A 624 18.89 3.05 -4.57
C GLU A 624 17.62 2.23 -4.69
N TYR A 625 16.50 2.93 -4.84
CA TYR A 625 15.22 2.24 -4.95
C TYR A 625 14.92 1.75 -6.36
N TYR A 626 15.49 2.40 -7.36
CA TYR A 626 15.24 1.98 -8.73
C TYR A 626 16.14 0.85 -9.21
N ASP A 627 15.79 0.25 -10.34
CA ASP A 627 16.56 -0.89 -10.85
C ASP A 627 18.00 -0.58 -11.20
N SER A 628 18.78 -1.62 -11.42
CA SER A 628 20.20 -1.50 -11.71
C SER A 628 20.61 -1.01 -13.09
N VAL A 629 20.14 -1.70 -14.13
CA VAL A 629 20.49 -1.34 -15.50
C VAL A 629 20.30 0.15 -15.77
N TYR A 630 19.11 0.68 -15.46
CA TYR A 630 18.84 2.08 -15.70
C TYR A 630 19.67 3.02 -14.80
N THR A 631 19.46 2.93 -13.50
CA THR A 631 20.16 3.77 -12.55
C THR A 631 21.67 3.79 -12.71
N GLU A 632 22.29 2.62 -12.60
CA GLU A 632 23.75 2.54 -12.71
C GLU A 632 24.34 3.15 -13.99
N ARG A 633 23.58 3.11 -15.08
CA ARG A 633 24.04 3.67 -16.35
C ARG A 633 24.47 5.12 -16.16
N TYR A 634 23.73 5.83 -15.31
CA TYR A 634 23.99 7.24 -15.08
C TYR A 634 24.57 7.53 -13.70
N MET A 635 24.37 6.61 -12.76
CA MET A 635 24.84 6.84 -11.40
C MET A 635 25.97 6.00 -10.87
N GLY A 636 26.38 4.98 -11.62
CA GLY A 636 27.45 4.11 -11.14
C GLY A 636 26.89 3.24 -10.03
N LEU A 637 27.78 2.70 -9.20
CA LEU A 637 27.35 1.87 -8.10
C LEU A 637 27.24 2.69 -6.83
N PRO A 638 26.19 2.47 -6.04
CA PRO A 638 25.89 3.16 -4.79
C PRO A 638 26.81 2.76 -3.65
N THR A 639 28.08 2.56 -3.97
CA THR A 639 29.06 2.18 -2.97
C THR A 639 29.96 3.36 -2.64
N PRO A 640 30.63 3.34 -1.49
CA PRO A 640 31.51 4.44 -1.12
C PRO A 640 32.71 4.51 -2.04
N GLU A 641 33.01 3.38 -2.66
CA GLU A 641 34.13 3.31 -3.57
C GLU A 641 33.77 3.87 -4.93
N ASP A 642 32.52 4.28 -5.09
CA ASP A 642 32.07 4.84 -6.37
C ASP A 642 31.27 6.14 -6.24
N ASN A 643 29.94 6.04 -6.21
CA ASN A 643 29.09 7.23 -6.16
C ASN A 643 28.04 7.30 -5.04
N LEU A 644 28.20 6.52 -3.99
CA LEU A 644 27.24 6.54 -2.89
C LEU A 644 26.85 7.94 -2.47
N ASP A 645 27.83 8.84 -2.45
CA ASP A 645 27.58 10.20 -2.04
C ASP A 645 26.57 10.93 -2.91
N HIS A 646 26.70 10.84 -4.23
CA HIS A 646 25.71 11.52 -5.07
C HIS A 646 24.35 10.85 -4.95
N TYR A 647 24.34 9.56 -4.64
CA TYR A 647 23.06 8.86 -4.46
C TYR A 647 22.30 9.45 -3.28
N ARG A 648 22.98 9.51 -2.14
CA ARG A 648 22.41 10.03 -0.91
C ARG A 648 22.10 11.52 -0.90
N ASN A 649 22.85 12.27 -1.68
CA ASN A 649 22.65 13.71 -1.78
C ASN A 649 21.47 14.10 -2.68
N SER A 650 21.08 13.22 -3.61
CA SER A 650 20.00 13.50 -4.54
C SER A 650 18.66 12.91 -4.17
N THR A 651 18.42 12.86 -2.86
CA THR A 651 17.17 12.34 -2.32
C THR A 651 16.02 13.34 -2.30
N VAL A 652 14.79 12.85 -2.44
CA VAL A 652 13.61 13.72 -2.40
C VAL A 652 13.27 13.97 -0.94
N MET A 653 13.32 12.92 -0.13
CA MET A 653 12.98 13.06 1.28
C MET A 653 13.89 14.02 2.03
N SER A 654 15.05 14.31 1.47
CA SER A 654 15.99 15.22 2.10
C SER A 654 15.57 16.66 1.94
N ARG A 655 14.54 16.90 1.12
CA ARG A 655 14.06 18.26 0.87
C ARG A 655 12.67 18.49 1.45
N ALA A 656 12.20 17.54 2.25
CA ALA A 656 10.88 17.61 2.88
C ALA A 656 10.53 19.01 3.41
N GLU A 657 11.41 19.56 4.21
CA GLU A 657 11.19 20.90 4.75
C GLU A 657 10.70 21.89 3.71
N ASN A 658 11.46 22.08 2.62
CA ASN A 658 11.07 23.03 1.59
C ASN A 658 9.68 22.82 1.00
N PHE A 659 9.03 21.71 1.35
CA PHE A 659 7.68 21.45 0.84
C PHE A 659 6.61 22.27 1.58
N LYS A 660 6.95 22.89 2.71
CA LYS A 660 5.97 23.69 3.44
C LYS A 660 5.50 24.84 2.57
N GLN A 661 6.38 25.32 1.69
CA GLN A 661 6.04 26.42 0.80
C GLN A 661 5.41 25.94 -0.52
N VAL A 662 4.66 24.84 -0.49
CA VAL A 662 4.08 24.32 -1.72
C VAL A 662 2.93 23.33 -1.52
N GLU A 663 1.97 23.37 -2.44
CA GLU A 663 0.87 22.42 -2.40
C GLU A 663 1.39 21.24 -3.23
N TYR A 664 1.32 20.03 -2.68
CA TYR A 664 1.85 18.88 -3.37
C TYR A 664 0.84 17.75 -3.46
N LEU A 665 0.75 17.14 -4.64
CA LEU A 665 -0.14 15.99 -4.86
C LEU A 665 0.72 14.78 -5.27
N LEU A 666 0.81 13.79 -4.40
CA LEU A 666 1.59 12.58 -4.63
C LEU A 666 0.69 11.41 -4.97
N ILE A 667 0.80 10.91 -6.20
CA ILE A 667 -0.03 9.79 -6.66
C ILE A 667 0.81 8.55 -6.90
N HIS A 668 0.25 7.37 -6.68
CA HIS A 668 1.01 6.15 -6.93
C HIS A 668 0.20 4.88 -7.03
N GLY A 669 0.62 4.01 -7.95
CA GLY A 669 -0.08 2.76 -8.16
C GLY A 669 0.31 1.67 -7.17
N THR A 670 -0.70 0.97 -6.66
CA THR A 670 -0.51 -0.10 -5.69
C THR A 670 0.26 -1.32 -6.18
N ALA A 671 0.10 -1.66 -7.45
CA ALA A 671 0.77 -2.81 -8.03
C ALA A 671 1.83 -2.37 -9.04
N ASP A 672 2.51 -1.29 -8.71
CA ASP A 672 3.55 -0.76 -9.57
C ASP A 672 4.85 -1.56 -9.40
N ASP A 673 5.18 -2.34 -10.44
CA ASP A 673 6.39 -3.18 -10.44
C ASP A 673 7.63 -2.47 -10.99
N ASN A 674 7.46 -1.26 -11.55
CA ASN A 674 8.61 -0.53 -12.09
C ASN A 674 9.18 0.40 -11.02
N VAL A 675 8.37 1.37 -10.61
CA VAL A 675 8.73 2.32 -9.55
C VAL A 675 7.84 1.79 -8.42
N HIS A 676 8.49 1.18 -7.43
CA HIS A 676 7.83 0.48 -6.33
C HIS A 676 6.91 1.03 -5.25
N PHE A 677 6.30 2.19 -5.38
CA PHE A 677 5.42 2.65 -4.29
C PHE A 677 6.23 2.89 -3.03
N GLN A 678 7.21 2.03 -2.77
CA GLN A 678 8.10 2.19 -1.65
C GLN A 678 8.68 3.58 -1.77
N GLN A 679 8.86 4.03 -3.01
CA GLN A 679 9.42 5.34 -3.27
C GLN A 679 8.51 6.47 -2.79
N SER A 680 7.22 6.36 -3.09
CA SER A 680 6.27 7.37 -2.64
C SER A 680 6.02 7.25 -1.13
N ALA A 681 5.93 6.02 -0.64
CA ALA A 681 5.71 5.75 0.78
C ALA A 681 6.83 6.35 1.60
N GLN A 682 8.01 6.37 1.02
CA GLN A 682 9.16 6.92 1.69
C GLN A 682 9.06 8.45 1.71
N ILE A 683 8.58 9.02 0.61
CA ILE A 683 8.40 10.47 0.49
C ILE A 683 7.39 10.94 1.53
N SER A 684 6.21 10.36 1.48
CA SER A 684 5.13 10.69 2.41
C SER A 684 5.59 10.60 3.85
N LYS A 685 6.41 9.61 4.16
CA LYS A 685 6.90 9.45 5.51
C LYS A 685 7.79 10.63 5.87
N ALA A 686 8.64 11.03 4.93
CA ALA A 686 9.55 12.15 5.17
C ALA A 686 8.74 13.41 5.44
N LEU A 687 7.72 13.64 4.63
CA LEU A 687 6.86 14.80 4.77
C LEU A 687 6.11 14.81 6.10
N VAL A 688 5.66 13.64 6.53
CA VAL A 688 4.93 13.52 7.80
C VAL A 688 5.86 13.81 8.99
N ASP A 689 7.12 13.37 8.88
CA ASP A 689 8.08 13.60 9.95
C ASP A 689 8.44 15.08 10.00
N ALA A 690 8.45 15.72 8.82
CA ALA A 690 8.79 17.14 8.71
C ALA A 690 7.64 18.03 9.14
N GLY A 691 6.45 17.44 9.26
CA GLY A 691 5.28 18.18 9.64
C GLY A 691 4.79 19.01 8.47
N VAL A 692 4.80 18.45 7.27
CA VAL A 692 4.36 19.14 6.05
C VAL A 692 3.09 18.52 5.49
N ASP A 693 2.02 19.29 5.41
CA ASP A 693 0.78 18.74 4.87
C ASP A 693 0.91 18.65 3.37
N PHE A 694 0.19 17.69 2.79
CA PHE A 694 0.24 17.47 1.34
C PHE A 694 -0.91 16.56 0.98
N GLN A 695 -1.13 16.34 -0.31
CA GLN A 695 -2.21 15.48 -0.73
C GLN A 695 -1.68 14.22 -1.38
N ALA A 696 -2.36 13.11 -1.13
CA ALA A 696 -1.93 11.84 -1.69
C ALA A 696 -3.10 11.09 -2.32
N MET A 697 -2.76 10.09 -3.12
CA MET A 697 -3.78 9.30 -3.79
C MET A 697 -3.14 8.01 -4.27
N TRP A 698 -3.69 6.89 -3.82
CA TRP A 698 -3.17 5.61 -4.23
C TRP A 698 -4.16 5.01 -5.22
N TYR A 699 -3.68 4.15 -6.10
CA TYR A 699 -4.57 3.50 -7.03
C TYR A 699 -4.47 1.99 -6.86
N THR A 700 -5.51 1.45 -6.25
CA THR A 700 -5.59 0.03 -5.99
C THR A 700 -5.38 -0.84 -7.20
N ASP A 701 -4.41 -1.74 -7.09
CA ASP A 701 -4.10 -2.69 -8.16
C ASP A 701 -3.67 -2.09 -9.50
N GLU A 702 -3.27 -0.82 -9.50
CA GLU A 702 -2.84 -0.22 -10.73
C GLU A 702 -1.36 -0.39 -10.98
N ASP A 703 -1.05 -0.39 -12.26
CA ASP A 703 0.27 -0.56 -12.80
C ASP A 703 1.13 0.69 -12.60
N HIS A 704 2.24 0.76 -13.32
CA HIS A 704 3.10 1.94 -13.25
C HIS A 704 2.52 2.98 -14.17
N GLY A 705 1.62 2.57 -15.04
CA GLY A 705 0.99 3.50 -15.95
C GLY A 705 -0.41 3.91 -15.53
N ILE A 706 -0.93 3.28 -14.47
CA ILE A 706 -2.27 3.58 -13.98
C ILE A 706 -3.14 3.80 -15.22
N ALA A 707 -3.04 2.88 -16.15
CA ALA A 707 -3.75 3.01 -17.40
C ALA A 707 -5.03 2.24 -17.60
N SER A 708 -5.50 1.52 -16.60
CA SER A 708 -6.76 0.82 -16.81
C SER A 708 -7.80 1.91 -17.03
N SER A 709 -8.73 1.68 -17.94
CA SER A 709 -9.74 2.68 -18.27
C SER A 709 -10.25 3.55 -17.13
N THR A 710 -10.91 2.96 -16.14
CA THR A 710 -11.43 3.74 -15.02
C THR A 710 -10.34 4.51 -14.25
N ALA A 711 -9.26 3.82 -13.88
CA ALA A 711 -8.18 4.51 -13.17
C ALA A 711 -7.64 5.67 -13.97
N HIS A 712 -7.44 5.46 -15.27
CA HIS A 712 -6.92 6.49 -16.15
C HIS A 712 -7.75 7.77 -16.09
N GLN A 713 -9.06 7.58 -16.20
CA GLN A 713 -9.98 8.69 -16.18
C GLN A 713 -10.00 9.38 -14.83
N HIS A 714 -9.97 8.58 -13.77
CA HIS A 714 -10.00 9.07 -12.42
C HIS A 714 -8.78 9.87 -12.01
N ILE A 715 -7.61 9.43 -12.47
CA ILE A 715 -6.38 10.11 -12.11
C ILE A 715 -6.26 11.44 -12.80
N TYR A 716 -6.79 11.56 -14.01
CA TYR A 716 -6.69 12.86 -14.68
C TYR A 716 -7.77 13.81 -14.19
N SER A 717 -8.86 13.25 -13.69
CA SER A 717 -9.93 14.06 -13.16
C SER A 717 -9.43 14.57 -11.82
N HIS A 718 -8.78 13.71 -11.07
CA HIS A 718 -8.27 14.12 -9.77
C HIS A 718 -7.16 15.16 -9.92
N MET A 719 -6.37 15.05 -10.97
CA MET A 719 -5.29 16.01 -11.17
C MET A 719 -5.82 17.34 -11.71
N SER A 720 -6.89 17.27 -12.50
CA SER A 720 -7.49 18.46 -13.05
C SER A 720 -8.06 19.27 -11.91
N HIS A 721 -8.81 18.64 -11.01
CA HIS A 721 -9.36 19.37 -9.89
C HIS A 721 -8.26 19.95 -8.99
N PHE A 722 -7.13 19.25 -8.90
CA PHE A 722 -6.05 19.75 -8.07
C PHE A 722 -5.55 21.08 -8.61
N LEU A 723 -5.32 21.13 -9.93
CA LEU A 723 -4.85 22.37 -10.54
C LEU A 723 -5.89 23.48 -10.41
N GLN A 724 -7.14 23.17 -10.73
CA GLN A 724 -8.21 24.15 -10.62
C GLN A 724 -8.22 24.74 -9.20
N GLN A 725 -8.11 23.88 -8.18
CA GLN A 725 -8.07 24.38 -6.81
C GLN A 725 -6.82 25.24 -6.65
N CYS A 726 -5.67 24.76 -7.10
CA CYS A 726 -4.41 25.50 -6.97
C CYS A 726 -4.34 26.81 -7.75
N PHE A 727 -4.95 26.85 -8.92
CA PHE A 727 -4.96 28.04 -9.77
C PHE A 727 -6.21 28.87 -9.56
N SER A 728 -6.92 28.55 -8.49
CA SER A 728 -8.12 29.27 -8.13
C SER A 728 -9.10 29.40 -9.30
N LEU A 729 -9.14 28.39 -10.16
CA LEU A 729 -10.09 28.37 -11.27
C LEU A 729 -11.30 27.63 -10.68
N ARG A 730 -11.82 26.63 -11.40
CA ARG A 730 -12.97 25.78 -10.97
C ARG A 730 -14.15 26.50 -10.27
N ARG B 1 -9.75 35.05 26.99
CA ARG B 1 -10.28 35.32 25.61
C ARG B 1 -9.64 34.41 24.53
N ARG B 2 -8.75 33.49 24.93
CA ARG B 2 -8.09 32.57 23.99
C ARG B 2 -8.93 31.28 23.76
N THR B 3 -8.89 30.74 22.54
CA THR B 3 -9.65 29.53 22.20
C THR B 3 -8.76 28.28 22.39
N TYR B 4 -9.35 27.08 22.30
CA TYR B 4 -8.59 25.83 22.43
C TYR B 4 -8.05 25.47 21.02
N THR B 5 -6.82 25.91 20.74
CA THR B 5 -6.14 25.67 19.46
C THR B 5 -5.95 24.18 19.09
N LEU B 6 -5.71 23.87 17.80
CA LEU B 6 -5.47 22.48 17.39
C LEU B 6 -4.11 22.14 17.98
N ALA B 7 -3.28 23.18 18.12
CA ALA B 7 -1.94 23.02 18.69
C ALA B 7 -2.07 22.61 20.15
N ASP B 8 -3.09 23.12 20.85
CA ASP B 8 -3.30 22.78 22.26
C ASP B 8 -3.52 21.29 22.43
N TYR B 9 -4.26 20.73 21.49
CA TYR B 9 -4.58 19.32 21.47
C TYR B 9 -3.34 18.52 21.12
N LEU B 10 -2.82 18.77 19.93
CA LEU B 10 -1.64 18.07 19.44
C LEU B 10 -0.43 18.17 20.34
N LYS B 11 -0.23 19.31 21.00
CA LYS B 11 0.92 19.46 21.89
C LYS B 11 0.59 19.18 23.35
N ASN B 12 -0.63 18.67 23.60
CA ASN B 12 -1.05 18.35 24.95
C ASN B 12 -0.63 19.50 25.88
N THR B 13 -1.13 20.69 25.56
CA THR B 13 -0.84 21.90 26.30
C THR B 13 -1.41 21.84 27.70
N PHE B 14 -2.69 21.52 27.78
CA PHE B 14 -3.38 21.43 29.05
C PHE B 14 -3.46 19.98 29.54
N ARG B 15 -2.48 19.59 30.32
CA ARG B 15 -2.40 18.25 30.86
C ARG B 15 -3.49 17.97 31.93
N VAL B 16 -4.12 16.80 31.84
CA VAL B 16 -5.13 16.39 32.81
C VAL B 16 -4.50 15.36 33.73
N LYS B 17 -4.57 15.58 35.03
CA LYS B 17 -3.98 14.65 35.98
C LYS B 17 -4.92 13.56 36.50
N SER B 18 -4.32 12.59 37.18
CA SER B 18 -5.06 11.46 37.74
C SER B 18 -4.28 10.91 38.93
N TYR B 19 -4.83 9.88 39.57
CA TYR B 19 -4.11 9.29 40.70
C TYR B 19 -4.12 7.78 40.54
N SER B 20 -3.17 7.28 39.74
CA SER B 20 -3.08 5.85 39.53
C SER B 20 -2.17 5.25 40.60
N LEU B 21 -2.81 4.62 41.58
CA LEU B 21 -2.11 4.00 42.71
C LEU B 21 -2.09 2.49 42.55
N ARG B 22 -1.34 1.83 43.42
CA ARG B 22 -1.27 0.37 43.39
C ARG B 22 -1.39 -0.17 44.81
N TRP B 23 -2.52 -0.80 45.10
CA TRP B 23 -2.76 -1.36 46.43
C TRP B 23 -1.80 -2.51 46.71
N VAL B 24 -0.88 -2.30 47.65
CA VAL B 24 0.07 -3.35 48.00
C VAL B 24 -0.50 -4.24 49.09
N SER B 25 -1.53 -3.75 49.77
CA SER B 25 -2.16 -4.51 50.82
C SER B 25 -3.61 -4.04 50.99
N ASP B 26 -4.14 -4.26 52.18
CA ASP B 26 -5.50 -3.87 52.47
C ASP B 26 -5.48 -2.47 53.08
N SER B 27 -4.28 -1.92 53.24
CA SER B 27 -4.17 -0.60 53.86
C SER B 27 -3.06 0.32 53.34
N GLU B 28 -2.18 -0.21 52.49
CA GLU B 28 -1.11 0.61 51.93
C GLU B 28 -1.13 0.54 50.40
N TYR B 29 -0.63 1.58 49.75
CA TYR B 29 -0.59 1.57 48.30
C TYR B 29 0.68 2.23 47.77
N LEU B 30 1.02 1.91 46.53
CA LEU B 30 2.18 2.47 45.89
C LEU B 30 1.75 3.60 44.96
N TYR B 31 2.60 4.60 44.84
CA TYR B 31 2.32 5.73 43.97
C TYR B 31 3.61 6.34 43.44
N LYS B 32 3.64 6.58 42.12
CA LYS B 32 4.80 7.14 41.46
C LYS B 32 4.74 8.67 41.62
N GLN B 33 5.82 9.24 42.14
CA GLN B 33 5.90 10.68 42.32
C GLN B 33 7.30 11.16 41.92
N GLU B 34 7.34 12.00 40.89
CA GLU B 34 8.61 12.51 40.39
C GLU B 34 9.59 11.34 40.26
N ASN B 35 9.15 10.28 39.58
CA ASN B 35 9.96 9.07 39.37
C ASN B 35 10.56 8.45 40.64
N ASN B 36 9.71 8.44 41.66
CA ASN B 36 10.05 7.89 42.96
C ASN B 36 8.82 7.09 43.31
N ILE B 37 9.00 5.84 43.69
CA ILE B 37 7.85 5.05 44.08
C ILE B 37 7.66 5.27 45.58
N LEU B 38 6.48 5.76 45.95
CA LEU B 38 6.19 6.02 47.34
C LEU B 38 5.11 5.12 47.87
N LEU B 39 5.28 4.66 49.12
CA LEU B 39 4.32 3.81 49.77
C LEU B 39 3.51 4.74 50.65
N PHE B 40 2.20 4.71 50.49
CA PHE B 40 1.31 5.55 51.27
C PHE B 40 0.45 4.70 52.21
N ASN B 41 0.00 5.32 53.30
CA ASN B 41 -0.86 4.62 54.25
C ASN B 41 -2.27 5.16 54.12
N ALA B 42 -3.17 4.38 53.53
CA ALA B 42 -4.55 4.84 53.42
C ALA B 42 -5.00 4.92 54.88
N GLU B 43 -5.49 6.09 55.26
CA GLU B 43 -5.95 6.40 56.63
C GLU B 43 -5.30 7.75 56.86
N HIS B 44 -4.02 7.72 57.23
CA HIS B 44 -3.25 8.95 57.43
C HIS B 44 -2.36 9.14 56.19
N GLY B 45 -2.21 10.39 55.73
CA GLY B 45 -1.34 10.63 54.57
C GLY B 45 0.05 10.02 54.68
N ASN B 46 0.36 9.44 55.86
CA ASN B 46 1.62 8.75 56.19
C ASN B 46 2.20 8.22 54.87
N SER B 47 3.32 8.78 54.42
CA SER B 47 3.93 8.29 53.17
C SER B 47 5.32 7.74 53.45
N SER B 48 6.01 7.30 52.39
CA SER B 48 7.36 6.76 52.53
C SER B 48 7.98 6.29 51.20
N ILE B 49 9.25 6.62 50.99
CA ILE B 49 9.96 6.24 49.77
C ILE B 49 10.14 4.72 49.63
N PHE B 50 9.63 4.16 48.53
CA PHE B 50 9.75 2.73 48.29
C PHE B 50 10.97 2.48 47.40
N LEU B 51 10.98 3.14 46.25
CA LEU B 51 12.08 3.07 45.28
C LEU B 51 12.40 4.51 44.90
N GLU B 52 13.68 4.82 44.76
CA GLU B 52 14.08 6.19 44.47
C GLU B 52 14.06 6.73 43.05
N ASN B 53 14.24 8.05 42.99
CA ASN B 53 14.34 8.80 41.73
C ASN B 53 15.46 7.97 41.09
N SER B 54 16.36 7.47 41.96
CA SER B 54 17.50 6.63 41.59
C SER B 54 17.04 5.31 40.96
N THR B 55 17.85 4.27 41.10
CA THR B 55 17.49 2.95 40.57
C THR B 55 17.15 3.07 39.06
N PHE B 56 15.94 3.52 38.76
CA PHE B 56 15.49 3.69 37.38
C PHE B 56 16.55 4.23 36.38
N GLU B 57 17.39 5.18 36.82
CA GLU B 57 18.41 5.75 35.92
C GLU B 57 19.58 4.81 35.58
N ILE B 58 19.72 3.71 36.34
CA ILE B 58 20.81 2.76 36.05
C ILE B 58 20.58 2.24 34.62
N PHE B 59 19.31 1.90 34.35
CA PHE B 59 18.86 1.39 33.04
C PHE B 59 18.44 2.65 32.24
N GLY B 60 19.24 3.68 32.46
CA GLY B 60 19.09 4.97 31.82
C GLY B 60 17.75 5.67 31.87
N ASP B 61 17.19 5.82 30.68
CA ASP B 61 15.93 6.48 30.44
C ASP B 61 15.06 5.47 29.65
N SER B 62 15.52 4.22 29.57
CA SER B 62 14.73 3.23 28.83
C SER B 62 13.89 2.39 29.79
N ILE B 63 13.83 2.80 31.06
CA ILE B 63 13.00 2.08 32.03
C ILE B 63 11.52 2.30 31.72
N SER B 64 10.97 1.37 30.97
CA SER B 64 9.58 1.39 30.55
C SER B 64 8.57 1.23 31.68
N ASP B 65 8.86 0.38 32.65
CA ASP B 65 7.91 0.13 33.73
C ASP B 65 8.51 -0.65 34.90
N TYR B 66 7.69 -0.91 35.91
CA TYR B 66 8.15 -1.64 37.09
C TYR B 66 7.00 -2.45 37.69
N SER B 67 7.34 -3.60 38.26
CA SER B 67 6.37 -4.47 38.89
C SER B 67 6.97 -4.97 40.20
N VAL B 68 6.32 -4.64 41.29
CA VAL B 68 6.79 -5.03 42.62
C VAL B 68 6.20 -6.38 43.04
N SER B 69 7.07 -7.34 43.36
CA SER B 69 6.57 -8.64 43.78
C SER B 69 5.53 -8.42 44.87
N PRO B 70 4.55 -9.33 44.97
CA PRO B 70 3.53 -9.17 46.02
C PRO B 70 4.08 -9.16 47.46
N ASP B 71 5.17 -9.88 47.70
CA ASP B 71 5.78 -9.90 49.03
C ASP B 71 6.76 -8.72 49.19
N ARG B 72 6.59 -7.72 48.34
CA ARG B 72 7.38 -6.49 48.37
C ARG B 72 8.87 -6.66 48.55
N LEU B 73 9.40 -7.83 48.21
CA LEU B 73 10.82 -8.04 48.38
C LEU B 73 11.62 -7.69 47.13
N PHE B 74 11.00 -7.84 45.96
CA PHE B 74 11.69 -7.53 44.71
C PHE B 74 10.93 -6.64 43.77
N VAL B 75 11.66 -6.07 42.82
CA VAL B 75 11.06 -5.20 41.83
C VAL B 75 11.53 -5.59 40.45
N LEU B 76 10.58 -5.72 39.53
CA LEU B 76 10.85 -6.04 38.14
C LEU B 76 11.04 -4.71 37.43
N LEU B 77 12.17 -4.55 36.75
CA LEU B 77 12.43 -3.30 36.04
C LEU B 77 12.41 -3.58 34.55
N GLU B 78 11.38 -3.06 33.89
CA GLU B 78 11.18 -3.27 32.47
C GLU B 78 11.91 -2.18 31.69
N TYR B 79 12.46 -2.55 30.55
CA TYR B 79 13.17 -1.61 29.69
C TYR B 79 13.38 -2.26 28.34
N ASN B 80 13.61 -1.46 27.30
CA ASN B 80 13.77 -1.97 25.92
C ASN B 80 12.45 -2.45 25.36
N TYR B 81 11.38 -1.77 25.77
CA TYR B 81 10.03 -2.06 25.35
C TYR B 81 9.89 -1.83 23.84
N VAL B 82 9.44 -2.88 23.15
CA VAL B 82 9.22 -2.85 21.70
C VAL B 82 7.79 -3.36 21.49
N LYS B 83 6.92 -2.48 21.03
CA LYS B 83 5.52 -2.82 20.78
C LYS B 83 5.36 -3.85 19.68
N GLN B 84 4.17 -4.46 19.65
CA GLN B 84 3.78 -5.47 18.67
C GLN B 84 2.30 -5.74 18.91
N TRP B 85 1.43 -5.16 18.10
CA TRP B 85 -0.04 -5.32 18.26
C TRP B 85 -0.54 -4.48 19.44
N ARG B 86 -1.83 -4.60 19.72
CA ARG B 86 -2.46 -3.82 20.76
C ARG B 86 -1.87 -3.92 22.14
N HIS B 87 -1.57 -5.14 22.60
CA HIS B 87 -1.03 -5.31 23.95
C HIS B 87 0.32 -6.01 24.01
N SER B 88 0.63 -6.77 22.96
CA SER B 88 1.90 -7.51 22.92
C SER B 88 3.07 -6.54 22.82
N TYR B 89 4.23 -7.03 23.24
CA TYR B 89 5.46 -6.26 23.17
C TYR B 89 6.53 -7.08 23.85
N THR B 90 7.80 -6.83 23.54
CA THR B 90 8.88 -7.57 24.15
C THR B 90 9.76 -6.59 24.87
N ALA B 91 10.31 -6.99 26.00
CA ALA B 91 11.18 -6.10 26.74
C ALA B 91 12.35 -6.85 27.35
N SER B 92 13.14 -6.12 28.12
CA SER B 92 14.31 -6.66 28.83
C SER B 92 13.97 -6.43 30.30
N TYR B 93 14.44 -7.32 31.17
CA TYR B 93 14.13 -7.16 32.58
C TYR B 93 15.30 -7.32 33.53
N SER B 94 15.16 -6.67 34.69
CA SER B 94 16.15 -6.74 35.75
C SER B 94 15.38 -6.89 37.05
N ILE B 95 15.90 -7.69 37.98
CA ILE B 95 15.21 -7.87 39.25
C ILE B 95 16.03 -7.11 40.29
N TYR B 96 15.40 -6.12 40.92
CA TYR B 96 16.12 -5.36 41.93
C TYR B 96 15.72 -5.90 43.30
N ASP B 97 16.74 -6.32 44.05
CA ASP B 97 16.52 -6.86 45.39
C ASP B 97 16.43 -5.70 46.38
N LEU B 98 15.21 -5.36 46.79
CA LEU B 98 15.03 -4.25 47.72
C LEU B 98 15.90 -4.43 48.97
N ASN B 99 15.73 -5.57 49.62
CA ASN B 99 16.46 -5.94 50.83
C ASN B 99 17.99 -5.88 50.67
N LYS B 100 18.52 -6.64 49.71
CA LYS B 100 19.96 -6.69 49.47
C LYS B 100 20.44 -5.38 48.81
N ARG B 101 19.48 -4.50 48.52
CA ARG B 101 19.76 -3.19 47.91
C ARG B 101 20.61 -3.17 46.64
N GLN B 102 20.26 -3.99 45.64
CA GLN B 102 20.99 -4.02 44.38
C GLN B 102 20.32 -4.95 43.38
N LEU B 103 20.73 -4.81 42.11
CA LEU B 103 20.18 -5.62 41.01
C LEU B 103 20.74 -7.02 40.95
N ILE B 104 19.85 -8.00 41.06
CA ILE B 104 20.22 -9.41 40.99
C ILE B 104 20.88 -9.55 39.63
N THR B 105 21.99 -10.27 39.58
CA THR B 105 22.72 -10.39 38.34
C THR B 105 23.04 -11.83 37.90
N GLU B 106 22.68 -12.80 38.74
CA GLU B 106 22.97 -14.21 38.46
C GLU B 106 22.14 -14.79 37.31
N GLU B 107 21.11 -15.57 37.65
CA GLU B 107 20.28 -16.18 36.64
C GLU B 107 19.38 -15.09 36.05
N LYS B 108 19.93 -14.25 35.17
CA LYS B 108 19.15 -13.17 34.59
C LYS B 108 18.00 -13.67 33.72
N ILE B 109 17.07 -12.77 33.41
CA ILE B 109 15.94 -13.13 32.57
C ILE B 109 16.19 -12.67 31.12
N PRO B 110 16.12 -13.61 30.15
CA PRO B 110 16.34 -13.43 28.72
C PRO B 110 16.01 -12.05 28.20
N ASN B 111 16.89 -11.56 27.33
CA ASN B 111 16.75 -10.23 26.77
C ASN B 111 15.69 -9.97 25.75
N ASN B 112 14.74 -10.89 25.59
CA ASN B 112 13.70 -10.62 24.64
C ASN B 112 12.36 -11.15 25.04
N THR B 113 12.16 -11.24 26.35
CA THR B 113 10.93 -11.75 26.92
C THR B 113 9.63 -11.16 26.35
N GLN B 114 8.68 -12.06 26.10
CA GLN B 114 7.38 -11.72 25.55
C GLN B 114 6.39 -11.45 26.69
N TRP B 115 6.67 -11.95 27.88
CA TRP B 115 5.79 -11.71 29.00
C TRP B 115 6.30 -12.29 30.32
N ILE B 116 6.10 -11.54 31.38
CA ILE B 116 6.54 -11.95 32.70
C ILE B 116 5.50 -11.51 33.75
N THR B 117 5.50 -12.20 34.87
CA THR B 117 4.56 -11.87 35.94
C THR B 117 4.89 -12.59 37.24
N TRP B 118 4.64 -11.92 38.35
CA TRP B 118 4.90 -12.50 39.66
C TRP B 118 3.75 -13.43 39.98
N SER B 119 3.98 -14.29 40.98
CA SER B 119 2.95 -15.20 41.45
C SER B 119 2.05 -14.27 42.28
N GLN B 120 0.93 -14.76 42.77
CA GLN B 120 0.06 -13.89 43.56
C GLN B 120 0.61 -13.74 44.98
N GLU B 121 1.47 -14.68 45.35
CA GLU B 121 2.06 -14.76 46.69
C GLU B 121 3.44 -14.15 46.89
N GLY B 122 4.47 -14.99 46.87
CA GLY B 122 5.82 -14.50 47.12
C GLY B 122 6.55 -13.80 46.01
N HIS B 123 7.59 -14.46 45.52
CA HIS B 123 8.40 -13.91 44.47
C HIS B 123 8.64 -14.93 43.34
N LYS B 124 7.58 -15.67 43.02
CA LYS B 124 7.66 -16.63 41.95
C LYS B 124 7.42 -15.89 40.64
N LEU B 125 8.23 -16.24 39.64
CA LEU B 125 8.15 -15.63 38.32
C LEU B 125 7.86 -16.65 37.22
N ALA B 126 7.06 -16.23 36.26
CA ALA B 126 6.73 -17.06 35.10
C ALA B 126 6.90 -16.11 33.94
N TYR B 127 7.58 -16.55 32.90
CA TYR B 127 7.77 -15.69 31.75
C TYR B 127 7.83 -16.49 30.45
N VAL B 128 7.40 -15.87 29.36
CA VAL B 128 7.41 -16.54 28.08
C VAL B 128 8.50 -15.90 27.27
N TRP B 129 9.27 -16.74 26.60
CA TRP B 129 10.36 -16.28 25.78
C TRP B 129 10.46 -17.28 24.65
N LYS B 130 10.49 -16.80 23.41
CA LYS B 130 10.55 -17.69 22.26
C LYS B 130 9.34 -18.62 22.29
N ASN B 131 8.19 -18.05 22.65
CA ASN B 131 6.93 -18.79 22.73
C ASN B 131 6.84 -19.90 23.76
N ASP B 132 7.87 -20.05 24.60
CA ASP B 132 7.89 -21.08 25.64
C ASP B 132 7.83 -20.49 27.06
N ILE B 133 7.21 -21.24 27.97
CA ILE B 133 7.07 -20.81 29.37
C ILE B 133 8.23 -21.24 30.26
N TYR B 134 8.68 -20.32 31.11
CA TYR B 134 9.78 -20.58 32.06
C TYR B 134 9.37 -20.16 33.47
N VAL B 135 9.91 -20.83 34.48
CA VAL B 135 9.61 -20.51 35.87
C VAL B 135 10.86 -20.38 36.72
N LYS B 136 10.86 -19.39 37.61
CA LYS B 136 11.95 -19.16 38.54
C LYS B 136 11.30 -19.11 39.91
N ILE B 137 11.53 -20.13 40.73
CA ILE B 137 10.93 -20.19 42.05
C ILE B 137 11.27 -18.96 42.90
N GLU B 138 12.45 -18.40 42.66
CA GLU B 138 12.91 -17.22 43.39
C GLU B 138 13.87 -16.51 42.43
N PRO B 139 13.92 -15.15 42.49
CA PRO B 139 14.79 -14.32 41.63
C PRO B 139 16.27 -14.65 41.44
N HIS B 140 16.91 -15.28 42.43
CA HIS B 140 18.33 -15.60 42.30
C HIS B 140 18.56 -16.94 41.62
N LEU B 141 17.57 -17.83 41.79
CA LEU B 141 17.59 -19.18 41.25
C LEU B 141 17.41 -19.25 39.74
N PRO B 142 17.87 -20.35 39.13
CA PRO B 142 17.78 -20.60 37.68
C PRO B 142 16.40 -20.97 37.12
N SER B 143 16.21 -20.61 35.85
CA SER B 143 14.98 -20.87 35.11
C SER B 143 14.69 -22.35 34.94
N HIS B 144 13.40 -22.69 34.90
CA HIS B 144 12.94 -24.07 34.70
C HIS B 144 12.00 -24.03 33.51
N ARG B 145 12.45 -24.59 32.39
CA ARG B 145 11.65 -24.58 31.18
C ARG B 145 10.39 -25.44 31.31
N ILE B 146 9.23 -24.84 31.11
CA ILE B 146 7.97 -25.57 31.25
C ILE B 146 7.42 -26.13 29.94
N THR B 147 7.77 -25.50 28.82
CA THR B 147 7.30 -26.00 27.53
C THR B 147 8.46 -25.88 26.56
N SER B 148 8.37 -26.63 25.46
CA SER B 148 9.43 -26.62 24.45
C SER B 148 8.85 -26.78 23.05
N THR B 149 7.54 -26.64 22.93
CA THR B 149 6.87 -26.77 21.64
C THR B 149 6.73 -25.42 20.98
N GLY B 150 7.06 -24.38 21.73
CA GLY B 150 6.97 -23.03 21.23
C GLY B 150 7.58 -22.81 19.87
N LYS B 151 6.89 -22.07 19.03
CA LYS B 151 7.37 -21.77 17.69
C LYS B 151 6.65 -20.58 17.11
N GLU B 152 7.43 -19.62 16.62
CA GLU B 152 6.87 -18.40 16.06
C GLU B 152 5.77 -18.55 14.99
N ASN B 153 4.64 -17.89 15.24
CA ASN B 153 3.50 -17.95 14.34
C ASN B 153 2.89 -19.34 14.19
N VAL B 154 3.26 -20.25 15.08
CA VAL B 154 2.73 -21.60 15.01
C VAL B 154 2.21 -22.07 16.36
N ILE B 155 3.11 -22.23 17.32
CA ILE B 155 2.69 -22.68 18.63
C ILE B 155 2.92 -21.62 19.70
N PHE B 156 1.85 -21.20 20.35
CA PHE B 156 1.98 -20.22 21.40
C PHE B 156 1.76 -20.84 22.77
N ASN B 157 2.74 -20.69 23.65
CA ASN B 157 2.61 -21.22 25.01
C ASN B 157 2.58 -20.10 26.02
N GLY B 158 1.45 -19.92 26.69
CA GLY B 158 1.37 -18.90 27.70
C GLY B 158 1.17 -17.47 27.22
N ILE B 159 0.99 -17.29 25.92
CA ILE B 159 0.74 -15.98 25.35
C ILE B 159 -0.30 -16.21 24.29
N ASN B 160 -1.06 -15.18 23.92
CA ASN B 160 -2.10 -15.33 22.91
C ASN B 160 -1.66 -15.03 21.48
N ASP B 161 -2.26 -15.74 20.52
CA ASP B 161 -1.95 -15.50 19.11
C ASP B 161 -2.64 -14.18 18.76
N TRP B 162 -2.57 -13.73 17.52
CA TRP B 162 -3.16 -12.43 17.19
C TRP B 162 -4.62 -12.24 17.58
N VAL B 163 -5.51 -13.05 16.99
CA VAL B 163 -6.94 -12.92 17.27
C VAL B 163 -7.33 -13.06 18.74
N TYR B 164 -6.68 -13.95 19.46
CA TYR B 164 -7.01 -14.15 20.87
C TYR B 164 -6.65 -12.93 21.69
N GLU B 165 -5.52 -12.33 21.35
CA GLU B 165 -5.02 -11.15 22.05
C GLU B 165 -5.94 -9.96 21.84
N GLU B 166 -6.32 -9.77 20.58
CA GLU B 166 -7.17 -8.66 20.19
C GLU B 166 -8.64 -8.83 20.54
N GLU B 167 -9.19 -10.03 20.33
CA GLU B 167 -10.61 -10.27 20.54
C GLU B 167 -11.13 -11.07 21.73
N ILE B 168 -10.36 -12.03 22.24
CA ILE B 168 -10.84 -12.82 23.37
C ILE B 168 -10.39 -12.23 24.70
N PHE B 169 -9.10 -12.28 24.97
CA PHE B 169 -8.59 -11.70 26.20
C PHE B 169 -8.14 -10.30 25.78
N GLY B 170 -7.95 -9.41 26.73
CA GLY B 170 -7.53 -8.09 26.32
C GLY B 170 -6.03 -7.92 26.33
N ALA B 171 -5.29 -9.00 26.50
CA ALA B 171 -3.85 -8.86 26.54
C ALA B 171 -3.11 -9.98 25.85
N TYR B 172 -1.80 -9.95 26.03
CA TYR B 172 -0.88 -10.90 25.45
C TYR B 172 -0.81 -12.14 26.32
N SER B 173 -0.96 -11.93 27.62
CA SER B 173 -0.86 -13.01 28.59
C SER B 173 -1.89 -14.14 28.57
N ALA B 174 -1.38 -15.35 28.73
CA ALA B 174 -2.19 -16.56 28.77
C ALA B 174 -1.66 -17.46 29.90
N LEU B 175 -1.21 -16.83 30.98
CA LEU B 175 -0.69 -17.49 32.16
C LEU B 175 -1.59 -17.14 33.35
N TRP B 176 -1.76 -18.08 34.26
CA TRP B 176 -2.58 -17.85 35.44
C TRP B 176 -2.03 -18.57 36.68
N TRP B 177 -1.34 -17.85 37.56
CA TRP B 177 -0.82 -18.47 38.78
C TRP B 177 -1.99 -18.77 39.70
N SER B 178 -1.89 -19.84 40.48
CA SER B 178 -2.96 -20.15 41.40
C SER B 178 -2.70 -19.41 42.71
N PRO B 179 -3.71 -19.32 43.58
CA PRO B 179 -3.48 -18.63 44.87
C PRO B 179 -2.54 -19.57 45.61
N ASN B 180 -1.55 -19.02 46.30
CA ASN B 180 -0.56 -19.84 47.03
C ASN B 180 0.48 -20.38 46.02
N GLY B 181 0.24 -20.11 44.74
CA GLY B 181 1.17 -20.50 43.69
C GLY B 181 1.74 -21.89 43.54
N THR B 182 0.95 -22.91 43.84
CA THR B 182 1.42 -24.26 43.65
C THR B 182 1.40 -24.52 42.15
N PHE B 183 0.23 -24.31 41.54
CA PHE B 183 0.09 -24.54 40.11
C PHE B 183 0.21 -23.29 39.26
N LEU B 184 0.49 -23.53 37.98
CA LEU B 184 0.57 -22.48 36.99
C LEU B 184 -0.21 -23.04 35.82
N ALA B 185 -1.33 -22.40 35.49
CA ALA B 185 -2.15 -22.83 34.38
C ALA B 185 -1.80 -21.95 33.21
N TYR B 186 -1.88 -22.51 32.01
CA TYR B 186 -1.59 -21.75 30.81
C TYR B 186 -2.36 -22.29 29.63
N ALA B 187 -2.48 -21.48 28.60
CA ALA B 187 -3.17 -21.88 27.39
C ALA B 187 -2.11 -22.06 26.32
N GLN B 188 -2.40 -22.90 25.35
CA GLN B 188 -1.51 -23.15 24.23
C GLN B 188 -2.35 -23.03 22.98
N PHE B 189 -1.85 -22.32 21.98
CA PHE B 189 -2.58 -22.15 20.76
C PHE B 189 -1.77 -22.62 19.58
N ASN B 190 -2.46 -23.27 18.65
CA ASN B 190 -1.87 -23.80 17.42
C ASN B 190 -2.47 -22.95 16.28
N ASP B 191 -1.63 -22.16 15.63
CA ASP B 191 -2.05 -21.30 14.51
C ASP B 191 -1.83 -21.99 13.17
N THR B 192 -1.64 -23.31 13.20
CA THR B 192 -1.36 -24.06 11.99
C THR B 192 -2.25 -23.86 10.77
N GLY B 193 -3.52 -24.17 10.87
CA GLY B 193 -4.36 -23.98 9.70
C GLY B 193 -4.77 -22.54 9.39
N VAL B 194 -4.50 -21.63 10.32
CA VAL B 194 -4.88 -20.24 10.12
C VAL B 194 -4.12 -19.58 8.98
N PRO B 195 -4.86 -19.00 8.02
CA PRO B 195 -4.30 -18.31 6.84
C PRO B 195 -3.40 -17.15 7.22
N LEU B 196 -2.59 -16.66 6.28
CA LEU B 196 -1.69 -15.55 6.56
C LEU B 196 -1.99 -14.26 5.79
N ILE B 197 -1.78 -13.11 6.43
CA ILE B 197 -1.98 -11.81 5.79
C ILE B 197 -0.58 -11.21 5.81
N GLU B 198 -0.15 -10.62 4.70
CA GLU B 198 1.22 -10.07 4.61
C GLU B 198 1.39 -8.66 4.07
N TYR B 199 1.40 -7.66 4.96
CA TYR B 199 1.61 -6.26 4.58
C TYR B 199 3.10 -5.90 4.47
N SER B 200 3.38 -4.78 3.81
CA SER B 200 4.76 -4.34 3.65
C SER B 200 5.23 -3.34 4.70
N PHE B 201 6.53 -3.38 5.02
CA PHE B 201 7.10 -2.45 5.96
C PHE B 201 8.31 -1.82 5.30
N TYR B 202 8.32 -0.50 5.22
CA TYR B 202 9.41 0.20 4.53
C TYR B 202 10.58 0.63 5.39
N SER B 203 10.34 0.88 6.66
CA SER B 203 11.40 1.26 7.58
C SER B 203 12.12 2.54 7.14
N ASP B 204 13.26 2.84 7.75
CA ASP B 204 14.02 4.03 7.38
C ASP B 204 14.26 4.04 5.89
N GLU B 205 14.42 5.23 5.34
CA GLU B 205 14.65 5.37 3.92
C GLU B 205 15.97 4.73 3.52
N SER B 206 16.73 4.27 4.51
CA SER B 206 18.02 3.64 4.22
C SER B 206 17.86 2.19 3.79
N LEU B 207 16.77 1.54 4.18
CA LEU B 207 16.50 0.15 3.83
C LEU B 207 16.20 0.09 2.34
N GLN B 208 17.05 -0.60 1.58
CA GLN B 208 16.84 -0.68 0.14
C GLN B 208 15.64 -1.51 -0.32
N TYR B 209 15.41 -2.66 0.32
CA TYR B 209 14.28 -3.52 -0.03
C TYR B 209 13.28 -3.62 1.12
N PRO B 210 12.04 -3.16 0.91
CA PRO B 210 11.06 -3.27 2.00
C PRO B 210 10.87 -4.67 2.57
N LYS B 211 10.52 -4.75 3.85
CA LYS B 211 10.31 -6.04 4.51
C LYS B 211 8.89 -6.50 4.25
N THR B 212 8.56 -7.68 4.75
CA THR B 212 7.21 -8.19 4.65
C THR B 212 6.91 -8.80 5.99
N VAL B 213 5.76 -8.46 6.56
CA VAL B 213 5.38 -9.00 7.85
C VAL B 213 4.21 -9.94 7.63
N TRP B 214 4.35 -11.19 8.06
CA TRP B 214 3.21 -12.08 7.93
C TRP B 214 2.62 -12.43 9.28
N ILE B 215 1.30 -12.50 9.32
CA ILE B 215 0.60 -12.78 10.56
C ILE B 215 -0.53 -13.76 10.38
N PRO B 216 -0.51 -14.85 11.15
CA PRO B 216 -1.63 -15.77 10.98
C PRO B 216 -2.86 -15.02 11.53
N TYR B 217 -3.77 -14.69 10.63
CA TYR B 217 -4.98 -13.91 10.92
C TYR B 217 -6.22 -14.56 10.34
N PRO B 218 -7.15 -15.00 11.18
CA PRO B 218 -8.35 -15.63 10.62
C PRO B 218 -9.46 -14.65 10.28
N LYS B 219 -9.72 -14.47 9.00
CA LYS B 219 -10.80 -13.58 8.58
C LYS B 219 -12.10 -14.34 8.70
N ALA B 220 -13.22 -13.64 8.73
CA ALA B 220 -14.50 -14.30 8.89
C ALA B 220 -14.64 -15.57 8.08
N GLY B 221 -14.97 -16.67 8.76
CA GLY B 221 -15.16 -17.94 8.10
C GLY B 221 -13.93 -18.82 7.94
N ALA B 222 -12.75 -18.22 8.03
CA ALA B 222 -11.51 -18.99 7.88
C ALA B 222 -11.26 -19.96 9.03
N VAL B 223 -10.24 -20.80 8.86
CA VAL B 223 -9.87 -21.76 9.88
C VAL B 223 -9.30 -20.96 11.06
N ASN B 224 -9.72 -21.29 12.27
CA ASN B 224 -9.24 -20.58 13.47
C ASN B 224 -8.11 -21.29 14.18
N PRO B 225 -7.45 -20.61 15.12
CA PRO B 225 -6.37 -21.26 15.85
C PRO B 225 -7.06 -22.25 16.79
N THR B 226 -6.31 -23.22 17.32
CA THR B 226 -6.90 -24.19 18.23
C THR B 226 -6.36 -23.97 19.64
N VAL B 227 -7.08 -24.47 20.65
CA VAL B 227 -6.66 -24.27 22.03
C VAL B 227 -6.41 -25.52 22.83
N LYS B 228 -5.68 -25.36 23.91
CA LYS B 228 -5.39 -26.44 24.84
C LYS B 228 -5.05 -25.81 26.19
N PHE B 229 -5.63 -26.34 27.26
CA PHE B 229 -5.38 -25.81 28.60
C PHE B 229 -4.55 -26.77 29.46
N PHE B 230 -3.54 -26.23 30.12
CA PHE B 230 -2.67 -27.02 30.98
C PHE B 230 -2.48 -26.35 32.33
N ILE B 231 -2.12 -27.17 33.31
CA ILE B 231 -1.85 -26.70 34.66
C ILE B 231 -0.65 -27.54 35.03
N VAL B 232 0.44 -26.89 35.42
CA VAL B 232 1.63 -27.61 35.77
C VAL B 232 1.97 -27.36 37.23
N ASN B 233 2.43 -28.42 37.91
CA ASN B 233 2.79 -28.34 39.33
C ASN B 233 4.15 -27.64 39.50
N THR B 234 4.09 -26.42 40.03
CA THR B 234 5.25 -25.58 40.23
C THR B 234 6.17 -25.95 41.40
N ASP B 235 5.69 -26.86 42.28
CA ASP B 235 6.48 -27.27 43.44
C ASP B 235 7.54 -28.30 43.10
N SER B 236 7.20 -29.27 42.26
CA SER B 236 8.13 -30.32 41.89
C SER B 236 9.41 -29.89 41.16
N LEU B 237 9.34 -28.85 40.33
CA LEU B 237 10.47 -28.36 39.53
C LEU B 237 11.91 -28.67 39.96
N SER B 238 12.19 -28.62 41.25
CA SER B 238 13.55 -28.86 41.75
C SER B 238 13.99 -30.34 41.85
N SER B 239 13.03 -31.25 41.71
CA SER B 239 13.33 -32.66 41.80
C SER B 239 13.29 -33.35 40.45
N THR B 240 13.15 -32.59 39.37
CA THR B 240 13.10 -33.17 38.02
C THR B 240 13.89 -32.33 37.05
N THR B 241 14.02 -32.86 35.84
CA THR B 241 14.67 -32.12 34.77
C THR B 241 13.46 -31.55 34.05
N THR B 242 12.39 -32.35 33.97
CA THR B 242 11.16 -31.95 33.29
C THR B 242 9.92 -32.29 34.10
N THR B 243 8.95 -31.39 34.13
CA THR B 243 7.71 -31.67 34.83
C THR B 243 6.68 -31.92 33.75
N ILE B 244 5.70 -32.77 34.04
CA ILE B 244 4.67 -33.05 33.05
C ILE B 244 3.37 -32.33 33.39
N PRO B 245 2.98 -31.35 32.56
CA PRO B 245 1.73 -30.61 32.84
C PRO B 245 0.50 -31.44 32.59
N MET B 246 -0.50 -31.28 33.44
CA MET B 246 -1.74 -32.01 33.26
C MET B 246 -2.65 -31.12 32.43
N GLN B 247 -3.37 -31.72 31.50
CA GLN B 247 -4.25 -30.99 30.62
C GLN B 247 -5.73 -31.12 30.94
N ILE B 248 -6.44 -30.01 30.84
CA ILE B 248 -7.86 -30.01 31.05
C ILE B 248 -8.44 -29.95 29.65
N THR B 249 -9.47 -30.74 29.39
CA THR B 249 -10.05 -30.71 28.08
C THR B 249 -11.42 -30.01 28.15
N ALA B 250 -11.68 -29.15 27.17
CA ALA B 250 -12.95 -28.42 27.13
C ALA B 250 -14.12 -29.37 27.29
N PRO B 251 -15.26 -28.85 27.77
CA PRO B 251 -16.49 -29.66 27.95
C PRO B 251 -17.06 -30.22 26.63
N ALA B 252 -17.63 -31.42 26.69
CA ALA B 252 -18.17 -32.11 25.52
C ALA B 252 -19.07 -31.31 24.60
N SER B 253 -19.91 -30.45 25.17
CA SER B 253 -20.84 -29.64 24.41
C SER B 253 -20.17 -28.52 23.64
N VAL B 254 -18.84 -28.55 23.60
CA VAL B 254 -18.09 -27.49 22.93
C VAL B 254 -17.08 -28.04 21.91
N THR B 255 -16.73 -29.32 22.08
CA THR B 255 -15.75 -30.04 21.28
C THR B 255 -16.14 -30.55 19.89
N THR B 256 -17.43 -30.65 19.62
CA THR B 256 -17.86 -31.16 18.32
C THR B 256 -17.30 -30.33 17.14
N GLY B 257 -17.17 -29.02 17.35
CA GLY B 257 -16.65 -28.14 16.31
C GLY B 257 -15.82 -26.99 16.85
N ASP B 258 -15.44 -26.05 15.99
CA ASP B 258 -14.64 -24.92 16.40
C ASP B 258 -15.17 -24.26 17.68
N HIS B 259 -14.26 -23.88 18.57
CA HIS B 259 -14.64 -23.22 19.82
C HIS B 259 -13.53 -22.30 20.32
N TYR B 260 -13.76 -21.61 21.43
CA TYR B 260 -12.74 -20.72 21.98
C TYR B 260 -12.69 -20.81 23.50
N LEU B 261 -11.52 -20.51 24.05
CA LEU B 261 -11.34 -20.46 25.50
C LEU B 261 -11.74 -19.02 25.80
N CYS B 262 -12.68 -18.85 26.72
CA CYS B 262 -13.20 -17.54 27.07
C CYS B 262 -12.58 -16.79 28.20
N ASP B 263 -12.52 -17.46 29.35
CA ASP B 263 -12.04 -16.87 30.56
C ASP B 263 -11.48 -17.92 31.52
N VAL B 264 -10.48 -17.51 32.29
CA VAL B 264 -9.81 -18.36 33.26
C VAL B 264 -9.87 -17.60 34.59
N ALA B 265 -10.18 -18.29 35.66
CA ALA B 265 -10.25 -17.65 36.96
C ALA B 265 -10.06 -18.67 38.07
N TRP B 266 -8.98 -18.53 38.83
CA TRP B 266 -8.73 -19.46 39.94
C TRP B 266 -9.73 -19.22 41.09
N VAL B 267 -10.39 -20.28 41.54
CA VAL B 267 -11.35 -20.16 42.64
C VAL B 267 -10.54 -20.24 43.93
N SER B 268 -10.04 -21.43 44.23
CA SER B 268 -9.20 -21.63 45.42
C SER B 268 -7.93 -22.17 44.80
N GLU B 269 -7.13 -22.94 45.52
CA GLU B 269 -5.94 -23.46 44.88
C GLU B 269 -6.12 -24.92 44.44
N ASP B 270 -7.34 -25.42 44.59
CA ASP B 270 -7.67 -26.77 44.18
C ASP B 270 -8.90 -26.68 43.29
N ARG B 271 -9.23 -25.46 42.92
CA ARG B 271 -10.38 -25.23 42.07
C ARG B 271 -10.12 -24.10 41.10
N ILE B 272 -10.42 -24.35 39.83
CA ILE B 272 -10.23 -23.33 38.80
C ILE B 272 -11.52 -23.23 37.99
N SER B 273 -11.78 -22.03 37.48
CA SER B 273 -12.98 -21.77 36.68
C SER B 273 -12.60 -21.43 35.25
N LEU B 274 -13.17 -22.16 34.30
CA LEU B 274 -12.88 -21.91 32.91
C LEU B 274 -14.19 -21.72 32.16
N GLN B 275 -14.17 -20.84 31.17
CA GLN B 275 -15.35 -20.59 30.34
C GLN B 275 -14.98 -20.89 28.89
N TRP B 276 -15.89 -21.53 28.18
CA TRP B 276 -15.66 -21.87 26.79
C TRP B 276 -16.83 -21.35 25.97
N LEU B 277 -16.53 -21.02 24.72
CA LEU B 277 -17.53 -20.46 23.83
C LEU B 277 -17.48 -21.17 22.49
N ARG B 278 -18.64 -21.47 21.90
CA ARG B 278 -18.65 -22.09 20.57
C ARG B 278 -18.30 -21.02 19.55
N ARG B 279 -17.84 -21.41 18.36
CA ARG B 279 -17.48 -20.43 17.35
C ARG B 279 -18.67 -19.52 17.09
N ILE B 280 -19.86 -20.10 17.13
CA ILE B 280 -21.07 -19.34 16.97
C ILE B 280 -21.38 -19.04 18.43
N GLN B 281 -21.06 -17.82 18.86
CA GLN B 281 -21.22 -17.39 20.25
C GLN B 281 -22.64 -17.34 20.83
N ASN B 282 -23.45 -18.24 20.29
CA ASN B 282 -24.85 -18.53 20.61
C ASN B 282 -24.83 -19.21 22.01
N TYR B 283 -23.82 -20.06 22.20
CA TYR B 283 -23.64 -20.92 23.39
C TYR B 283 -22.31 -20.81 24.15
N SER B 284 -22.39 -20.86 25.48
CA SER B 284 -21.20 -20.77 26.32
C SER B 284 -21.31 -21.68 27.55
N VAL B 285 -20.20 -22.29 27.97
CA VAL B 285 -20.19 -23.17 29.15
C VAL B 285 -19.04 -22.84 30.08
N MET B 286 -19.37 -22.70 31.37
CA MET B 286 -18.38 -22.37 32.40
C MET B 286 -18.15 -23.59 33.27
N ALA B 287 -17.05 -24.30 33.05
CA ALA B 287 -16.76 -25.47 33.87
C ALA B 287 -15.92 -25.11 35.11
N ILE B 288 -16.26 -25.75 36.22
CA ILE B 288 -15.53 -25.56 37.47
C ILE B 288 -14.79 -26.87 37.64
N CYS B 289 -13.46 -26.80 37.69
CA CYS B 289 -12.64 -28.00 37.82
C CYS B 289 -11.93 -28.10 39.15
N ASP B 290 -11.97 -29.31 39.70
CA ASP B 290 -11.36 -29.59 40.99
C ASP B 290 -10.12 -30.48 40.84
N TYR B 291 -9.15 -30.24 41.70
CA TYR B 291 -7.92 -31.01 41.66
C TYR B 291 -8.03 -32.28 42.50
N ASP B 292 -7.72 -33.41 41.88
CA ASP B 292 -7.73 -34.72 42.54
C ASP B 292 -6.32 -34.99 43.06
N LYS B 293 -6.17 -35.08 44.38
CA LYS B 293 -4.87 -35.33 44.99
C LYS B 293 -4.37 -36.75 44.73
N THR B 294 -5.30 -37.71 44.80
CA THR B 294 -5.00 -39.12 44.59
C THR B 294 -4.50 -39.47 43.19
N THR B 295 -5.30 -39.19 42.18
CA THR B 295 -4.92 -39.51 40.82
C THR B 295 -4.18 -38.37 40.14
N LEU B 296 -3.87 -37.32 40.90
CA LEU B 296 -3.15 -36.12 40.42
C LEU B 296 -3.65 -35.74 39.02
N VAL B 297 -4.91 -35.34 38.99
CA VAL B 297 -5.59 -34.96 37.76
C VAL B 297 -6.65 -33.93 38.08
N TRP B 298 -7.05 -33.13 37.10
CA TRP B 298 -8.11 -32.16 37.33
C TRP B 298 -9.42 -32.74 36.77
N ASN B 299 -10.50 -32.56 37.51
CA ASN B 299 -11.78 -33.09 37.07
C ASN B 299 -12.76 -31.97 36.88
N CYS B 300 -13.48 -32.03 35.78
CA CYS B 300 -14.48 -31.02 35.53
C CYS B 300 -15.76 -31.77 35.27
N PRO B 301 -16.43 -32.21 36.34
CA PRO B 301 -17.68 -32.95 36.22
C PRO B 301 -18.79 -32.08 35.62
N THR B 302 -19.54 -32.64 34.67
CA THR B 302 -20.64 -31.91 34.05
C THR B 302 -21.63 -31.37 35.11
N THR B 303 -21.62 -31.95 36.30
CA THR B 303 -22.51 -31.51 37.38
C THR B 303 -22.23 -30.04 37.73
N GLN B 304 -21.03 -29.60 37.40
CA GLN B 304 -20.59 -28.24 37.68
C GLN B 304 -20.40 -27.48 36.36
N GLU B 305 -21.17 -27.87 35.35
CA GLU B 305 -21.09 -27.31 34.01
C GLU B 305 -21.55 -25.85 33.85
N HIS B 306 -22.81 -25.53 34.14
CA HIS B 306 -23.29 -24.13 33.99
C HIS B 306 -23.31 -23.57 32.55
N ILE B 307 -24.48 -23.56 31.95
CA ILE B 307 -24.65 -23.11 30.57
C ILE B 307 -25.18 -21.68 30.46
N GLU B 308 -24.69 -20.94 29.46
CA GLU B 308 -25.13 -19.57 29.20
C GLU B 308 -25.53 -19.51 27.71
N THR B 309 -26.70 -18.95 27.46
CA THR B 309 -27.23 -18.91 26.12
C THR B 309 -27.80 -17.56 25.69
N SER B 310 -28.23 -17.46 24.44
CA SER B 310 -28.83 -16.23 23.93
C SER B 310 -29.58 -16.53 22.65
N ALA B 311 -30.88 -16.29 22.66
CA ALA B 311 -31.68 -16.54 21.46
C ALA B 311 -31.87 -15.28 20.67
N THR B 312 -31.29 -14.18 21.18
CA THR B 312 -31.41 -12.87 20.55
C THR B 312 -30.14 -12.49 19.83
N GLY B 313 -29.01 -12.92 20.35
CA GLY B 313 -27.75 -12.59 19.73
C GLY B 313 -26.58 -13.43 20.22
N TRP B 314 -25.62 -12.78 20.87
CA TRP B 314 -24.45 -13.47 21.36
C TRP B 314 -24.40 -13.44 22.88
N CYS B 315 -23.36 -14.04 23.45
CA CYS B 315 -23.20 -14.09 24.89
C CYS B 315 -22.40 -12.94 25.42
N GLY B 316 -22.91 -12.33 26.49
CA GLY B 316 -22.24 -11.21 27.11
C GLY B 316 -22.15 -9.97 26.24
N ARG B 317 -21.36 -9.00 26.70
CA ARG B 317 -21.15 -7.76 25.95
C ARG B 317 -20.19 -8.08 24.80
N PHE B 318 -18.98 -8.54 25.14
CA PHE B 318 -17.99 -8.92 24.14
C PHE B 318 -17.55 -10.38 24.38
N ARG B 319 -18.22 -10.99 25.36
CA ARG B 319 -17.97 -12.37 25.77
C ARG B 319 -18.57 -12.53 27.16
N PRO B 320 -18.78 -13.78 27.61
CA PRO B 320 -19.36 -14.00 28.93
C PRO B 320 -18.60 -13.23 30.01
N ALA B 321 -19.35 -12.60 30.92
CA ALA B 321 -18.77 -11.83 32.03
C ALA B 321 -18.03 -12.77 32.99
N GLU B 322 -17.09 -12.21 33.76
CA GLU B 322 -16.29 -13.03 34.65
C GLU B 322 -16.88 -13.41 36.03
N PRO B 323 -16.75 -14.70 36.43
CA PRO B 323 -17.29 -15.14 37.73
C PRO B 323 -16.51 -14.57 38.92
N HIS B 324 -17.19 -14.43 40.05
CA HIS B 324 -16.59 -13.94 41.28
C HIS B 324 -17.07 -14.86 42.40
N PHE B 325 -16.20 -15.79 42.79
CA PHE B 325 -16.54 -16.77 43.82
C PHE B 325 -16.41 -16.30 45.29
N THR B 326 -17.13 -16.98 46.17
CA THR B 326 -17.08 -16.67 47.59
C THR B 326 -15.76 -17.22 48.11
N SER B 327 -15.43 -16.94 49.37
CA SER B 327 -14.16 -17.39 49.88
C SER B 327 -13.98 -18.89 49.73
N ASP B 328 -14.99 -19.63 50.16
CA ASP B 328 -14.98 -21.10 50.10
C ASP B 328 -15.44 -21.61 48.73
N GLY B 329 -15.48 -20.69 47.75
CA GLY B 329 -15.87 -21.04 46.40
C GLY B 329 -17.10 -21.92 46.25
N SER B 330 -18.03 -21.80 47.20
CA SER B 330 -19.26 -22.59 47.17
C SER B 330 -20.25 -22.01 46.18
N SER B 331 -20.14 -20.69 45.98
CA SER B 331 -21.01 -19.95 45.08
C SER B 331 -20.23 -18.86 44.38
N PHE B 332 -20.86 -18.24 43.39
CA PHE B 332 -20.20 -17.17 42.68
C PHE B 332 -21.23 -16.22 42.08
N TYR B 333 -20.83 -14.97 41.91
CA TYR B 333 -21.71 -13.97 41.35
C TYR B 333 -21.18 -13.60 39.97
N LYS B 334 -22.09 -13.48 39.01
CA LYS B 334 -21.71 -13.19 37.65
C LYS B 334 -22.82 -12.39 36.94
N ILE B 335 -22.42 -11.44 36.12
CA ILE B 335 -23.37 -10.61 35.38
C ILE B 335 -23.93 -11.39 34.20
N VAL B 336 -25.24 -11.44 34.09
CA VAL B 336 -25.89 -12.13 32.97
C VAL B 336 -27.23 -11.46 32.70
N SER B 337 -27.69 -11.57 31.46
CA SER B 337 -28.96 -10.97 31.07
C SER B 337 -30.15 -11.64 31.73
N ASP B 338 -30.94 -10.84 32.46
CA ASP B 338 -32.13 -11.37 33.12
C ASP B 338 -33.22 -11.58 32.09
N LYS B 339 -34.37 -12.05 32.56
CA LYS B 339 -35.49 -12.33 31.68
C LYS B 339 -35.86 -11.16 30.77
N ASP B 340 -35.62 -9.92 31.20
CA ASP B 340 -35.94 -8.73 30.39
C ASP B 340 -34.84 -8.27 29.43
N GLY B 341 -33.72 -8.99 29.42
CA GLY B 341 -32.65 -8.60 28.54
C GLY B 341 -31.71 -7.60 29.17
N TYR B 342 -31.72 -7.47 30.48
CA TYR B 342 -30.82 -6.52 31.13
C TYR B 342 -29.71 -7.21 31.86
N LYS B 343 -28.49 -6.76 31.58
CA LYS B 343 -27.32 -7.32 32.24
C LYS B 343 -27.37 -6.98 33.75
N HIS B 344 -27.49 -8.02 34.59
CA HIS B 344 -27.55 -7.90 36.06
C HIS B 344 -26.77 -8.98 36.80
N ILE B 345 -26.57 -8.77 38.09
CA ILE B 345 -25.82 -9.74 38.88
C ILE B 345 -26.69 -10.87 39.49
N CYS B 346 -26.30 -12.12 39.29
CA CYS B 346 -27.03 -13.19 39.99
C CYS B 346 -26.14 -14.29 40.56
N GLN B 347 -26.65 -14.90 41.63
CA GLN B 347 -25.98 -15.95 42.37
C GLN B 347 -26.02 -17.30 41.72
N PHE B 348 -24.92 -18.01 41.91
CA PHE B 348 -24.73 -19.35 41.37
C PHE B 348 -24.15 -20.27 42.42
N GLN B 349 -24.41 -21.55 42.22
CA GLN B 349 -23.93 -22.58 43.13
C GLN B 349 -22.91 -23.39 42.35
N LYS B 350 -21.85 -23.84 43.02
CA LYS B 350 -20.85 -24.64 42.35
C LYS B 350 -21.55 -25.62 41.40
N ASP B 351 -22.54 -26.33 41.91
CA ASP B 351 -23.29 -27.28 41.08
C ASP B 351 -24.44 -26.59 40.34
N ARG B 352 -24.65 -26.99 39.08
CA ARG B 352 -25.72 -26.40 38.29
C ARG B 352 -27.06 -26.85 38.85
N LYS B 353 -28.11 -26.10 38.53
CA LYS B 353 -29.46 -26.42 38.99
C LYS B 353 -30.46 -26.31 37.82
N PRO B 354 -31.13 -27.42 37.50
CA PRO B 354 -32.13 -27.51 36.41
C PRO B 354 -32.99 -26.26 36.19
N GLU B 355 -32.55 -25.43 35.23
CA GLU B 355 -33.23 -24.17 34.86
C GLU B 355 -33.62 -23.28 36.07
N GLN B 356 -32.62 -22.95 36.90
CA GLN B 356 -32.77 -22.12 38.10
C GLN B 356 -31.36 -21.90 38.64
N VAL B 357 -30.36 -22.07 37.76
CA VAL B 357 -28.95 -21.93 38.14
C VAL B 357 -28.68 -20.52 38.67
N CYS B 358 -29.57 -19.58 38.34
CA CYS B 358 -29.41 -18.20 38.77
C CYS B 358 -30.46 -17.58 39.68
N THR B 359 -30.00 -16.69 40.54
CA THR B 359 -30.89 -15.95 41.42
C THR B 359 -30.42 -14.52 41.26
N PHE B 360 -31.21 -13.71 40.54
CA PHE B 360 -30.80 -12.33 40.35
C PHE B 360 -30.86 -11.50 41.61
N ILE B 361 -29.75 -10.82 41.87
CA ILE B 361 -29.56 -9.96 43.02
C ILE B 361 -29.81 -8.48 42.67
N THR B 362 -30.12 -8.24 41.40
CA THR B 362 -30.38 -6.90 40.87
C THR B 362 -31.50 -6.98 39.82
N LYS B 363 -32.28 -5.91 39.72
CA LYS B 363 -33.37 -5.83 38.74
C LYS B 363 -33.39 -4.39 38.28
N GLY B 364 -34.11 -4.13 37.20
CA GLY B 364 -34.19 -2.77 36.71
C GLY B 364 -33.84 -2.58 35.25
N ALA B 365 -34.32 -1.47 34.70
CA ALA B 365 -34.06 -1.11 33.32
C ALA B 365 -32.80 -0.28 33.36
N TRP B 366 -31.70 -0.94 33.68
CA TRP B 366 -30.40 -0.34 33.73
C TRP B 366 -29.52 -1.56 33.87
N GLU B 367 -28.22 -1.39 33.75
CA GLU B 367 -27.35 -2.53 33.82
C GLU B 367 -26.18 -2.40 34.76
N VAL B 368 -25.68 -3.54 35.21
CA VAL B 368 -24.52 -3.56 36.06
C VAL B 368 -23.34 -3.59 35.10
N ILE B 369 -22.46 -2.59 35.21
CA ILE B 369 -21.29 -2.51 34.36
C ILE B 369 -20.25 -3.57 34.72
N SER B 370 -19.90 -3.63 36.01
CA SER B 370 -18.89 -4.57 36.47
C SER B 370 -18.95 -4.88 37.96
N ILE B 371 -18.45 -6.06 38.33
CA ILE B 371 -18.40 -6.45 39.73
C ILE B 371 -16.99 -6.11 40.23
N GLU B 372 -16.92 -5.09 41.09
CA GLU B 372 -15.64 -4.61 41.59
C GLU B 372 -14.97 -5.36 42.75
N ALA B 373 -15.77 -5.85 43.69
CA ALA B 373 -15.20 -6.58 44.82
C ALA B 373 -16.27 -7.40 45.51
N LEU B 374 -15.85 -8.52 46.09
CA LEU B 374 -16.77 -9.40 46.81
C LEU B 374 -16.20 -9.75 48.19
N THR B 375 -16.77 -9.12 49.21
CA THR B 375 -16.41 -9.32 50.62
C THR B 375 -17.30 -10.43 51.17
N SER B 376 -16.90 -10.96 52.32
CA SER B 376 -17.65 -12.02 52.99
C SER B 376 -19.09 -11.58 53.31
N ASP B 377 -19.35 -10.28 53.21
CA ASP B 377 -20.68 -9.73 53.52
C ASP B 377 -21.19 -8.75 52.45
N TYR B 378 -20.26 -8.23 51.66
CA TYR B 378 -20.61 -7.26 50.62
C TYR B 378 -20.22 -7.55 49.19
N LEU B 379 -20.95 -6.95 48.25
CA LEU B 379 -20.63 -7.07 46.84
C LEU B 379 -20.65 -5.66 46.28
N TYR B 380 -19.46 -5.13 45.97
CA TYR B 380 -19.33 -3.79 45.40
C TYR B 380 -19.39 -3.90 43.89
N TYR B 381 -20.21 -3.06 43.26
CA TYR B 381 -20.33 -3.10 41.81
C TYR B 381 -20.54 -1.71 41.20
N ILE B 382 -20.35 -1.59 39.89
CA ILE B 382 -20.53 -0.33 39.19
C ILE B 382 -21.70 -0.43 38.22
N SER B 383 -22.58 0.57 38.24
CA SER B 383 -23.73 0.56 37.33
C SER B 383 -24.08 1.94 36.80
N ASN B 384 -24.99 1.95 35.83
CA ASN B 384 -25.47 3.16 35.20
C ASN B 384 -26.94 3.34 35.61
N GLU B 385 -27.24 2.91 36.83
CA GLU B 385 -28.60 2.98 37.37
C GLU B 385 -29.02 4.39 37.74
N TYR B 386 -28.16 5.08 38.45
CA TYR B 386 -28.46 6.43 38.90
C TYR B 386 -29.00 7.37 37.83
N LYS B 387 -29.97 8.19 38.24
CA LYS B 387 -30.63 9.18 37.37
C LYS B 387 -31.01 8.65 35.99
N GLU B 388 -31.17 7.34 35.87
CA GLU B 388 -31.53 6.68 34.61
C GLU B 388 -30.58 7.06 33.47
N MET B 389 -29.31 7.32 33.80
CA MET B 389 -28.32 7.70 32.81
C MET B 389 -27.43 6.54 32.36
N PRO B 390 -27.77 5.89 31.25
CA PRO B 390 -26.94 4.77 30.78
C PRO B 390 -25.48 5.19 30.58
N GLY B 391 -25.30 6.46 30.21
CA GLY B 391 -23.96 7.00 30.00
C GLY B 391 -23.25 7.46 31.27
N GLY B 392 -23.85 7.18 32.42
CA GLY B 392 -23.21 7.55 33.68
C GLY B 392 -22.65 6.33 34.40
N ARG B 393 -21.69 6.52 35.30
CA ARG B 393 -21.08 5.41 36.03
C ARG B 393 -20.99 5.67 37.53
N ASN B 394 -21.62 4.79 38.32
CA ASN B 394 -21.60 4.93 39.78
C ASN B 394 -21.27 3.66 40.58
N LEU B 395 -20.54 3.84 41.68
CA LEU B 395 -20.15 2.72 42.55
C LEU B 395 -21.22 2.40 43.60
N TYR B 396 -21.72 1.17 43.57
CA TYR B 396 -22.73 0.74 44.52
C TYR B 396 -22.17 -0.31 45.47
N LYS B 397 -23.04 -0.83 46.34
CA LYS B 397 -22.64 -1.87 47.27
C LYS B 397 -23.85 -2.52 47.93
N ILE B 398 -23.92 -3.85 47.80
CA ILE B 398 -25.00 -4.63 48.38
C ILE B 398 -24.50 -5.58 49.46
N GLN B 399 -25.37 -5.80 50.44
CA GLN B 399 -25.07 -6.70 51.53
C GLN B 399 -25.57 -8.06 51.06
N LEU B 400 -24.66 -9.03 51.06
CA LEU B 400 -25.03 -10.37 50.65
C LEU B 400 -26.22 -10.82 51.50
N THR B 401 -25.95 -10.95 52.79
CA THR B 401 -26.92 -11.34 53.81
C THR B 401 -28.30 -10.65 53.67
N ASP B 402 -28.33 -9.48 53.04
CA ASP B 402 -29.56 -8.66 52.88
C ASP B 402 -29.55 -7.89 51.53
N HIS B 403 -30.25 -8.41 50.52
CA HIS B 403 -30.23 -7.72 49.21
C HIS B 403 -30.99 -6.40 49.21
N THR B 404 -31.54 -6.03 50.35
CA THR B 404 -32.26 -4.75 50.44
C THR B 404 -31.21 -3.67 50.74
N ASN B 405 -30.26 -3.98 51.64
CA ASN B 405 -29.22 -3.01 52.01
C ASN B 405 -28.31 -2.68 50.83
N LYS B 406 -28.90 -2.06 49.79
CA LYS B 406 -28.18 -1.65 48.57
C LYS B 406 -27.94 -0.12 48.57
N LYS B 407 -26.69 0.30 48.61
CA LYS B 407 -26.42 1.73 48.68
C LYS B 407 -25.40 2.25 47.66
N CYS B 408 -25.70 3.42 47.09
CA CYS B 408 -24.81 4.07 46.13
C CYS B 408 -23.76 4.81 46.98
N LEU B 409 -22.50 4.79 46.57
CA LEU B 409 -21.48 5.46 47.37
C LEU B 409 -20.81 6.61 46.62
N SER B 410 -21.30 6.91 45.43
CA SER B 410 -20.71 7.99 44.65
C SER B 410 -21.74 9.02 44.15
N CYS B 411 -23.00 8.60 44.06
CA CYS B 411 -24.07 9.48 43.61
C CYS B 411 -24.11 10.85 44.32
N ASP B 412 -23.98 10.86 45.65
CA ASP B 412 -24.02 12.12 46.40
C ASP B 412 -22.82 12.99 46.15
N LEU B 413 -21.66 12.49 46.57
CA LEU B 413 -20.39 13.17 46.46
C LEU B 413 -20.33 14.50 45.68
N ASN B 414 -20.36 14.47 44.34
CA ASN B 414 -20.31 15.70 43.55
C ASN B 414 -21.22 15.55 42.35
N PRO B 415 -22.53 15.53 42.57
CA PRO B 415 -23.56 15.38 41.53
C PRO B 415 -23.42 16.36 40.37
N GLU B 416 -22.71 17.45 40.61
CA GLU B 416 -22.49 18.47 39.59
C GLU B 416 -21.23 18.13 38.78
N ARG B 417 -20.14 17.87 39.48
CA ARG B 417 -18.88 17.55 38.84
C ARG B 417 -18.71 16.08 38.43
N CYS B 418 -19.21 15.17 39.26
CA CYS B 418 -19.07 13.74 39.05
C CYS B 418 -20.31 12.90 38.75
N GLN B 419 -20.28 12.21 37.62
CA GLN B 419 -21.38 11.33 37.21
C GLN B 419 -20.79 10.08 36.56
N TYR B 420 -19.47 10.06 36.41
CA TYR B 420 -18.74 8.95 35.80
C TYR B 420 -17.59 8.55 36.72
N TYR B 421 -17.82 7.52 37.51
CA TYR B 421 -16.79 7.05 38.43
C TYR B 421 -16.08 5.77 38.00
N SER B 422 -14.83 5.65 38.46
CA SER B 422 -13.98 4.49 38.25
C SER B 422 -13.69 4.19 39.72
N VAL B 423 -13.48 2.92 40.07
CA VAL B 423 -13.20 2.60 41.47
C VAL B 423 -11.89 1.84 41.60
N SER B 424 -11.50 1.50 42.82
CA SER B 424 -10.26 0.77 43.04
C SER B 424 -10.16 0.50 44.51
N LEU B 425 -10.62 -0.68 44.94
CA LEU B 425 -10.59 -1.04 46.35
C LEU B 425 -9.28 -1.71 46.74
N SER B 426 -8.91 -1.56 48.00
CA SER B 426 -7.68 -2.16 48.52
C SER B 426 -7.84 -3.69 48.56
N LYS B 427 -6.75 -4.39 48.84
CA LYS B 427 -6.76 -5.85 48.88
C LYS B 427 -7.97 -6.50 49.53
N GLU B 428 -8.65 -5.80 50.44
CA GLU B 428 -9.83 -6.38 51.05
C GLU B 428 -10.96 -5.39 51.29
N ALA B 429 -11.02 -4.38 50.44
CA ALA B 429 -12.08 -3.38 50.52
C ALA B 429 -12.15 -2.67 51.85
N LYS B 430 -11.00 -2.37 52.44
CA LYS B 430 -11.01 -1.64 53.69
C LYS B 430 -11.09 -0.16 53.28
N TYR B 431 -10.43 0.15 52.17
CA TYR B 431 -10.41 1.50 51.64
C TYR B 431 -10.77 1.38 50.18
N TYR B 432 -11.08 2.51 49.56
CA TYR B 432 -11.39 2.49 48.14
C TYR B 432 -11.20 3.89 47.58
N GLN B 433 -10.46 3.98 46.48
CA GLN B 433 -10.24 5.26 45.85
C GLN B 433 -11.24 5.42 44.71
N LEU B 434 -11.74 6.63 44.54
CA LEU B 434 -12.69 6.91 43.49
C LEU B 434 -12.09 7.78 42.41
N GLY B 435 -12.45 7.44 41.18
CA GLY B 435 -11.98 8.16 40.01
C GLY B 435 -13.18 8.88 39.39
N CYS B 436 -13.28 10.16 39.69
CA CYS B 436 -14.35 10.95 39.12
C CYS B 436 -13.84 11.36 37.74
N ARG B 437 -14.43 10.75 36.71
CA ARG B 437 -14.10 11.05 35.32
C ARG B 437 -15.21 11.97 34.90
N GLY B 438 -16.19 12.07 35.81
CA GLY B 438 -17.42 12.86 35.69
C GLY B 438 -17.37 14.10 34.84
N PRO B 439 -18.54 14.69 34.53
CA PRO B 439 -18.67 15.89 33.71
C PRO B 439 -17.57 16.92 33.91
N GLY B 440 -17.32 17.30 35.17
CA GLY B 440 -16.28 18.27 35.48
C GLY B 440 -14.86 17.73 35.39
N LEU B 441 -13.86 18.56 35.74
CA LEU B 441 -12.49 18.08 35.67
C LEU B 441 -12.39 16.87 36.57
N PRO B 442 -11.71 15.79 36.10
CA PRO B 442 -11.56 14.55 36.89
C PRO B 442 -11.05 14.78 38.33
N LEU B 443 -11.75 14.15 39.28
CA LEU B 443 -11.43 14.27 40.72
C LEU B 443 -11.14 12.93 41.41
N TYR B 444 -9.98 12.82 42.04
CA TYR B 444 -9.61 11.59 42.73
C TYR B 444 -9.57 11.70 44.24
N THR B 445 -10.37 10.88 44.90
CA THR B 445 -10.46 10.87 46.36
C THR B 445 -10.52 9.45 46.92
N LEU B 446 -9.89 9.20 48.06
CA LEU B 446 -9.98 7.86 48.64
C LEU B 446 -10.85 7.88 49.90
N HIS B 447 -11.56 6.78 50.14
CA HIS B 447 -12.48 6.65 51.26
C HIS B 447 -12.28 5.40 52.14
N ARG B 448 -12.55 5.54 53.45
CA ARG B 448 -12.45 4.39 54.36
C ARG B 448 -13.78 3.64 54.10
N SER B 449 -13.64 2.43 53.57
CA SER B 449 -14.78 1.59 53.20
C SER B 449 -15.90 1.44 54.25
N THR B 450 -15.53 1.51 55.53
CA THR B 450 -16.49 1.36 56.66
C THR B 450 -17.72 2.28 56.60
N ASP B 451 -17.42 3.57 56.70
CA ASP B 451 -18.42 4.65 56.71
C ASP B 451 -18.34 5.57 55.49
N GLN B 452 -17.47 5.27 54.53
CA GLN B 452 -17.32 6.13 53.35
C GLN B 452 -16.61 7.47 53.65
N LYS B 453 -16.26 7.72 54.92
CA LYS B 453 -15.59 8.96 55.25
C LYS B 453 -14.46 9.23 54.24
N GLU B 454 -14.58 10.36 53.53
CA GLU B 454 -13.55 10.73 52.57
C GLU B 454 -12.31 11.12 53.38
N LEU B 455 -11.33 10.24 53.43
CA LEU B 455 -10.12 10.51 54.16
C LEU B 455 -9.47 11.76 53.59
N ARG B 456 -9.31 11.81 52.27
CA ARG B 456 -8.72 12.99 51.63
C ARG B 456 -8.90 13.05 50.13
N VAL B 457 -8.47 14.16 49.54
CA VAL B 457 -8.55 14.36 48.11
C VAL B 457 -7.14 14.09 47.56
N LEU B 458 -7.05 13.06 46.72
CA LEU B 458 -5.80 12.65 46.12
C LEU B 458 -5.39 13.53 44.93
N GLU B 459 -6.37 13.95 44.16
CA GLU B 459 -6.13 14.81 43.00
C GLU B 459 -7.43 15.45 42.50
N ASP B 460 -7.39 16.78 42.40
CA ASP B 460 -8.50 17.61 41.92
C ASP B 460 -7.76 18.48 40.91
N ASN B 461 -8.17 18.48 39.65
CA ASN B 461 -7.38 19.26 38.71
C ASN B 461 -7.45 20.79 38.81
N SER B 462 -6.93 21.29 39.92
CA SER B 462 -6.90 22.72 40.17
C SER B 462 -5.84 23.36 39.25
N ALA B 463 -4.71 22.68 39.10
CA ALA B 463 -3.64 23.19 38.23
C ALA B 463 -4.29 23.42 36.87
N LEU B 464 -4.84 22.35 36.32
CA LEU B 464 -5.51 22.41 35.04
C LEU B 464 -6.60 23.50 35.06
N ASP B 465 -7.46 23.46 36.09
CA ASP B 465 -8.56 24.42 36.24
C ASP B 465 -8.11 25.87 36.12
N LYS B 466 -6.98 26.17 36.77
CA LYS B 466 -6.38 27.50 36.77
C LYS B 466 -6.09 27.89 35.33
N MET B 467 -5.56 26.94 34.57
CA MET B 467 -5.21 27.17 33.17
C MET B 467 -6.42 27.36 32.28
N LEU B 468 -7.37 26.42 32.33
CA LEU B 468 -8.56 26.52 31.49
C LEU B 468 -9.34 27.82 31.75
N GLN B 469 -8.98 28.52 32.84
CA GLN B 469 -9.61 29.78 33.20
C GLN B 469 -9.44 30.82 32.10
N ASP B 470 -8.25 30.85 31.51
CA ASP B 470 -7.92 31.80 30.45
C ASP B 470 -8.24 31.24 29.07
N VAL B 471 -9.15 30.26 28.99
CA VAL B 471 -9.50 29.71 27.69
C VAL B 471 -11.01 29.53 27.54
N GLN B 472 -11.50 29.71 26.32
CA GLN B 472 -12.91 29.58 26.02
C GLN B 472 -13.31 28.14 25.72
N MET B 473 -13.49 27.34 26.77
CA MET B 473 -13.84 25.94 26.63
C MET B 473 -15.26 25.68 26.17
N PRO B 474 -15.46 24.65 25.33
CA PRO B 474 -16.83 24.39 24.88
C PRO B 474 -17.57 23.69 26.01
N SER B 475 -18.84 23.42 25.80
CA SER B 475 -19.65 22.75 26.80
C SER B 475 -20.04 21.36 26.30
N LYS B 476 -20.89 20.65 27.03
CA LYS B 476 -21.26 19.32 26.58
C LYS B 476 -22.61 18.90 27.10
N LYS B 477 -23.61 18.92 26.23
CA LYS B 477 -24.93 18.49 26.65
C LYS B 477 -24.98 16.97 26.47
N LEU B 478 -25.49 16.26 27.47
CA LEU B 478 -25.65 14.82 27.41
C LEU B 478 -27.13 14.58 27.70
N ASP B 479 -27.92 14.43 26.65
CA ASP B 479 -29.35 14.23 26.82
C ASP B 479 -29.79 13.05 25.98
N PHE B 480 -31.09 12.98 25.72
CA PHE B 480 -31.63 11.90 24.94
C PHE B 480 -32.78 12.36 24.05
N ILE B 481 -32.87 11.78 22.87
CA ILE B 481 -33.92 12.08 21.93
C ILE B 481 -34.76 10.80 22.03
N VAL B 482 -35.99 10.82 21.54
CA VAL B 482 -36.82 9.61 21.63
C VAL B 482 -37.33 9.22 20.25
N LEU B 483 -37.08 7.96 19.89
CA LEU B 483 -37.49 7.43 18.60
C LEU B 483 -38.33 6.17 18.87
N ASN B 484 -39.30 5.88 18.00
CA ASN B 484 -40.18 4.71 18.14
C ASN B 484 -40.46 4.41 19.62
N GLU B 485 -40.73 5.45 20.41
CA GLU B 485 -41.02 5.35 21.85
C GLU B 485 -39.88 4.79 22.72
N THR B 486 -38.63 5.04 22.33
CA THR B 486 -37.48 4.57 23.11
C THR B 486 -36.47 5.68 23.30
N ARG B 487 -35.83 5.67 24.45
CA ARG B 487 -34.82 6.70 24.71
C ARG B 487 -33.54 6.28 24.00
N PHE B 488 -32.93 7.23 23.31
CA PHE B 488 -31.68 7.02 22.62
C PHE B 488 -30.83 8.23 23.00
N TRP B 489 -29.81 8.01 23.81
CA TRP B 489 -28.95 9.10 24.27
C TRP B 489 -27.95 9.63 23.27
N TYR B 490 -27.62 10.92 23.41
CA TYR B 490 -26.66 11.56 22.54
C TYR B 490 -25.92 12.62 23.34
N GLN B 491 -24.83 13.11 22.79
CA GLN B 491 -24.08 14.17 23.45
C GLN B 491 -23.63 15.20 22.41
N MET B 492 -23.39 16.42 22.86
CA MET B 492 -22.97 17.49 21.97
C MET B 492 -21.87 18.33 22.58
N ILE B 493 -20.84 18.60 21.79
CA ILE B 493 -19.74 19.43 22.24
C ILE B 493 -20.03 20.78 21.61
N LEU B 494 -20.79 21.58 22.34
CA LEU B 494 -21.20 22.92 21.90
C LEU B 494 -20.05 23.89 22.07
N PRO B 495 -19.79 24.72 21.03
CA PRO B 495 -18.71 25.71 21.07
C PRO B 495 -19.00 26.76 22.13
N PRO B 496 -17.96 27.41 22.69
CA PRO B 496 -18.10 28.43 23.73
C PRO B 496 -19.47 29.08 23.90
N HIS B 497 -19.53 30.39 23.76
CA HIS B 497 -20.77 31.16 23.94
C HIS B 497 -21.92 30.72 23.04
N PHE B 498 -22.08 29.40 22.92
CA PHE B 498 -23.10 28.78 22.09
C PHE B 498 -24.45 29.44 22.25
N ASP B 499 -24.93 30.02 21.16
CA ASP B 499 -26.22 30.67 21.17
C ASP B 499 -27.26 29.86 20.37
N LYS B 500 -28.14 29.23 21.13
CA LYS B 500 -29.20 28.37 20.59
C LYS B 500 -30.01 28.95 19.43
N SER B 501 -29.87 30.25 19.19
CA SER B 501 -30.62 30.87 18.11
C SER B 501 -29.83 30.85 16.80
N LYS B 502 -28.51 31.00 16.88
CA LYS B 502 -27.68 30.98 15.68
C LYS B 502 -27.64 29.56 15.07
N LYS B 503 -26.96 29.41 13.93
CA LYS B 503 -26.83 28.11 13.28
C LYS B 503 -25.37 27.74 13.07
N TYR B 504 -25.00 26.58 13.59
CA TYR B 504 -23.62 26.11 13.48
C TYR B 504 -23.57 24.88 12.60
N PRO B 505 -22.37 24.57 12.07
CA PRO B 505 -22.15 23.40 11.22
C PRO B 505 -22.02 22.23 12.18
N LEU B 506 -22.47 21.05 11.76
CA LEU B 506 -22.44 19.87 12.62
C LEU B 506 -21.48 18.77 12.15
N LEU B 507 -20.83 18.11 13.11
CA LEU B 507 -19.92 17.02 12.82
C LEU B 507 -20.35 15.83 13.66
N ILE B 508 -20.87 14.78 13.02
CA ILE B 508 -21.24 13.60 13.78
C ILE B 508 -19.95 12.84 14.06
N ASP B 509 -19.82 12.31 15.27
CA ASP B 509 -18.66 11.52 15.65
C ASP B 509 -19.21 10.09 15.78
N VAL B 510 -18.49 9.09 15.25
CA VAL B 510 -19.00 7.72 15.32
C VAL B 510 -18.09 6.51 15.58
N TYR B 511 -18.70 5.52 16.22
CA TYR B 511 -18.15 4.19 16.47
C TYR B 511 -19.44 3.46 16.08
N ALA B 512 -20.38 3.35 17.01
CA ALA B 512 -21.68 2.73 16.72
C ALA B 512 -21.66 1.23 16.38
N GLY B 513 -20.63 0.55 16.87
CA GLY B 513 -20.50 -0.88 16.64
C GLY B 513 -21.22 -1.54 17.79
N PRO B 514 -21.46 -2.86 17.74
CA PRO B 514 -22.16 -3.53 18.84
C PRO B 514 -21.65 -3.22 20.26
N CYS B 515 -22.57 -2.79 21.11
CA CYS B 515 -22.29 -2.47 22.52
C CYS B 515 -21.31 -1.31 22.73
N SER B 516 -21.41 -0.31 21.87
CA SER B 516 -20.53 0.85 21.98
C SER B 516 -21.28 1.97 22.69
N GLN B 517 -20.55 2.94 23.23
CA GLN B 517 -21.19 4.06 23.91
C GLN B 517 -20.39 5.33 23.70
N LYS B 518 -20.83 6.15 22.75
CA LYS B 518 -20.16 7.41 22.43
C LYS B 518 -20.75 8.56 23.20
N ALA B 519 -21.93 8.36 23.77
CA ALA B 519 -22.61 9.40 24.54
C ALA B 519 -22.51 9.10 26.04
N ASP B 520 -21.57 9.74 26.72
CA ASP B 520 -21.43 9.51 28.16
C ASP B 520 -21.09 10.79 28.95
N ALA B 521 -20.97 10.64 30.26
CA ALA B 521 -20.67 11.76 31.15
C ALA B 521 -19.22 11.85 31.58
N ALA B 522 -18.31 11.52 30.67
CA ALA B 522 -16.89 11.58 30.99
C ALA B 522 -16.22 12.79 30.33
N PHE B 523 -15.40 13.50 31.11
CA PHE B 523 -14.67 14.69 30.67
C PHE B 523 -13.53 14.35 29.72
N ARG B 524 -13.37 15.16 28.68
CA ARG B 524 -12.32 14.91 27.71
C ARG B 524 -11.80 16.17 27.02
N LEU B 525 -10.54 16.11 26.60
CA LEU B 525 -9.89 17.21 25.89
C LEU B 525 -9.31 16.63 24.61
N ASN B 526 -10.13 16.49 23.58
CA ASN B 526 -9.66 15.93 22.32
C ASN B 526 -9.76 16.88 21.13
N TRP B 527 -9.75 16.32 19.94
CA TRP B 527 -9.84 17.09 18.71
C TRP B 527 -11.22 17.77 18.68
N ALA B 528 -12.24 17.09 19.22
CA ALA B 528 -13.59 17.64 19.23
C ALA B 528 -13.61 18.94 20.04
N THR B 529 -12.78 19.01 21.07
CA THR B 529 -12.73 20.22 21.89
C THR B 529 -12.24 21.38 21.02
N TYR B 530 -11.20 21.11 20.24
CA TYR B 530 -10.64 22.12 19.35
C TYR B 530 -11.71 22.59 18.39
N LEU B 531 -12.29 21.63 17.68
CA LEU B 531 -13.30 21.94 16.68
C LEU B 531 -14.40 22.88 17.16
N ALA B 532 -14.89 22.66 18.39
CA ALA B 532 -15.94 23.50 18.94
C ALA B 532 -15.39 24.84 19.42
N SER B 533 -14.30 24.79 20.19
CA SER B 533 -13.70 26.02 20.74
C SER B 533 -13.14 27.00 19.72
N THR B 534 -12.52 26.49 18.67
CA THR B 534 -11.92 27.38 17.68
C THR B 534 -12.58 27.40 16.32
N GLU B 535 -13.15 26.30 15.89
CA GLU B 535 -13.79 26.32 14.57
C GLU B 535 -15.28 26.61 14.67
N ASN B 536 -15.82 26.58 15.89
CA ASN B 536 -17.24 26.81 16.15
C ASN B 536 -18.08 25.72 15.55
N ILE B 537 -17.59 24.49 15.64
CA ILE B 537 -18.32 23.36 15.08
C ILE B 537 -18.89 22.55 16.22
N ILE B 538 -20.16 22.17 16.06
CA ILE B 538 -20.83 21.34 17.05
C ILE B 538 -20.51 19.89 16.72
N VAL B 539 -19.74 19.23 17.58
CA VAL B 539 -19.38 17.83 17.42
C VAL B 539 -20.37 17.00 18.24
N ALA B 540 -21.12 16.12 17.59
CA ALA B 540 -22.10 15.34 18.32
C ALA B 540 -22.04 13.84 18.08
N SER B 541 -22.33 13.06 19.12
CA SER B 541 -22.32 11.59 19.03
C SER B 541 -23.71 11.07 19.40
N PHE B 542 -24.09 9.90 18.87
CA PHE B 542 -25.40 9.32 19.16
C PHE B 542 -25.35 7.81 19.24
N ASP B 543 -25.78 7.27 20.38
CA ASP B 543 -25.80 5.82 20.60
C ASP B 543 -27.15 5.29 20.15
N GLY B 544 -27.19 4.73 18.94
CA GLY B 544 -28.43 4.21 18.41
C GLY B 544 -28.60 2.73 18.69
N ARG B 545 -29.32 2.05 17.80
CA ARG B 545 -29.53 0.64 18.00
C ARG B 545 -28.22 -0.12 17.89
N GLY B 546 -28.19 -1.29 18.52
CA GLY B 546 -27.00 -2.12 18.52
C GLY B 546 -26.00 -1.54 19.50
N SER B 547 -26.34 -0.41 20.12
CA SER B 547 -25.41 0.19 21.04
C SER B 547 -25.46 -0.20 22.52
N GLY B 548 -24.70 0.61 23.25
CA GLY B 548 -24.52 0.57 24.69
C GLY B 548 -25.09 -0.42 25.68
N TYR B 549 -25.10 0.04 26.93
CA TYR B 549 -25.55 -0.72 28.10
C TYR B 549 -26.98 -0.35 28.46
N GLN B 550 -27.91 -0.72 27.59
CA GLN B 550 -29.32 -0.42 27.79
C GLN B 550 -30.17 -1.65 27.50
N GLY B 551 -29.65 -2.82 27.83
CA GLY B 551 -30.38 -4.04 27.57
C GLY B 551 -30.13 -4.65 26.20
N ASP B 552 -30.39 -5.96 26.11
CA ASP B 552 -30.18 -6.70 24.88
C ASP B 552 -31.15 -6.32 23.77
N LYS B 553 -32.33 -5.85 24.12
CA LYS B 553 -33.28 -5.49 23.08
C LYS B 553 -32.60 -4.50 22.15
N ILE B 554 -31.95 -3.50 22.76
CA ILE B 554 -31.25 -2.46 22.03
C ILE B 554 -29.93 -2.91 21.41
N MET B 555 -29.12 -3.65 22.17
CA MET B 555 -27.83 -4.12 21.66
C MET B 555 -27.94 -5.21 20.58
N HIS B 556 -28.76 -6.23 20.81
CA HIS B 556 -28.92 -7.31 19.83
C HIS B 556 -29.71 -6.90 18.59
N ALA B 557 -30.37 -5.75 18.64
CA ALA B 557 -31.18 -5.31 17.50
C ALA B 557 -30.44 -5.37 16.18
N ILE B 558 -29.12 -5.37 16.27
CA ILE B 558 -28.24 -5.39 15.11
C ILE B 558 -27.80 -6.79 14.65
N ASN B 559 -27.96 -7.76 15.53
CA ASN B 559 -27.58 -9.15 15.28
C ASN B 559 -27.77 -9.66 13.85
N LYS B 560 -26.77 -10.37 13.34
CA LYS B 560 -26.81 -10.94 11.99
C LYS B 560 -26.92 -9.92 10.86
N ARG B 561 -26.97 -8.63 11.17
CA ARG B 561 -27.08 -7.64 10.11
C ARG B 561 -26.47 -6.28 10.42
N LEU B 562 -25.15 -6.23 10.43
CA LEU B 562 -24.42 -5.00 10.67
C LEU B 562 -24.62 -4.13 9.42
N GLY B 563 -24.29 -2.86 9.52
CA GLY B 563 -24.44 -1.95 8.39
C GLY B 563 -25.90 -1.67 8.06
N THR B 564 -26.77 -1.83 9.06
CA THR B 564 -28.21 -1.63 8.92
C THR B 564 -28.75 -0.55 9.86
N LEU B 565 -29.51 -0.99 10.87
CA LEU B 565 -30.12 -0.13 11.86
C LEU B 565 -29.19 0.92 12.47
N GLU B 566 -27.98 0.50 12.86
CA GLU B 566 -27.02 1.44 13.45
C GLU B 566 -26.60 2.55 12.50
N VAL B 567 -26.67 2.29 11.19
CA VAL B 567 -26.30 3.31 10.21
C VAL B 567 -27.48 4.27 10.08
N GLU B 568 -28.67 3.73 9.85
CA GLU B 568 -29.88 4.56 9.73
C GLU B 568 -30.09 5.46 10.96
N ASP B 569 -30.13 4.86 12.15
CA ASP B 569 -30.33 5.61 13.38
C ASP B 569 -29.35 6.76 13.49
N GLN B 570 -28.17 6.59 12.91
CA GLN B 570 -27.19 7.66 12.96
C GLN B 570 -27.68 8.82 12.09
N ILE B 571 -28.24 8.49 10.94
CA ILE B 571 -28.78 9.49 10.02
C ILE B 571 -29.99 10.16 10.68
N GLU B 572 -30.88 9.33 11.21
CA GLU B 572 -32.08 9.81 11.90
C GLU B 572 -31.68 10.88 12.92
N ALA B 573 -30.72 10.52 13.77
CA ALA B 573 -30.25 11.42 14.81
C ALA B 573 -29.84 12.75 14.20
N ALA B 574 -29.14 12.72 13.07
CA ALA B 574 -28.71 13.95 12.43
C ALA B 574 -29.97 14.76 12.14
N ARG B 575 -30.97 14.12 11.55
CA ARG B 575 -32.22 14.82 11.24
C ARG B 575 -32.76 15.46 12.50
N GLN B 576 -32.94 14.65 13.53
CA GLN B 576 -33.45 15.14 14.82
C GLN B 576 -32.69 16.38 15.28
N PHE B 577 -31.35 16.35 15.17
CA PHE B 577 -30.54 17.48 15.59
C PHE B 577 -30.90 18.73 14.78
N LEU B 578 -31.04 18.57 13.46
CA LEU B 578 -31.41 19.68 12.60
C LEU B 578 -32.72 20.28 13.09
N LYS B 579 -33.67 19.41 13.41
CA LYS B 579 -34.96 19.84 13.91
C LYS B 579 -34.80 20.63 15.21
N MET B 580 -33.65 20.47 15.88
CA MET B 580 -33.44 21.22 17.12
C MET B 580 -33.14 22.68 16.80
N GLY B 581 -33.15 23.03 15.51
CA GLY B 581 -32.92 24.40 15.08
C GLY B 581 -31.53 24.97 14.82
N PHE B 582 -30.66 24.96 15.83
CA PHE B 582 -29.32 25.54 15.75
C PHE B 582 -28.26 24.86 14.88
N VAL B 583 -28.72 24.07 13.91
CA VAL B 583 -27.80 23.37 13.02
C VAL B 583 -27.97 23.89 11.60
N ASP B 584 -26.86 24.24 10.97
CA ASP B 584 -26.84 24.73 9.59
C ASP B 584 -26.94 23.51 8.68
N SER B 585 -28.15 23.13 8.29
CA SER B 585 -28.32 21.95 7.45
C SER B 585 -27.39 21.91 6.23
N LYS B 586 -26.90 23.05 5.78
CA LYS B 586 -26.03 23.08 4.62
C LYS B 586 -24.56 22.79 4.95
N ARG B 587 -24.28 22.41 6.19
CA ARG B 587 -22.93 22.09 6.59
C ARG B 587 -22.87 21.05 7.73
N VAL B 588 -23.25 19.83 7.36
CA VAL B 588 -23.29 18.67 8.24
C VAL B 588 -22.28 17.62 7.74
N ALA B 589 -21.35 17.22 8.60
CA ALA B 589 -20.34 16.23 8.26
C ALA B 589 -20.40 15.06 9.24
N ILE B 590 -19.66 14.00 8.94
CA ILE B 590 -19.65 12.82 9.80
C ILE B 590 -18.33 12.07 9.59
N TRP B 591 -17.64 11.76 10.68
CA TRP B 591 -16.39 11.02 10.59
C TRP B 591 -16.35 9.86 11.58
N GLY B 592 -15.37 8.98 11.40
CA GLY B 592 -15.26 7.82 12.26
C GLY B 592 -14.03 7.02 11.95
N TRP B 593 -13.60 6.27 12.95
CA TRP B 593 -12.42 5.43 12.85
C TRP B 593 -12.93 4.01 12.98
N SER B 594 -12.14 3.04 12.54
CA SER B 594 -12.54 1.63 12.64
C SER B 594 -13.99 1.41 12.24
N TYR B 595 -14.79 0.89 13.17
CA TYR B 595 -16.20 0.62 12.89
C TYR B 595 -16.86 1.92 12.48
N GLY B 596 -16.42 3.01 13.09
CA GLY B 596 -16.97 4.32 12.79
C GLY B 596 -16.68 4.74 11.36
N GLY B 597 -15.53 4.32 10.85
CA GLY B 597 -15.19 4.65 9.48
C GLY B 597 -16.17 3.93 8.59
N TYR B 598 -16.48 2.69 8.98
CA TYR B 598 -17.42 1.86 8.24
C TYR B 598 -18.76 2.56 8.16
N VAL B 599 -19.29 2.95 9.32
CA VAL B 599 -20.58 3.62 9.35
C VAL B 599 -20.50 4.93 8.58
N THR B 600 -19.49 5.74 8.87
CA THR B 600 -19.32 6.99 8.16
C THR B 600 -19.44 6.75 6.66
N SER B 601 -18.74 5.72 6.17
CA SER B 601 -18.78 5.37 4.76
C SER B 601 -20.15 4.86 4.35
N MET B 602 -20.77 4.05 5.20
CA MET B 602 -22.10 3.51 4.90
C MET B 602 -23.15 4.64 4.83
N VAL B 603 -22.91 5.70 5.60
CA VAL B 603 -23.81 6.87 5.64
C VAL B 603 -23.57 7.74 4.42
N LEU B 604 -22.32 8.14 4.21
CA LEU B 604 -22.00 8.97 3.07
C LEU B 604 -22.48 8.33 1.80
N GLY B 605 -22.50 7.00 1.77
CA GLY B 605 -22.92 6.27 0.59
C GLY B 605 -24.36 5.84 0.56
N SER B 606 -25.13 6.34 1.51
CA SER B 606 -26.55 6.01 1.60
C SER B 606 -27.36 6.90 0.68
N GLY B 607 -26.75 8.01 0.25
CA GLY B 607 -27.43 8.96 -0.61
C GLY B 607 -28.65 9.58 0.08
N SER B 608 -28.59 9.72 1.40
CA SER B 608 -29.69 10.31 2.16
C SER B 608 -29.72 11.81 1.97
N GLY B 609 -28.65 12.36 1.38
CA GLY B 609 -28.58 13.79 1.16
C GLY B 609 -28.30 14.61 2.42
N VAL B 610 -28.52 14.01 3.58
CA VAL B 610 -28.31 14.70 4.86
C VAL B 610 -26.89 15.18 5.14
N PHE B 611 -25.87 14.51 4.58
CA PHE B 611 -24.47 14.91 4.82
C PHE B 611 -23.72 15.46 3.62
N LYS B 612 -22.82 16.40 3.91
CA LYS B 612 -22.04 17.07 2.89
C LYS B 612 -20.72 16.36 2.64
N CYS B 613 -20.00 16.08 3.72
CA CYS B 613 -18.73 15.43 3.60
C CYS B 613 -18.52 14.52 4.79
N GLY B 614 -17.45 13.73 4.74
CA GLY B 614 -17.16 12.83 5.82
C GLY B 614 -15.76 12.27 5.70
N ILE B 615 -15.24 11.75 6.81
CA ILE B 615 -13.93 11.15 6.88
C ILE B 615 -14.04 9.78 7.52
N ALA B 616 -13.35 8.81 6.93
CA ALA B 616 -13.32 7.44 7.45
C ALA B 616 -11.85 7.06 7.59
N VAL B 617 -11.42 6.74 8.80
CA VAL B 617 -10.03 6.33 9.04
C VAL B 617 -9.99 4.83 9.30
N ALA B 618 -9.20 4.12 8.51
CA ALA B 618 -9.04 2.67 8.61
C ALA B 618 -10.42 2.03 8.78
N PRO B 619 -11.28 2.21 7.78
CA PRO B 619 -12.61 1.63 7.89
C PRO B 619 -12.66 0.15 7.52
N VAL B 620 -13.82 -0.45 7.76
CA VAL B 620 -14.05 -1.82 7.39
C VAL B 620 -14.98 -1.63 6.21
N SER B 621 -14.71 -2.27 5.08
CA SER B 621 -15.56 -2.10 3.90
C SER B 621 -16.49 -3.27 3.64
N ARG B 622 -16.12 -4.44 4.12
CA ARG B 622 -16.99 -5.61 4.00
C ARG B 622 -16.50 -6.59 5.03
N TRP B 623 -17.43 -7.19 5.75
CA TRP B 623 -17.06 -8.08 6.83
C TRP B 623 -16.21 -9.32 6.59
N GLU B 624 -16.13 -9.82 5.37
CA GLU B 624 -15.28 -10.97 5.14
C GLU B 624 -13.83 -10.57 5.38
N TYR B 625 -13.54 -9.28 5.28
CA TYR B 625 -12.18 -8.79 5.48
C TYR B 625 -11.73 -8.73 6.93
N TYR B 626 -12.68 -8.59 7.84
CA TYR B 626 -12.31 -8.49 9.25
C TYR B 626 -12.16 -9.84 9.95
N ASP B 627 -11.51 -9.84 11.11
CA ASP B 627 -11.27 -11.09 11.84
C ASP B 627 -12.50 -11.88 12.28
N SER B 628 -12.29 -13.17 12.53
CA SER B 628 -13.36 -14.09 12.91
C SER B 628 -14.08 -13.84 14.23
N VAL B 629 -13.32 -13.85 15.33
CA VAL B 629 -13.92 -13.68 16.64
C VAL B 629 -14.84 -12.47 16.76
N TYR B 630 -14.43 -11.36 16.17
CA TYR B 630 -15.27 -10.16 16.24
C TYR B 630 -16.46 -10.24 15.28
N THR B 631 -16.14 -10.36 13.98
CA THR B 631 -17.16 -10.41 12.96
C THR B 631 -18.25 -11.45 13.24
N GLU B 632 -17.84 -12.71 13.29
CA GLU B 632 -18.77 -13.81 13.52
C GLU B 632 -19.66 -13.66 14.74
N ARG B 633 -19.14 -13.00 15.77
CA ARG B 633 -19.91 -12.79 16.99
C ARG B 633 -21.23 -12.09 16.72
N TYR B 634 -21.25 -11.28 15.66
CA TYR B 634 -22.44 -10.53 15.30
C TYR B 634 -22.98 -10.93 13.93
N MET B 635 -22.10 -11.47 13.08
CA MET B 635 -22.50 -11.83 11.73
C MET B 635 -22.63 -13.29 11.40
N GLY B 636 -22.22 -14.17 12.30
CA GLY B 636 -22.28 -15.59 12.01
C GLY B 636 -21.23 -15.92 10.96
N LEU B 637 -21.42 -17.04 10.27
CA LEU B 637 -20.46 -17.43 9.23
C LEU B 637 -20.88 -16.94 7.84
N PRO B 638 -19.90 -16.43 7.07
CA PRO B 638 -20.13 -15.91 5.72
C PRO B 638 -20.40 -17.02 4.71
N THR B 639 -21.26 -17.95 5.07
CA THR B 639 -21.57 -19.09 4.22
C THR B 639 -23.02 -19.07 3.80
N PRO B 640 -23.35 -19.69 2.66
CA PRO B 640 -24.74 -19.72 2.19
C PRO B 640 -25.65 -20.47 3.14
N GLU B 641 -25.06 -21.28 4.01
CA GLU B 641 -25.82 -22.06 4.97
C GLU B 641 -26.09 -21.22 6.22
N ASP B 642 -25.56 -20.01 6.24
CA ASP B 642 -25.77 -19.14 7.38
C ASP B 642 -26.14 -17.72 6.99
N ASN B 643 -25.17 -16.82 7.00
CA ASN B 643 -25.42 -15.41 6.72
C ASN B 643 -24.71 -14.77 5.52
N LEU B 644 -24.26 -15.57 4.55
CA LEU B 644 -23.55 -15.01 3.42
C LEU B 644 -24.23 -13.79 2.80
N ASP B 645 -25.53 -13.87 2.61
CA ASP B 645 -26.25 -12.76 2.01
C ASP B 645 -26.05 -11.45 2.74
N HIS B 646 -26.22 -11.43 4.06
CA HIS B 646 -26.04 -10.17 4.80
C HIS B 646 -24.60 -9.66 4.70
N TYR B 647 -23.64 -10.56 4.58
CA TYR B 647 -22.26 -10.12 4.46
C TYR B 647 -22.13 -9.35 3.15
N ARG B 648 -22.65 -9.94 2.10
CA ARG B 648 -22.56 -9.35 0.77
C ARG B 648 -23.41 -8.11 0.58
N ASN B 649 -24.52 -8.04 1.31
CA ASN B 649 -25.43 -6.91 1.22
C ASN B 649 -24.95 -5.67 1.99
N SER B 650 -24.11 -5.87 3.01
CA SER B 650 -23.62 -4.76 3.82
C SER B 650 -22.23 -4.26 3.43
N THR B 651 -21.96 -4.22 2.14
CA THR B 651 -20.68 -3.77 1.64
C THR B 651 -20.63 -2.26 1.45
N VAL B 652 -19.44 -1.67 1.56
CA VAL B 652 -19.32 -0.22 1.33
C VAL B 652 -19.15 0.01 -0.15
N MET B 653 -18.35 -0.84 -0.80
CA MET B 653 -18.14 -0.65 -2.22
C MET B 653 -19.40 -0.79 -3.03
N SER B 654 -20.44 -1.39 -2.46
CA SER B 654 -21.68 -1.52 -3.21
C SER B 654 -22.46 -0.20 -3.29
N ARG B 655 -22.01 0.80 -2.55
CA ARG B 655 -22.67 2.10 -2.53
C ARG B 655 -21.83 3.20 -3.21
N ALA B 656 -20.80 2.78 -3.92
CA ALA B 656 -19.88 3.70 -4.61
C ALA B 656 -20.60 4.85 -5.33
N GLU B 657 -21.63 4.49 -6.09
CA GLU B 657 -22.40 5.49 -6.82
C GLU B 657 -22.88 6.66 -5.98
N ASN B 658 -23.50 6.38 -4.83
CA ASN B 658 -24.01 7.46 -4.00
C ASN B 658 -22.96 8.45 -3.50
N PHE B 659 -21.68 8.10 -3.59
CA PHE B 659 -20.62 8.99 -3.14
C PHE B 659 -20.40 10.21 -4.05
N LYS B 660 -21.06 10.25 -5.21
CA LYS B 660 -20.88 11.38 -6.12
C LYS B 660 -21.47 12.63 -5.50
N GLN B 661 -22.40 12.42 -4.57
CA GLN B 661 -23.06 13.52 -3.88
C GLN B 661 -22.35 13.83 -2.57
N VAL B 662 -21.04 13.61 -2.52
CA VAL B 662 -20.33 13.82 -1.27
C VAL B 662 -18.83 13.99 -1.44
N GLU B 663 -18.20 14.74 -0.55
CA GLU B 663 -16.75 14.89 -0.56
C GLU B 663 -16.34 13.83 0.45
N TYR B 664 -15.36 13.01 0.10
CA TYR B 664 -14.96 11.95 0.99
C TYR B 664 -13.45 11.90 1.16
N LEU B 665 -13.01 11.73 2.40
CA LEU B 665 -11.59 11.61 2.71
C LEU B 665 -11.38 10.24 3.35
N LEU B 666 -10.61 9.39 2.68
CA LEU B 666 -10.31 8.05 3.14
C LEU B 666 -8.85 7.98 3.58
N ILE B 667 -8.62 7.69 4.85
CA ILE B 667 -7.27 7.61 5.40
C ILE B 667 -6.97 6.19 5.88
N HIS B 668 -5.74 5.73 5.69
CA HIS B 668 -5.39 4.39 6.15
C HIS B 668 -3.91 4.18 6.38
N GLY B 669 -3.61 3.40 7.42
CA GLY B 669 -2.22 3.12 7.75
C GLY B 669 -1.68 2.00 6.91
N THR B 670 -0.41 2.12 6.55
CA THR B 670 0.26 1.13 5.73
C THR B 670 0.56 -0.18 6.45
N ALA B 671 0.85 -0.12 7.75
CA ALA B 671 1.17 -1.31 8.52
C ALA B 671 0.04 -1.71 9.46
N ASP B 672 -1.19 -1.45 9.04
CA ASP B 672 -2.36 -1.77 9.83
C ASP B 672 -2.65 -3.28 9.84
N ASP B 673 -2.36 -3.93 10.96
CA ASP B 673 -2.57 -5.35 11.11
C ASP B 673 -3.97 -5.67 11.62
N ASN B 674 -4.73 -4.66 12.05
CA ASN B 674 -6.09 -4.92 12.52
C ASN B 674 -7.07 -4.83 11.36
N VAL B 675 -7.21 -3.64 10.78
CA VAL B 675 -8.07 -3.45 9.63
C VAL B 675 -7.04 -3.30 8.51
N HIS B 676 -6.95 -4.34 7.69
CA HIS B 676 -5.95 -4.47 6.65
C HIS B 676 -5.62 -3.56 5.48
N PHE B 677 -6.20 -2.37 5.35
CA PHE B 677 -5.84 -1.51 4.21
C PHE B 677 -6.45 -2.11 2.97
N GLN B 678 -6.44 -3.43 2.92
CA GLN B 678 -7.06 -4.15 1.83
C GLN B 678 -8.46 -3.54 1.77
N GLN B 679 -8.99 -3.23 2.96
CA GLN B 679 -10.31 -2.66 3.11
C GLN B 679 -10.47 -1.30 2.43
N SER B 680 -9.55 -0.38 2.69
CA SER B 680 -9.63 0.93 2.05
C SER B 680 -9.32 0.77 0.56
N ALA B 681 -8.33 -0.06 0.26
CA ALA B 681 -7.92 -0.32 -1.12
C ALA B 681 -9.07 -0.85 -1.95
N GLN B 682 -9.93 -1.64 -1.31
CA GLN B 682 -11.07 -2.20 -2.00
C GLN B 682 -12.14 -1.10 -2.23
N ILE B 683 -12.21 -0.14 -1.30
CA ILE B 683 -13.15 0.97 -1.40
C ILE B 683 -12.71 1.92 -2.49
N SER B 684 -11.44 2.33 -2.45
CA SER B 684 -10.94 3.26 -3.45
C SER B 684 -11.16 2.70 -4.84
N LYS B 685 -10.86 1.42 -5.00
CA LYS B 685 -11.04 0.77 -6.30
C LYS B 685 -12.51 0.86 -6.77
N ALA B 686 -13.45 0.66 -5.86
CA ALA B 686 -14.87 0.72 -6.19
C ALA B 686 -15.29 2.13 -6.64
N LEU B 687 -14.76 3.15 -5.96
CA LEU B 687 -15.07 4.52 -6.30
C LEU B 687 -14.43 4.90 -7.65
N VAL B 688 -13.23 4.38 -7.92
CA VAL B 688 -12.55 4.66 -9.16
C VAL B 688 -13.32 4.05 -10.32
N ASP B 689 -13.86 2.84 -10.10
CA ASP B 689 -14.64 2.17 -11.12
C ASP B 689 -15.95 2.90 -11.32
N ALA B 690 -16.43 3.55 -10.28
CA ALA B 690 -17.70 4.27 -10.32
C ALA B 690 -17.58 5.67 -10.87
N GLY B 691 -16.35 6.11 -11.13
CA GLY B 691 -16.14 7.45 -11.64
C GLY B 691 -16.47 8.50 -10.61
N VAL B 692 -16.09 8.27 -9.36
CA VAL B 692 -16.34 9.21 -8.28
C VAL B 692 -15.03 9.74 -7.74
N ASP B 693 -14.85 11.05 -7.76
CA ASP B 693 -13.64 11.63 -7.24
C ASP B 693 -13.74 11.67 -5.74
N PHE B 694 -12.62 11.56 -5.05
CA PHE B 694 -12.57 11.59 -3.60
C PHE B 694 -11.13 11.87 -3.18
N GLN B 695 -10.91 12.09 -1.89
CA GLN B 695 -9.56 12.36 -1.39
C GLN B 695 -9.06 11.16 -0.58
N ALA B 696 -7.78 10.88 -0.68
CA ALA B 696 -7.20 9.76 0.06
C ALA B 696 -5.90 10.17 0.74
N MET B 697 -5.44 9.32 1.65
CA MET B 697 -4.22 9.58 2.39
C MET B 697 -3.80 8.30 3.08
N TRP B 698 -2.59 7.85 2.76
CA TRP B 698 -2.03 6.65 3.35
C TRP B 698 -0.95 7.10 4.33
N TYR B 699 -0.73 6.31 5.38
CA TYR B 699 0.32 6.66 6.34
C TYR B 699 1.37 5.55 6.40
N THR B 700 2.51 5.82 5.76
CA THR B 700 3.61 4.87 5.69
C THR B 700 4.03 4.27 7.01
N ASP B 701 4.00 2.95 7.09
CA ASP B 701 4.41 2.24 8.29
C ASP B 701 3.61 2.56 9.55
N GLU B 702 2.44 3.14 9.39
CA GLU B 702 1.62 3.46 10.55
C GLU B 702 0.70 2.32 10.89
N ASP B 703 0.42 2.25 12.19
CA ASP B 703 -0.43 1.25 12.80
C ASP B 703 -1.91 1.42 12.50
N HIS B 704 -2.74 0.68 13.23
CA HIS B 704 -4.18 0.81 13.05
C HIS B 704 -4.57 2.05 13.84
N GLY B 705 -3.66 2.51 14.69
CA GLY B 705 -3.93 3.70 15.48
C GLY B 705 -3.30 4.95 14.90
N ILE B 706 -2.41 4.80 13.92
CA ILE B 706 -1.74 5.96 13.33
C ILE B 706 -1.46 6.87 14.52
N ALA B 707 -0.83 6.30 15.53
CA ALA B 707 -0.54 7.02 16.75
C ALA B 707 0.89 7.49 16.97
N SER B 708 1.77 7.27 16.01
CA SER B 708 3.14 7.73 16.20
C SER B 708 3.07 9.27 16.23
N SER B 709 3.86 9.88 17.09
CA SER B 709 3.85 11.33 17.25
C SER B 709 3.60 12.16 15.97
N THR B 710 4.53 12.11 15.02
CA THR B 710 4.36 12.88 13.78
C THR B 710 3.12 12.50 12.98
N ALA B 711 2.84 11.21 12.87
CA ALA B 711 1.67 10.77 12.13
C ALA B 711 0.40 11.31 12.80
N HIS B 712 0.31 11.10 14.11
CA HIS B 712 -0.83 11.56 14.87
C HIS B 712 -1.13 13.05 14.62
N GLN B 713 -0.08 13.86 14.60
CA GLN B 713 -0.24 15.28 14.39
C GLN B 713 -0.65 15.57 12.94
N HIS B 714 -0.01 14.87 12.02
CA HIS B 714 -0.27 15.05 10.60
C HIS B 714 -1.70 14.72 10.19
N ILE B 715 -2.19 13.58 10.68
CA ILE B 715 -3.53 13.14 10.35
C ILE B 715 -4.65 14.05 10.88
N TYR B 716 -4.44 14.67 12.03
CA TYR B 716 -5.48 15.55 12.56
C TYR B 716 -5.41 16.90 11.87
N SER B 717 -4.19 17.29 11.48
CA SER B 717 -4.03 18.55 10.79
C SER B 717 -4.71 18.37 9.43
N HIS B 718 -4.44 17.24 8.79
CA HIS B 718 -5.01 16.96 7.49
C HIS B 718 -6.52 16.87 7.52
N MET B 719 -7.08 16.30 8.58
CA MET B 719 -8.53 16.20 8.66
C MET B 719 -9.14 17.57 8.94
N SER B 720 -8.46 18.34 9.78
CA SER B 720 -8.93 19.66 10.11
C SER B 720 -9.09 20.47 8.83
N HIS B 721 -8.05 20.47 8.00
CA HIS B 721 -8.11 21.20 6.75
C HIS B 721 -9.20 20.67 5.84
N PHE B 722 -9.51 19.39 5.95
CA PHE B 722 -10.55 18.80 5.10
C PHE B 722 -11.91 19.39 5.43
N LEU B 723 -12.16 19.52 6.72
CA LEU B 723 -13.41 20.08 7.24
C LEU B 723 -13.48 21.58 6.96
N GLN B 724 -12.35 22.26 7.16
CA GLN B 724 -12.31 23.69 6.93
C GLN B 724 -12.66 23.95 5.46
N GLN B 725 -12.11 23.16 4.55
CA GLN B 725 -12.42 23.31 3.14
C GLN B 725 -13.89 22.98 2.98
N CYS B 726 -14.31 21.81 3.48
CA CYS B 726 -15.71 21.39 3.35
C CYS B 726 -16.76 22.36 3.93
N PHE B 727 -16.48 22.94 5.09
CA PHE B 727 -17.42 23.87 5.72
C PHE B 727 -17.20 25.33 5.26
N SER B 728 -16.38 25.50 4.22
CA SER B 728 -16.08 26.83 3.69
C SER B 728 -15.42 27.72 4.73
N LEU B 729 -14.80 27.13 5.75
CA LEU B 729 -14.12 27.93 6.78
C LEU B 729 -12.75 28.28 6.23
N ARG B 730 -11.71 27.86 6.97
CA ARG B 730 -10.30 28.14 6.62
C ARG B 730 -10.15 29.34 5.72
C4 LIR C . 8.81 8.20 -19.46
C7 LIR C . 11.52 5.70 -19.56
N12 LIR C . 12.41 4.64 -19.92
C13 LIR C . 11.93 3.36 -19.39
C15 LIR C . 13.13 2.14 -21.22
C17 LIR C . 12.74 4.62 -21.36
C20 LIR C . 12.39 6.12 -16.01
C21 LIR C . 13.12 6.95 -15.15
C22 LIR C . 12.85 6.97 -13.76
C24 LIR C . 11.06 5.33 -14.07
C26 LIR C . 10.52 4.44 -16.24
C1 LIR C . 10.07 8.50 -17.62
C2 LIR C . 10.61 7.39 -18.39
C3 LIR C . 9.89 7.22 -19.46
N5 LIR C . 8.98 8.92 -18.32
N6 LIR C . 11.68 6.39 -18.42
N8 LIR C . 10.43 6.11 -20.27
O9 LIR C . 10.49 8.94 -16.55
O10 LIR C . 7.94 8.33 -20.30
C11 LIR C . 8.12 10.03 -17.92
C14 LIR C . 12.87 2.22 -19.70
C16 LIR C . 13.74 3.48 -21.68
N18 LIR C . 12.26 1.02 -19.13
C19 LIR C . 12.76 6.14 -17.46
C23 LIR C . 11.81 6.17 -13.23
C25 LIR C . 11.33 5.31 -15.44
N27 LIR C . 9.82 3.83 -16.94
#